data_2RNE
#
_entry.id   2RNE
#
_entity_poly.entity_id   1
_entity_poly.type   'polypeptide(L)'
_entity_poly.pdbx_seq_one_letter_code
;GSSGSSGQKKDTSNHFHVFVGDLSPEITTEDIKAAFAPFGRISDARVVKDMATGKSKGYGFVSFFNKWDAENAIQQMGGQ
WLGGRQIRTNWATRKPPAPKSTYESNTKQSGPSSG
;
_entity_poly.pdbx_strand_id   A
#
# COMPACT_ATOMS: atom_id res chain seq x y z
N GLY A 1 24.99 22.56 4.11
CA GLY A 1 24.72 21.13 4.28
C GLY A 1 24.22 20.53 2.99
N SER A 2 24.14 19.20 2.92
CA SER A 2 23.67 18.49 1.74
C SER A 2 22.21 18.86 1.45
N SER A 3 21.93 19.29 0.23
CA SER A 3 20.61 19.69 -0.24
C SER A 3 19.69 18.47 -0.38
N GLY A 4 18.43 18.69 -0.77
CA GLY A 4 17.42 17.66 -0.97
C GLY A 4 16.45 17.71 0.20
N SER A 5 15.27 18.30 0.00
CA SER A 5 14.24 18.41 1.04
C SER A 5 13.48 17.08 1.15
N SER A 6 12.84 16.81 2.30
CA SER A 6 12.10 15.58 2.54
C SER A 6 10.89 15.44 1.59
N GLY A 7 10.05 16.47 1.49
CA GLY A 7 8.89 16.42 0.63
C GLY A 7 8.25 17.78 0.43
N GLN A 8 8.67 18.50 -0.62
CA GLN A 8 8.17 19.83 -0.96
C GLN A 8 6.87 19.77 -1.79
N LYS A 9 6.31 18.60 -2.11
CA LYS A 9 5.08 18.45 -2.89
C LYS A 9 3.99 17.92 -1.97
N LYS A 10 2.84 18.60 -1.92
CA LYS A 10 1.74 18.13 -1.06
C LYS A 10 1.20 16.79 -1.56
N ASP A 11 1.29 16.54 -2.86
CA ASP A 11 0.81 15.32 -3.51
C ASP A 11 1.75 14.16 -3.30
N THR A 12 1.20 12.97 -3.09
CA THR A 12 1.92 11.72 -2.87
C THR A 12 2.08 11.03 -4.23
N SER A 13 3.01 11.50 -5.06
CA SER A 13 3.27 10.96 -6.39
C SER A 13 4.59 10.22 -6.49
N ASN A 14 5.68 10.76 -5.91
CA ASN A 14 7.01 10.13 -5.93
C ASN A 14 7.16 9.21 -4.72
N HIS A 15 6.07 8.73 -4.11
CA HIS A 15 6.10 7.86 -2.95
C HIS A 15 5.56 6.48 -3.30
N PHE A 16 5.92 5.50 -2.47
CA PHE A 16 5.57 4.09 -2.59
C PHE A 16 4.51 3.78 -1.54
N HIS A 17 3.26 3.69 -1.99
CA HIS A 17 2.13 3.44 -1.12
C HIS A 17 1.90 1.94 -0.95
N VAL A 18 1.45 1.54 0.24
CA VAL A 18 1.18 0.18 0.65
C VAL A 18 -0.21 0.06 1.25
N PHE A 19 -0.90 -1.01 0.90
CA PHE A 19 -2.21 -1.39 1.38
C PHE A 19 -2.00 -2.19 2.65
N VAL A 20 -2.88 -2.01 3.63
CA VAL A 20 -2.84 -2.70 4.91
C VAL A 20 -4.28 -3.09 5.26
N GLY A 21 -4.53 -4.29 5.76
CA GLY A 21 -5.86 -4.78 6.14
C GLY A 21 -5.79 -5.70 7.34
N ASP A 22 -6.92 -6.29 7.71
CA ASP A 22 -7.11 -7.21 8.86
C ASP A 22 -6.88 -6.52 10.21
N LEU A 23 -6.72 -5.19 10.22
CA LEU A 23 -6.46 -4.38 11.42
C LEU A 23 -7.54 -4.60 12.47
N SER A 24 -7.16 -4.50 13.75
CA SER A 24 -8.10 -4.66 14.84
C SER A 24 -9.03 -3.42 14.85
N PRO A 25 -10.20 -3.50 15.53
CA PRO A 25 -11.15 -2.39 15.58
C PRO A 25 -10.65 -1.16 16.35
N GLU A 26 -9.60 -1.27 17.17
CA GLU A 26 -9.06 -0.14 17.92
C GLU A 26 -7.80 0.44 17.27
N ILE A 27 -7.17 -0.29 16.33
CA ILE A 27 -5.94 0.12 15.65
C ILE A 27 -6.18 1.46 14.96
N THR A 28 -5.46 2.48 15.44
CA THR A 28 -5.54 3.84 14.94
C THR A 28 -4.43 4.11 13.91
N THR A 29 -4.39 5.32 13.37
CA THR A 29 -3.41 5.73 12.38
C THR A 29 -2.00 5.73 13.00
N GLU A 30 -1.91 6.00 14.30
CA GLU A 30 -0.66 6.03 15.05
C GLU A 30 -0.13 4.61 15.25
N ASP A 31 -1.01 3.61 15.34
CA ASP A 31 -0.63 2.21 15.51
C ASP A 31 0.10 1.79 14.24
N ILE A 32 -0.51 2.10 13.09
CA ILE A 32 0.04 1.79 11.79
C ILE A 32 1.38 2.52 11.64
N LYS A 33 1.44 3.83 11.88
CA LYS A 33 2.69 4.57 11.75
C LYS A 33 3.79 3.99 12.61
N ALA A 34 3.47 3.53 13.81
CA ALA A 34 4.45 2.93 14.70
C ALA A 34 4.93 1.59 14.13
N ALA A 35 3.99 0.73 13.71
CA ALA A 35 4.26 -0.58 13.16
C ALA A 35 5.15 -0.56 11.93
N PHE A 36 4.89 0.36 11.00
CA PHE A 36 5.67 0.47 9.78
C PHE A 36 6.89 1.39 9.94
N ALA A 37 7.05 2.08 11.07
CA ALA A 37 8.18 2.98 11.32
C ALA A 37 9.54 2.28 11.18
N PRO A 38 9.79 1.10 11.81
CA PRO A 38 11.07 0.43 11.69
C PRO A 38 11.38 -0.08 10.28
N PHE A 39 10.42 0.01 9.36
CA PHE A 39 10.59 -0.43 7.98
C PHE A 39 10.91 0.77 7.10
N GLY A 40 10.60 2.00 7.51
CA GLY A 40 10.90 3.14 6.70
C GLY A 40 10.26 4.43 7.17
N ARG A 41 10.64 5.49 6.48
CA ARG A 41 10.16 6.84 6.72
C ARG A 41 8.81 6.96 6.04
N ILE A 42 7.79 7.28 6.82
CA ILE A 42 6.41 7.42 6.36
C ILE A 42 6.10 8.91 6.19
N SER A 43 5.15 9.25 5.32
CA SER A 43 4.70 10.63 5.09
C SER A 43 3.17 10.59 5.17
N ASP A 44 2.51 9.85 4.30
CA ASP A 44 1.05 9.69 4.30
C ASP A 44 0.71 8.36 4.96
N ALA A 45 -0.25 8.34 5.88
CA ALA A 45 -0.69 7.15 6.59
C ALA A 45 -2.05 7.40 7.21
N ARG A 46 -3.01 6.48 7.08
CA ARG A 46 -4.34 6.62 7.67
C ARG A 46 -5.08 5.31 7.76
N VAL A 47 -6.13 5.30 8.58
CA VAL A 47 -7.02 4.17 8.80
C VAL A 47 -8.29 4.54 8.04
N VAL A 48 -8.68 3.72 7.07
CA VAL A 48 -9.88 3.92 6.30
C VAL A 48 -11.04 3.78 7.29
N LYS A 49 -12.06 4.61 7.18
CA LYS A 49 -13.24 4.56 8.04
C LYS A 49 -14.46 4.65 7.15
N ASP A 50 -15.51 3.98 7.59
CA ASP A 50 -16.79 3.89 6.90
C ASP A 50 -17.39 5.27 6.73
N MET A 51 -17.82 5.65 5.54
CA MET A 51 -18.41 6.97 5.33
C MET A 51 -19.83 7.09 5.86
N ALA A 52 -20.49 6.00 6.28
CA ALA A 52 -21.86 6.06 6.79
C ALA A 52 -21.92 6.13 8.31
N THR A 53 -20.89 5.66 9.03
CA THR A 53 -20.87 5.66 10.49
C THR A 53 -19.60 6.28 11.07
N GLY A 54 -18.54 6.40 10.26
CA GLY A 54 -17.27 6.98 10.65
C GLY A 54 -16.41 6.04 11.51
N LYS A 55 -16.69 4.74 11.50
CA LYS A 55 -15.96 3.74 12.29
C LYS A 55 -14.96 3.01 11.40
N SER A 56 -13.99 2.32 11.99
CA SER A 56 -12.94 1.58 11.29
C SER A 56 -13.45 0.71 10.14
N LYS A 57 -12.89 0.90 8.94
CA LYS A 57 -13.27 0.11 7.77
C LYS A 57 -12.60 -1.26 7.81
N GLY A 58 -11.49 -1.42 8.53
CA GLY A 58 -10.71 -2.64 8.66
C GLY A 58 -9.36 -2.51 7.97
N TYR A 59 -9.30 -1.70 6.89
CA TYR A 59 -8.09 -1.44 6.12
C TYR A 59 -7.49 -0.07 6.44
N GLY A 60 -6.28 0.16 5.96
CA GLY A 60 -5.50 1.37 6.10
C GLY A 60 -4.50 1.44 4.95
N PHE A 61 -3.80 2.56 4.83
CA PHE A 61 -2.81 2.79 3.79
C PHE A 61 -1.62 3.51 4.42
N VAL A 62 -0.43 3.29 3.89
CA VAL A 62 0.84 3.88 4.30
C VAL A 62 1.56 4.29 3.02
N SER A 63 2.47 5.25 3.06
CA SER A 63 3.22 5.73 1.91
C SER A 63 4.63 6.11 2.38
N PHE A 64 5.63 5.42 1.84
CA PHE A 64 7.04 5.61 2.15
C PHE A 64 7.72 6.47 1.08
N PHE A 65 8.78 7.19 1.47
CA PHE A 65 9.48 8.06 0.52
C PHE A 65 10.35 7.23 -0.45
N ASN A 66 10.76 6.01 -0.07
CA ASN A 66 11.60 5.14 -0.88
C ASN A 66 10.94 3.77 -1.05
N LYS A 67 11.23 3.10 -2.17
CA LYS A 67 10.67 1.80 -2.52
C LYS A 67 11.07 0.68 -1.57
N TRP A 68 12.36 0.58 -1.29
CA TRP A 68 12.99 -0.43 -0.45
C TRP A 68 12.32 -0.59 0.91
N ASP A 69 11.77 0.50 1.43
CA ASP A 69 11.09 0.55 2.71
C ASP A 69 9.78 -0.22 2.60
N ALA A 70 8.96 0.18 1.61
CA ALA A 70 7.66 -0.40 1.29
C ALA A 70 7.79 -1.88 0.95
N GLU A 71 8.73 -2.24 0.07
CA GLU A 71 8.99 -3.60 -0.35
C GLU A 71 9.28 -4.47 0.89
N ASN A 72 10.18 -4.00 1.74
CA ASN A 72 10.56 -4.71 2.96
C ASN A 72 9.34 -5.03 3.81
N ALA A 73 8.52 -4.02 4.08
CA ALA A 73 7.31 -4.09 4.87
C ALA A 73 6.30 -5.04 4.25
N ILE A 74 5.90 -4.89 2.98
CA ILE A 74 4.94 -5.75 2.32
C ILE A 74 5.25 -7.23 2.59
N GLN A 75 6.51 -7.63 2.37
CA GLN A 75 6.96 -8.99 2.54
C GLN A 75 6.91 -9.44 4.01
N GLN A 76 7.64 -8.74 4.88
CA GLN A 76 7.74 -9.06 6.29
C GLN A 76 6.44 -8.88 7.05
N MET A 77 5.87 -7.67 7.04
CA MET A 77 4.63 -7.36 7.77
C MET A 77 3.43 -8.22 7.38
N GLY A 78 3.38 -8.71 6.15
CA GLY A 78 2.32 -9.55 5.61
C GLY A 78 2.41 -10.95 6.20
N GLY A 79 1.94 -11.06 7.45
CA GLY A 79 1.93 -12.26 8.27
C GLY A 79 2.21 -11.96 9.75
N GLN A 80 2.64 -10.72 10.08
CA GLN A 80 2.90 -10.31 11.45
C GLN A 80 1.58 -9.97 12.15
N TRP A 81 1.61 -9.87 13.47
CA TRP A 81 0.45 -9.56 14.29
C TRP A 81 0.58 -8.14 14.82
N LEU A 82 -0.48 -7.34 14.73
CA LEU A 82 -0.57 -5.95 15.18
C LEU A 82 -1.82 -5.86 16.05
N GLY A 83 -1.71 -5.29 17.25
CA GLY A 83 -2.86 -5.14 18.13
C GLY A 83 -3.42 -6.47 18.64
N GLY A 84 -2.71 -7.58 18.49
CA GLY A 84 -3.20 -8.87 18.92
C GLY A 84 -3.87 -9.66 17.80
N ARG A 85 -3.94 -9.12 16.58
CA ARG A 85 -4.55 -9.81 15.44
C ARG A 85 -3.62 -9.70 14.25
N GLN A 86 -3.73 -10.61 13.29
CA GLN A 86 -2.89 -10.53 12.10
C GLN A 86 -3.31 -9.31 11.26
N ILE A 87 -2.55 -9.06 10.20
CA ILE A 87 -2.73 -7.99 9.23
C ILE A 87 -2.37 -8.53 7.84
N ARG A 88 -2.84 -7.88 6.78
CA ARG A 88 -2.55 -8.27 5.39
C ARG A 88 -1.91 -7.07 4.72
N THR A 89 -0.90 -7.26 3.86
CA THR A 89 -0.19 -6.18 3.16
C THR A 89 0.11 -6.54 1.71
N ASN A 90 0.14 -5.53 0.83
CA ASN A 90 0.43 -5.63 -0.60
C ASN A 90 0.52 -4.22 -1.19
N TRP A 91 0.81 -4.13 -2.49
CA TRP A 91 0.91 -2.86 -3.19
C TRP A 91 -0.49 -2.25 -3.35
N ALA A 92 -0.64 -1.00 -2.90
CA ALA A 92 -1.90 -0.27 -2.96
C ALA A 92 -2.43 -0.11 -4.39
N THR A 93 -1.56 0.10 -5.38
CA THR A 93 -1.92 0.27 -6.78
C THR A 93 -0.80 -0.28 -7.67
N ARG A 94 -1.12 -0.96 -8.76
CA ARG A 94 -0.17 -1.54 -9.73
C ARG A 94 -0.73 -1.35 -11.15
N LYS A 95 -0.03 -1.85 -12.17
CA LYS A 95 -0.42 -1.75 -13.57
C LYS A 95 -0.12 -3.10 -14.24
N PRO A 96 -1.03 -3.65 -15.06
CA PRO A 96 -0.83 -4.93 -15.73
C PRO A 96 0.23 -4.85 -16.84
N PRO A 97 0.98 -5.94 -17.09
CA PRO A 97 2.00 -5.98 -18.12
C PRO A 97 1.40 -6.07 -19.53
N ALA A 98 2.24 -5.84 -20.54
CA ALA A 98 1.83 -5.92 -21.95
C ALA A 98 1.76 -7.40 -22.35
N PRO A 99 0.99 -7.77 -23.38
CA PRO A 99 0.86 -9.16 -23.81
C PRO A 99 2.14 -9.68 -24.47
N LYS A 100 2.52 -9.13 -25.64
CA LYS A 100 3.70 -9.54 -26.38
C LYS A 100 4.24 -8.36 -27.20
N SER A 101 5.41 -8.50 -27.80
CA SER A 101 6.03 -7.49 -28.63
C SER A 101 6.62 -8.15 -29.88
N THR A 102 6.70 -7.38 -30.96
CA THR A 102 7.24 -7.75 -32.26
C THR A 102 7.82 -6.50 -32.91
N TYR A 103 8.30 -6.59 -34.15
CA TYR A 103 8.87 -5.47 -34.89
C TYR A 103 8.35 -5.56 -36.32
N GLU A 104 8.37 -4.44 -37.05
CA GLU A 104 7.89 -4.39 -38.42
C GLU A 104 8.64 -3.28 -39.18
N SER A 105 8.37 -3.17 -40.49
CA SER A 105 8.96 -2.19 -41.40
C SER A 105 7.95 -1.72 -42.46
N ASN A 106 6.68 -2.13 -42.31
CA ASN A 106 5.56 -1.83 -43.19
C ASN A 106 5.36 -0.34 -43.48
N THR A 107 5.56 0.52 -42.47
CA THR A 107 5.41 1.96 -42.52
C THR A 107 6.49 2.67 -43.37
N LYS A 108 6.64 2.30 -44.65
CA LYS A 108 7.62 2.91 -45.55
C LYS A 108 6.93 4.07 -46.29
N GLN A 109 7.75 4.95 -46.85
CA GLN A 109 7.38 6.14 -47.59
C GLN A 109 8.49 6.48 -48.58
N SER A 110 8.28 7.49 -49.41
CA SER A 110 9.24 7.97 -50.40
C SER A 110 9.21 9.51 -50.34
N GLY A 111 8.23 10.15 -50.98
CA GLY A 111 8.08 11.60 -50.99
C GLY A 111 8.94 12.29 -52.05
N PRO A 112 8.69 12.07 -53.35
CA PRO A 112 9.44 12.71 -54.43
C PRO A 112 9.05 14.19 -54.48
N SER A 113 9.75 15.03 -53.72
CA SER A 113 9.50 16.45 -53.62
C SER A 113 10.80 17.17 -53.21
N SER A 114 10.81 18.50 -53.28
CA SER A 114 11.93 19.36 -52.94
C SER A 114 11.37 20.73 -52.55
N GLY A 115 12.26 21.65 -52.18
CA GLY A 115 12.01 23.02 -51.77
C GLY A 115 13.37 23.70 -51.66
N GLY A 1 -5.08 29.28 -4.68
CA GLY A 1 -3.69 29.25 -4.19
C GLY A 1 -3.33 30.61 -3.60
N SER A 2 -2.93 30.67 -2.33
CA SER A 2 -2.57 31.90 -1.64
C SER A 2 -1.36 32.60 -2.27
N SER A 3 -1.10 33.84 -1.87
CA SER A 3 0.01 34.66 -2.34
C SER A 3 1.33 33.95 -2.05
N GLY A 4 2.20 33.81 -3.06
CA GLY A 4 3.48 33.13 -2.90
C GLY A 4 3.28 31.63 -2.87
N SER A 5 4.32 30.87 -2.54
CA SER A 5 4.27 29.41 -2.46
C SER A 5 5.12 29.02 -1.25
N SER A 6 4.59 28.15 -0.41
CA SER A 6 5.13 27.61 0.84
C SER A 6 6.52 26.95 0.79
N GLY A 7 7.21 26.89 -0.35
CA GLY A 7 8.53 26.28 -0.45
C GLY A 7 8.43 24.81 -0.87
N GLN A 8 9.43 24.04 -0.47
CA GLN A 8 9.61 22.61 -0.74
C GLN A 8 8.39 21.77 -0.37
N LYS A 9 7.50 21.56 -1.33
CA LYS A 9 6.28 20.78 -1.15
C LYS A 9 6.11 19.74 -2.26
N LYS A 10 5.28 18.73 -2.00
CA LYS A 10 4.93 17.62 -2.88
C LYS A 10 3.68 16.96 -2.28
N ASP A 11 2.97 16.17 -3.07
CA ASP A 11 1.77 15.45 -2.65
C ASP A 11 1.89 14.03 -3.19
N THR A 12 2.77 13.25 -2.57
CA THR A 12 3.08 11.85 -2.88
C THR A 12 3.36 11.54 -4.38
N SER A 13 3.69 12.56 -5.17
CA SER A 13 3.95 12.53 -6.61
C SER A 13 4.93 11.47 -7.13
N ASN A 14 5.85 10.96 -6.31
CA ASN A 14 6.81 9.92 -6.70
C ASN A 14 6.88 8.83 -5.62
N HIS A 15 5.94 8.84 -4.68
CA HIS A 15 5.86 7.87 -3.60
C HIS A 15 5.01 6.69 -4.04
N PHE A 16 5.06 5.61 -3.27
CA PHE A 16 4.32 4.37 -3.46
C PHE A 16 3.34 4.28 -2.28
N HIS A 17 2.29 3.48 -2.37
CA HIS A 17 1.32 3.34 -1.29
C HIS A 17 1.08 1.85 -1.10
N VAL A 18 1.09 1.44 0.16
CA VAL A 18 0.92 0.09 0.62
C VAL A 18 -0.46 -0.07 1.25
N PHE A 19 -1.16 -1.15 0.87
CA PHE A 19 -2.46 -1.54 1.39
C PHE A 19 -2.22 -2.33 2.66
N VAL A 20 -3.00 -2.06 3.69
CA VAL A 20 -2.91 -2.72 4.98
C VAL A 20 -4.34 -3.11 5.33
N GLY A 21 -4.58 -4.36 5.77
CA GLY A 21 -5.89 -4.85 6.13
C GLY A 21 -5.80 -5.85 7.28
N ASP A 22 -6.93 -6.46 7.62
CA ASP A 22 -7.16 -7.45 8.69
C ASP A 22 -6.88 -6.86 10.08
N LEU A 23 -6.72 -5.54 10.17
CA LEU A 23 -6.44 -4.79 11.40
C LEU A 23 -7.54 -5.00 12.44
N SER A 24 -7.17 -5.09 13.73
CA SER A 24 -8.16 -5.23 14.80
C SER A 24 -9.05 -3.97 14.68
N PRO A 25 -10.37 -4.02 14.92
CA PRO A 25 -11.25 -2.84 14.79
C PRO A 25 -10.91 -1.64 15.69
N GLU A 26 -9.93 -1.80 16.58
CA GLU A 26 -9.43 -0.82 17.52
C GLU A 26 -8.13 -0.16 17.04
N ILE A 27 -7.44 -0.71 16.03
CA ILE A 27 -6.18 -0.16 15.52
C ILE A 27 -6.39 1.28 15.06
N THR A 28 -5.46 2.14 15.42
CA THR A 28 -5.48 3.55 15.08
C THR A 28 -4.41 3.83 14.03
N THR A 29 -4.45 5.02 13.45
CA THR A 29 -3.51 5.49 12.44
C THR A 29 -2.09 5.51 13.03
N GLU A 30 -2.01 5.72 14.34
CA GLU A 30 -0.77 5.78 15.09
C GLU A 30 -0.17 4.37 15.17
N ASP A 31 -1.01 3.35 15.37
CA ASP A 31 -0.57 1.95 15.46
C ASP A 31 0.11 1.56 14.16
N ILE A 32 -0.52 1.89 13.02
CA ILE A 32 0.08 1.56 11.73
C ILE A 32 1.42 2.29 11.63
N LYS A 33 1.49 3.60 11.92
CA LYS A 33 2.78 4.30 11.84
C LYS A 33 3.82 3.62 12.72
N ALA A 34 3.52 3.30 13.97
CA ALA A 34 4.43 2.64 14.89
C ALA A 34 4.90 1.28 14.39
N ALA A 35 4.03 0.54 13.70
CA ALA A 35 4.30 -0.77 13.16
C ALA A 35 5.19 -0.77 11.92
N PHE A 36 4.94 0.13 10.96
CA PHE A 36 5.70 0.23 9.72
C PHE A 36 6.94 1.11 9.86
N ALA A 37 7.08 1.83 10.97
CA ALA A 37 8.18 2.74 11.29
C ALA A 37 9.57 2.10 11.22
N PRO A 38 9.82 0.93 11.86
CA PRO A 38 11.13 0.31 11.80
C PRO A 38 11.52 -0.16 10.39
N PHE A 39 10.63 -0.04 9.39
CA PHE A 39 10.93 -0.46 8.02
C PHE A 39 11.33 0.71 7.11
N GLY A 40 11.21 1.97 7.53
CA GLY A 40 11.57 3.12 6.73
C GLY A 40 10.77 4.34 7.17
N ARG A 41 11.19 5.53 6.74
CA ARG A 41 10.49 6.76 7.08
C ARG A 41 9.20 6.87 6.29
N ILE A 42 8.08 6.86 6.99
CA ILE A 42 6.75 6.98 6.42
C ILE A 42 6.53 8.46 6.07
N SER A 43 5.67 8.71 5.10
CA SER A 43 5.29 10.03 4.62
C SER A 43 3.81 10.24 4.99
N ASP A 44 2.94 9.56 4.27
CA ASP A 44 1.48 9.57 4.43
C ASP A 44 1.07 8.28 5.16
N ALA A 45 0.08 8.32 6.06
CA ALA A 45 -0.39 7.16 6.80
C ALA A 45 -1.79 7.43 7.37
N ARG A 46 -2.77 6.59 7.07
CA ARG A 46 -4.13 6.74 7.57
C ARG A 46 -4.86 5.42 7.64
N VAL A 47 -5.97 5.42 8.38
CA VAL A 47 -6.87 4.30 8.59
C VAL A 47 -8.17 4.64 7.87
N VAL A 48 -8.59 3.80 6.92
CA VAL A 48 -9.83 4.00 6.19
C VAL A 48 -10.96 3.89 7.21
N LYS A 49 -11.96 4.76 7.08
CA LYS A 49 -13.12 4.75 7.96
C LYS A 49 -14.35 4.90 7.10
N ASP A 50 -15.46 4.39 7.60
CA ASP A 50 -16.75 4.39 6.96
C ASP A 50 -17.19 5.83 6.73
N MET A 51 -17.35 6.25 5.47
CA MET A 51 -17.75 7.62 5.16
C MET A 51 -19.15 7.97 5.66
N ALA A 52 -19.94 7.00 6.16
CA ALA A 52 -21.27 7.23 6.67
C ALA A 52 -21.34 7.32 8.20
N THR A 53 -20.30 6.88 8.93
CA THR A 53 -20.30 6.92 10.40
C THR A 53 -18.98 7.38 11.01
N GLY A 54 -17.87 7.11 10.33
CA GLY A 54 -16.52 7.44 10.77
C GLY A 54 -15.86 6.29 11.54
N LYS A 55 -16.49 5.11 11.57
CA LYS A 55 -15.96 3.93 12.27
C LYS A 55 -14.90 3.27 11.40
N SER A 56 -13.98 2.54 12.02
CA SER A 56 -12.91 1.84 11.34
C SER A 56 -13.43 0.86 10.28
N LYS A 57 -12.98 1.02 9.04
CA LYS A 57 -13.38 0.15 7.93
C LYS A 57 -12.67 -1.20 7.98
N GLY A 58 -11.52 -1.26 8.65
CA GLY A 58 -10.68 -2.43 8.85
C GLY A 58 -9.35 -2.32 8.12
N TYR A 59 -9.29 -1.55 7.05
CA TYR A 59 -8.09 -1.32 6.26
C TYR A 59 -7.45 0.05 6.53
N GLY A 60 -6.23 0.23 6.04
CA GLY A 60 -5.43 1.44 6.15
C GLY A 60 -4.43 1.48 5.00
N PHE A 61 -3.65 2.56 4.93
CA PHE A 61 -2.63 2.77 3.91
C PHE A 61 -1.37 3.36 4.52
N VAL A 62 -0.22 3.15 3.88
CA VAL A 62 1.08 3.63 4.30
C VAL A 62 1.88 4.02 3.05
N SER A 63 2.36 5.26 3.03
CA SER A 63 3.18 5.80 1.96
C SER A 63 4.56 6.02 2.58
N PHE A 64 5.60 5.76 1.81
CA PHE A 64 6.99 5.93 2.23
C PHE A 64 7.67 6.86 1.23
N PHE A 65 8.81 7.42 1.60
CA PHE A 65 9.58 8.30 0.73
C PHE A 65 10.28 7.49 -0.38
N ASN A 66 10.47 6.17 -0.21
CA ASN A 66 11.14 5.30 -1.20
C ASN A 66 10.33 4.04 -1.47
N LYS A 67 10.73 3.30 -2.51
CA LYS A 67 10.09 2.05 -2.93
C LYS A 67 10.51 0.90 -2.02
N TRP A 68 11.81 0.72 -1.84
CA TRP A 68 12.44 -0.32 -1.04
C TRP A 68 11.82 -0.39 0.34
N ASP A 69 11.70 0.76 0.99
CA ASP A 69 11.13 0.86 2.34
C ASP A 69 9.74 0.20 2.38
N ALA A 70 8.92 0.47 1.36
CA ALA A 70 7.58 -0.05 1.19
C ALA A 70 7.63 -1.58 0.96
N GLU A 71 8.36 -2.03 -0.06
CA GLU A 71 8.52 -3.44 -0.43
C GLU A 71 8.95 -4.28 0.78
N ASN A 72 9.96 -3.80 1.49
CA ASN A 72 10.56 -4.43 2.65
C ASN A 72 9.46 -4.76 3.68
N ALA A 73 8.56 -3.80 3.96
CA ALA A 73 7.45 -3.95 4.88
C ALA A 73 6.39 -4.88 4.29
N ILE A 74 6.02 -4.77 3.01
CA ILE A 74 5.02 -5.65 2.39
C ILE A 74 5.38 -7.11 2.71
N GLN A 75 6.66 -7.47 2.58
CA GLN A 75 7.11 -8.82 2.85
C GLN A 75 7.04 -9.17 4.34
N GLN A 76 7.94 -8.56 5.15
CA GLN A 76 8.08 -8.81 6.58
C GLN A 76 6.85 -8.49 7.43
N MET A 77 6.15 -7.36 7.23
CA MET A 77 4.96 -7.10 8.03
C MET A 77 3.81 -8.03 7.65
N GLY A 78 3.79 -8.58 6.44
CA GLY A 78 2.74 -9.48 6.00
C GLY A 78 2.65 -10.72 6.87
N GLY A 79 1.55 -10.88 7.62
CA GLY A 79 1.33 -12.02 8.50
C GLY A 79 1.63 -11.72 9.96
N GLN A 80 2.28 -10.59 10.27
CA GLN A 80 2.57 -10.23 11.64
C GLN A 80 1.27 -9.80 12.33
N TRP A 81 1.34 -9.66 13.65
CA TRP A 81 0.21 -9.23 14.47
C TRP A 81 0.49 -7.78 14.86
N LEU A 82 -0.53 -6.93 14.81
CA LEU A 82 -0.51 -5.52 15.15
C LEU A 82 -1.60 -5.34 16.18
N GLY A 83 -1.27 -4.74 17.32
CA GLY A 83 -2.21 -4.53 18.40
C GLY A 83 -2.61 -5.92 18.87
N GLY A 84 -3.79 -6.41 18.45
CA GLY A 84 -4.30 -7.71 18.83
C GLY A 84 -4.71 -8.63 17.67
N ARG A 85 -4.39 -8.33 16.40
CA ARG A 85 -4.77 -9.20 15.26
C ARG A 85 -3.72 -9.22 14.15
N GLN A 86 -3.74 -10.27 13.31
CA GLN A 86 -2.82 -10.40 12.20
C GLN A 86 -3.22 -9.39 11.12
N ILE A 87 -2.26 -8.97 10.30
CA ILE A 87 -2.49 -7.98 9.25
C ILE A 87 -2.10 -8.54 7.87
N ARG A 88 -2.74 -8.04 6.81
CA ARG A 88 -2.48 -8.43 5.41
C ARG A 88 -1.86 -7.25 4.70
N THR A 89 -0.71 -7.46 4.05
CA THR A 89 0.04 -6.44 3.33
C THR A 89 0.07 -6.70 1.82
N ASN A 90 -0.02 -5.66 1.00
CA ASN A 90 0.04 -5.70 -0.47
C ASN A 90 0.22 -4.26 -0.96
N TRP A 91 0.35 -4.06 -2.27
CA TRP A 91 0.45 -2.72 -2.82
C TRP A 91 -0.96 -2.14 -2.84
N ALA A 92 -1.11 -0.82 -2.76
CA ALA A 92 -2.42 -0.16 -2.78
C ALA A 92 -2.98 -0.01 -4.20
N THR A 93 -2.30 -0.55 -5.21
CA THR A 93 -2.68 -0.48 -6.62
C THR A 93 -2.33 -1.81 -7.32
N ARG A 94 -2.98 -2.08 -8.45
CA ARG A 94 -2.81 -3.29 -9.28
C ARG A 94 -3.61 -3.14 -10.57
N LYS A 95 -3.32 -3.98 -11.56
CA LYS A 95 -4.02 -3.99 -12.84
C LYS A 95 -5.30 -4.82 -12.65
N PRO A 96 -6.44 -4.44 -13.24
CA PRO A 96 -7.67 -5.22 -13.11
C PRO A 96 -7.51 -6.57 -13.86
N PRO A 97 -8.31 -7.60 -13.54
CA PRO A 97 -8.24 -8.92 -14.17
C PRO A 97 -8.84 -8.91 -15.58
N ALA A 98 -8.69 -10.00 -16.33
CA ALA A 98 -9.24 -10.12 -17.69
C ALA A 98 -10.73 -10.49 -17.61
N PRO A 99 -11.58 -10.04 -18.55
CA PRO A 99 -13.00 -10.37 -18.56
C PRO A 99 -13.13 -11.85 -18.92
N LYS A 100 -13.35 -12.74 -17.96
CA LYS A 100 -13.44 -14.17 -18.24
C LYS A 100 -14.15 -14.93 -17.13
N SER A 101 -14.68 -16.11 -17.45
CA SER A 101 -15.36 -17.05 -16.58
C SER A 101 -15.36 -18.43 -17.27
N THR A 102 -15.98 -19.45 -16.66
CA THR A 102 -16.16 -20.86 -17.06
C THR A 102 -16.50 -21.65 -15.78
N TYR A 103 -16.83 -22.93 -15.95
CA TYR A 103 -17.19 -23.92 -14.93
C TYR A 103 -17.09 -25.32 -15.56
N GLU A 104 -17.54 -26.35 -14.84
CA GLU A 104 -17.56 -27.76 -15.22
C GLU A 104 -18.53 -28.46 -14.26
N SER A 105 -19.18 -29.55 -14.66
CA SER A 105 -20.12 -30.27 -13.82
C SER A 105 -20.20 -31.75 -14.23
N ASN A 106 -19.16 -32.53 -13.95
CA ASN A 106 -19.12 -33.96 -14.30
C ASN A 106 -19.98 -34.77 -13.34
N THR A 107 -21.30 -34.79 -13.53
CA THR A 107 -22.23 -35.53 -12.69
C THR A 107 -21.90 -37.04 -12.74
N LYS A 108 -21.64 -37.54 -13.96
CA LYS A 108 -21.29 -38.93 -14.27
C LYS A 108 -22.19 -40.00 -13.64
N GLN A 109 -23.42 -39.65 -13.25
CA GLN A 109 -24.40 -40.55 -12.65
C GLN A 109 -25.77 -40.14 -13.18
N SER A 110 -26.67 -41.11 -13.37
CA SER A 110 -28.03 -40.89 -13.84
C SER A 110 -28.88 -40.35 -12.68
N GLY A 111 -28.77 -40.98 -11.52
CA GLY A 111 -29.46 -40.66 -10.29
C GLY A 111 -29.17 -41.74 -9.25
N PRO A 112 -29.63 -41.58 -8.00
CA PRO A 112 -29.42 -42.54 -6.92
C PRO A 112 -30.35 -43.75 -7.10
N SER A 113 -30.08 -44.81 -6.33
CA SER A 113 -30.84 -46.05 -6.32
C SER A 113 -30.79 -46.61 -4.90
N SER A 114 -31.93 -46.72 -4.24
CA SER A 114 -32.02 -47.24 -2.87
C SER A 114 -33.40 -47.89 -2.72
N GLY A 115 -33.48 -49.18 -3.01
CA GLY A 115 -34.65 -50.03 -2.94
C GLY A 115 -34.25 -51.39 -3.48
N GLY A 1 19.08 8.13 -4.95
CA GLY A 1 19.35 9.39 -5.67
C GLY A 1 20.28 10.26 -4.85
N SER A 2 21.16 11.00 -5.54
CA SER A 2 22.10 11.90 -4.86
C SER A 2 21.39 13.10 -4.23
N SER A 3 20.21 13.47 -4.72
CA SER A 3 19.45 14.61 -4.23
C SER A 3 17.95 14.38 -4.31
N GLY A 4 17.20 15.35 -3.80
CA GLY A 4 15.75 15.44 -3.77
C GLY A 4 15.36 16.73 -4.50
N SER A 5 14.09 17.09 -4.48
CA SER A 5 13.57 18.29 -5.12
C SER A 5 12.41 18.79 -4.26
N SER A 6 12.29 20.10 -4.06
CA SER A 6 11.26 20.73 -3.24
C SER A 6 10.15 21.36 -4.09
N GLY A 7 9.03 21.68 -3.44
CA GLY A 7 7.87 22.28 -4.07
C GLY A 7 6.72 22.29 -3.07
N GLN A 8 5.65 21.55 -3.40
CA GLN A 8 4.49 21.47 -2.53
C GLN A 8 4.88 20.69 -1.27
N LYS A 9 4.16 20.94 -0.18
CA LYS A 9 4.39 20.27 1.09
C LYS A 9 3.35 19.14 1.13
N LYS A 10 3.66 18.06 1.84
CA LYS A 10 2.81 16.88 1.97
C LYS A 10 2.49 16.17 0.63
N ASP A 11 3.02 16.63 -0.50
CA ASP A 11 2.81 16.05 -1.83
C ASP A 11 3.19 14.57 -1.80
N THR A 12 2.32 13.70 -2.30
CA THR A 12 2.54 12.26 -2.35
C THR A 12 2.73 11.75 -3.78
N SER A 13 2.65 12.63 -4.79
CA SER A 13 2.79 12.31 -6.22
C SER A 13 4.17 11.77 -6.63
N ASN A 14 5.13 11.73 -5.71
CA ASN A 14 6.51 11.25 -5.90
C ASN A 14 6.83 10.12 -4.91
N HIS A 15 5.85 9.63 -4.15
CA HIS A 15 6.02 8.57 -3.16
C HIS A 15 5.37 7.28 -3.60
N PHE A 16 5.50 6.23 -2.79
CA PHE A 16 4.98 4.90 -3.01
C PHE A 16 3.92 4.67 -1.96
N HIS A 17 2.77 4.05 -2.27
CA HIS A 17 1.70 3.79 -1.30
C HIS A 17 1.46 2.28 -1.15
N VAL A 18 1.16 1.82 0.05
CA VAL A 18 0.91 0.43 0.45
C VAL A 18 -0.47 0.31 1.09
N PHE A 19 -1.04 -0.89 1.01
CA PHE A 19 -2.30 -1.36 1.56
C PHE A 19 -2.01 -2.22 2.78
N VAL A 20 -2.84 -2.09 3.80
CA VAL A 20 -2.80 -2.84 5.05
C VAL A 20 -4.25 -3.27 5.29
N GLY A 21 -4.50 -4.49 5.77
CA GLY A 21 -5.85 -4.98 6.03
C GLY A 21 -5.88 -5.93 7.21
N ASP A 22 -7.09 -6.41 7.53
CA ASP A 22 -7.45 -7.35 8.61
C ASP A 22 -7.34 -6.76 10.03
N LEU A 23 -6.90 -5.51 10.12
CA LEU A 23 -6.69 -4.74 11.34
C LEU A 23 -7.86 -4.80 12.33
N SER A 24 -7.51 -4.91 13.62
CA SER A 24 -8.50 -4.93 14.68
C SER A 24 -9.19 -3.55 14.61
N PRO A 25 -10.50 -3.42 14.95
CA PRO A 25 -11.19 -2.13 14.89
C PRO A 25 -10.59 -1.06 15.81
N GLU A 26 -9.81 -1.46 16.80
CA GLU A 26 -9.16 -0.57 17.75
C GLU A 26 -7.94 0.15 17.16
N ILE A 27 -7.30 -0.43 16.13
CA ILE A 27 -6.11 0.09 15.47
C ILE A 27 -6.38 1.47 14.92
N THR A 28 -5.56 2.42 15.32
CA THR A 28 -5.66 3.82 14.90
C THR A 28 -4.51 4.12 13.92
N THR A 29 -4.50 5.33 13.36
CA THR A 29 -3.49 5.75 12.40
C THR A 29 -2.07 5.64 13.00
N GLU A 30 -1.95 5.87 14.30
CA GLU A 30 -0.71 5.84 15.07
C GLU A 30 -0.14 4.43 15.18
N ASP A 31 -1.00 3.43 15.44
CA ASP A 31 -0.63 2.02 15.56
C ASP A 31 0.15 1.58 14.33
N ILE A 32 -0.45 1.85 13.17
CA ILE A 32 0.12 1.51 11.88
C ILE A 32 1.47 2.23 11.72
N LYS A 33 1.51 3.55 11.91
CA LYS A 33 2.76 4.30 11.78
C LYS A 33 3.87 3.68 12.60
N ALA A 34 3.60 3.31 13.85
CA ALA A 34 4.59 2.71 14.73
C ALA A 34 5.05 1.36 14.17
N ALA A 35 4.10 0.51 13.77
CA ALA A 35 4.36 -0.82 13.25
C ALA A 35 5.28 -0.83 12.02
N PHE A 36 5.02 0.05 11.05
CA PHE A 36 5.78 0.16 9.82
C PHE A 36 7.02 1.08 9.94
N ALA A 37 7.21 1.75 11.09
CA ALA A 37 8.31 2.67 11.35
C ALA A 37 9.71 2.05 11.21
N PRO A 38 10.00 0.87 11.79
CA PRO A 38 11.32 0.28 11.66
C PRO A 38 11.63 -0.16 10.23
N PHE A 39 10.68 -0.07 9.29
CA PHE A 39 10.93 -0.49 7.91
C PHE A 39 11.28 0.70 7.03
N GLY A 40 10.97 1.93 7.45
CA GLY A 40 11.28 3.12 6.69
C GLY A 40 10.49 4.33 7.17
N ARG A 41 10.88 5.50 6.70
CA ARG A 41 10.19 6.73 7.03
C ARG A 41 8.89 6.77 6.26
N ILE A 42 7.82 7.06 6.98
CA ILE A 42 6.48 7.15 6.44
C ILE A 42 6.20 8.64 6.25
N SER A 43 5.31 8.97 5.33
CA SER A 43 4.90 10.33 5.04
C SER A 43 3.41 10.39 5.39
N ASP A 44 2.58 9.78 4.55
CA ASP A 44 1.14 9.69 4.69
C ASP A 44 0.76 8.32 5.22
N ALA A 45 -0.21 8.21 6.12
CA ALA A 45 -0.68 6.96 6.70
C ALA A 45 -2.01 7.22 7.39
N ARG A 46 -3.01 6.35 7.21
CA ARG A 46 -4.31 6.48 7.86
C ARG A 46 -5.08 5.16 7.80
N VAL A 47 -6.10 5.03 8.64
CA VAL A 47 -6.97 3.87 8.72
C VAL A 47 -8.27 4.25 8.01
N VAL A 48 -8.69 3.49 7.00
CA VAL A 48 -9.92 3.74 6.29
C VAL A 48 -11.06 3.56 7.29
N LYS A 49 -12.04 4.45 7.24
CA LYS A 49 -13.22 4.45 8.10
C LYS A 49 -14.44 4.64 7.21
N ASP A 50 -15.56 4.10 7.68
CA ASP A 50 -16.85 4.13 7.01
C ASP A 50 -17.29 5.57 6.80
N MET A 51 -17.56 5.97 5.57
CA MET A 51 -18.00 7.32 5.23
C MET A 51 -19.37 7.68 5.86
N ALA A 52 -20.13 6.72 6.41
CA ALA A 52 -21.43 6.95 7.03
C ALA A 52 -21.41 6.96 8.55
N THR A 53 -20.31 6.55 9.20
CA THR A 53 -20.28 6.51 10.66
C THR A 53 -18.94 6.91 11.29
N GLY A 54 -17.85 6.76 10.53
CA GLY A 54 -16.50 7.07 10.98
C GLY A 54 -15.89 5.88 11.73
N LYS A 55 -16.52 4.69 11.68
CA LYS A 55 -16.06 3.49 12.35
C LYS A 55 -15.00 2.85 11.46
N SER A 56 -13.96 2.24 12.05
CA SER A 56 -12.89 1.63 11.28
C SER A 56 -13.38 0.60 10.28
N LYS A 57 -13.00 0.78 9.01
CA LYS A 57 -13.36 -0.19 7.98
C LYS A 57 -12.52 -1.46 8.19
N GLY A 58 -11.36 -1.37 8.84
CA GLY A 58 -10.46 -2.48 9.10
C GLY A 58 -9.22 -2.45 8.20
N TYR A 59 -9.25 -1.71 7.08
CA TYR A 59 -8.09 -1.58 6.21
C TYR A 59 -7.44 -0.22 6.43
N GLY A 60 -6.18 -0.05 6.01
CA GLY A 60 -5.42 1.19 6.14
C GLY A 60 -4.43 1.33 4.99
N PHE A 61 -3.74 2.46 4.96
CA PHE A 61 -2.75 2.82 3.96
C PHE A 61 -1.52 3.38 4.65
N VAL A 62 -0.35 3.24 4.01
CA VAL A 62 0.95 3.71 4.46
C VAL A 62 1.72 4.11 3.20
N SER A 63 2.34 5.30 3.18
CA SER A 63 3.12 5.79 2.05
C SER A 63 4.53 6.10 2.51
N PHE A 64 5.52 5.62 1.75
CA PHE A 64 6.94 5.78 2.02
C PHE A 64 7.62 6.60 0.93
N PHE A 65 8.74 7.22 1.29
CA PHE A 65 9.56 8.04 0.42
C PHE A 65 10.33 7.22 -0.62
N ASN A 66 10.61 5.93 -0.37
CA ASN A 66 11.35 5.06 -1.27
C ASN A 66 10.62 3.76 -1.47
N LYS A 67 10.88 3.10 -2.60
CA LYS A 67 10.27 1.81 -2.91
C LYS A 67 10.76 0.75 -1.94
N TRP A 68 12.07 0.68 -1.73
CA TRP A 68 12.74 -0.28 -0.85
C TRP A 68 12.09 -0.37 0.53
N ASP A 69 11.87 0.79 1.15
CA ASP A 69 11.26 0.94 2.46
C ASP A 69 9.91 0.20 2.51
N ALA A 70 9.08 0.44 1.51
CA ALA A 70 7.77 -0.15 1.36
C ALA A 70 7.84 -1.66 1.08
N GLU A 71 8.67 -2.05 0.11
CA GLU A 71 8.89 -3.44 -0.32
C GLU A 71 9.21 -4.31 0.89
N ASN A 72 10.15 -3.86 1.72
CA ASN A 72 10.60 -4.55 2.91
C ASN A 72 9.42 -4.88 3.81
N ALA A 73 8.60 -3.88 4.13
CA ALA A 73 7.43 -4.02 4.97
C ALA A 73 6.38 -4.94 4.32
N ILE A 74 6.04 -4.82 3.02
CA ILE A 74 5.05 -5.69 2.38
C ILE A 74 5.41 -7.16 2.65
N GLN A 75 6.67 -7.53 2.44
CA GLN A 75 7.16 -8.88 2.64
C GLN A 75 7.13 -9.33 4.11
N GLN A 76 7.86 -8.60 4.96
CA GLN A 76 8.06 -8.84 6.38
C GLN A 76 6.82 -8.64 7.27
N MET A 77 6.10 -7.52 7.12
CA MET A 77 4.90 -7.24 7.92
C MET A 77 3.71 -8.09 7.47
N GLY A 78 3.72 -8.57 6.23
CA GLY A 78 2.67 -9.39 5.65
C GLY A 78 2.52 -10.69 6.41
N GLY A 79 1.56 -10.75 7.33
CA GLY A 79 1.27 -11.93 8.14
C GLY A 79 1.55 -11.73 9.62
N GLN A 80 2.15 -10.61 10.02
CA GLN A 80 2.44 -10.30 11.41
C GLN A 80 1.17 -9.90 12.14
N TRP A 81 1.26 -9.70 13.45
CA TRP A 81 0.16 -9.27 14.30
C TRP A 81 0.49 -7.82 14.71
N LEU A 82 -0.55 -7.01 14.86
CA LEU A 82 -0.51 -5.61 15.25
C LEU A 82 -1.65 -5.39 16.21
N GLY A 83 -1.37 -4.80 17.36
CA GLY A 83 -2.33 -4.47 18.41
C GLY A 83 -3.27 -5.62 18.77
N GLY A 84 -2.82 -6.88 18.69
CA GLY A 84 -3.60 -8.05 19.05
C GLY A 84 -4.20 -8.87 17.90
N ARG A 85 -4.08 -8.50 16.61
CA ARG A 85 -4.63 -9.32 15.51
C ARG A 85 -3.71 -9.27 14.32
N GLN A 86 -3.82 -10.29 13.46
CA GLN A 86 -3.01 -10.38 12.26
C GLN A 86 -3.35 -9.25 11.30
N ILE A 87 -2.44 -8.99 10.37
CA ILE A 87 -2.56 -7.98 9.35
C ILE A 87 -2.05 -8.55 8.02
N ARG A 88 -2.53 -7.99 6.92
CA ARG A 88 -2.14 -8.39 5.56
C ARG A 88 -1.57 -7.14 4.89
N THR A 89 -0.70 -7.31 3.90
CA THR A 89 -0.04 -6.22 3.19
C THR A 89 -0.02 -6.51 1.69
N ASN A 90 0.06 -5.45 0.87
CA ASN A 90 0.13 -5.55 -0.59
C ASN A 90 0.31 -4.14 -1.17
N TRP A 91 0.70 -4.04 -2.43
CA TRP A 91 0.86 -2.77 -3.12
C TRP A 91 -0.55 -2.25 -3.41
N ALA A 92 -0.87 -1.04 -2.91
CA ALA A 92 -2.17 -0.43 -3.11
C ALA A 92 -2.33 -0.18 -4.60
N THR A 93 -3.21 -0.95 -5.25
CA THR A 93 -3.49 -0.91 -6.67
C THR A 93 -4.99 -1.09 -6.89
N ARG A 94 -5.50 -0.68 -8.04
CA ARG A 94 -6.91 -0.77 -8.45
C ARG A 94 -6.97 -0.63 -9.97
N LYS A 95 -8.14 -0.42 -10.55
CA LYS A 95 -8.34 -0.23 -11.99
C LYS A 95 -9.36 0.87 -12.21
N PRO A 96 -9.35 1.50 -13.40
CA PRO A 96 -10.28 2.56 -13.72
C PRO A 96 -11.68 1.96 -13.92
N PRO A 97 -12.74 2.70 -13.59
CA PRO A 97 -14.11 2.22 -13.77
C PRO A 97 -14.49 2.28 -15.26
N ALA A 98 -15.59 1.63 -15.62
CA ALA A 98 -16.09 1.58 -16.99
C ALA A 98 -17.63 1.75 -16.97
N PRO A 99 -18.25 2.25 -18.04
CA PRO A 99 -19.70 2.46 -18.11
C PRO A 99 -20.49 1.16 -18.29
N LYS A 100 -21.81 1.27 -18.35
CA LYS A 100 -22.73 0.15 -18.55
C LYS A 100 -23.02 0.03 -20.04
N SER A 101 -23.04 -1.18 -20.58
CA SER A 101 -23.32 -1.42 -21.99
C SER A 101 -24.84 -1.52 -22.23
N THR A 102 -25.25 -1.79 -23.47
CA THR A 102 -26.66 -1.92 -23.86
C THR A 102 -26.78 -2.97 -24.97
N TYR A 103 -27.98 -3.50 -25.21
CA TYR A 103 -28.31 -4.48 -26.24
C TYR A 103 -29.83 -4.65 -26.27
N GLU A 104 -30.35 -5.20 -27.37
CA GLU A 104 -31.75 -5.50 -27.66
C GLU A 104 -31.70 -6.33 -28.95
N SER A 105 -32.54 -7.36 -29.07
CA SER A 105 -32.66 -8.27 -30.21
C SER A 105 -33.97 -9.09 -30.15
N ASN A 106 -35.05 -8.58 -29.54
CA ASN A 106 -36.30 -9.34 -29.47
C ASN A 106 -36.82 -9.65 -30.88
N THR A 107 -37.36 -10.86 -31.05
CA THR A 107 -37.92 -11.35 -32.30
C THR A 107 -38.71 -12.63 -31.99
N LYS A 108 -39.46 -13.17 -32.96
CA LYS A 108 -40.23 -14.39 -32.77
C LYS A 108 -40.44 -15.07 -34.12
N GLN A 109 -40.56 -16.40 -34.08
CA GLN A 109 -40.81 -17.31 -35.19
C GLN A 109 -41.72 -18.42 -34.62
N SER A 110 -42.13 -19.37 -35.48
CA SER A 110 -42.98 -20.53 -35.21
C SER A 110 -43.56 -21.02 -36.54
N GLY A 111 -43.67 -22.34 -36.73
CA GLY A 111 -44.21 -22.95 -37.94
C GLY A 111 -44.40 -24.44 -37.69
N PRO A 112 -45.30 -25.11 -38.43
CA PRO A 112 -45.56 -26.54 -38.28
C PRO A 112 -44.51 -27.36 -39.06
N SER A 113 -44.57 -28.69 -38.92
CA SER A 113 -43.71 -29.65 -39.58
C SER A 113 -44.48 -30.97 -39.59
N SER A 114 -44.23 -31.84 -40.57
CA SER A 114 -44.85 -33.14 -40.74
C SER A 114 -44.00 -33.92 -41.77
N GLY A 115 -44.21 -35.22 -41.86
CA GLY A 115 -43.56 -36.18 -42.73
C GLY A 115 -43.99 -37.56 -42.27
N GLY A 1 16.46 7.69 -0.55
CA GLY A 1 16.81 9.08 -0.80
C GLY A 1 18.31 9.26 -0.63
N SER A 2 18.68 10.20 0.23
CA SER A 2 20.04 10.59 0.57
C SER A 2 20.04 10.98 2.06
N SER A 3 21.10 11.64 2.52
CA SER A 3 21.26 12.11 3.90
C SER A 3 20.73 13.54 4.10
N GLY A 4 20.38 14.25 3.02
CA GLY A 4 19.89 15.61 3.08
C GLY A 4 18.36 15.73 3.12
N SER A 5 17.67 15.40 2.02
CA SER A 5 16.22 15.48 1.90
C SER A 5 15.46 14.73 3.01
N SER A 6 14.86 15.49 3.92
CA SER A 6 14.05 15.02 5.05
C SER A 6 12.82 14.25 4.56
N GLY A 7 12.39 14.51 3.32
CA GLY A 7 11.26 13.92 2.63
C GLY A 7 11.45 14.23 1.14
N GLN A 8 10.80 13.45 0.28
CA GLN A 8 10.87 13.57 -1.18
C GLN A 8 9.72 14.38 -1.80
N LYS A 9 8.53 14.42 -1.19
CA LYS A 9 7.38 15.16 -1.72
C LYS A 9 6.51 15.66 -0.58
N LYS A 10 5.71 16.67 -0.87
CA LYS A 10 4.78 17.31 0.04
C LYS A 10 3.38 16.80 -0.24
N ASP A 11 3.00 16.70 -1.51
CA ASP A 11 1.69 16.26 -1.99
C ASP A 11 1.61 14.76 -2.30
N THR A 12 2.53 13.96 -1.76
CA THR A 12 2.66 12.49 -1.92
C THR A 12 2.74 11.96 -3.37
N SER A 13 2.75 12.85 -4.37
CA SER A 13 2.79 12.58 -5.80
C SER A 13 3.93 11.69 -6.32
N ASN A 14 4.90 11.27 -5.52
CA ASN A 14 5.98 10.40 -5.99
C ASN A 14 6.38 9.37 -4.93
N HIS A 15 5.49 9.10 -3.99
CA HIS A 15 5.70 8.14 -2.92
C HIS A 15 5.13 6.78 -3.32
N PHE A 16 5.51 5.73 -2.58
CA PHE A 16 5.05 4.37 -2.82
C PHE A 16 4.07 4.01 -1.70
N HIS A 17 2.79 3.84 -2.04
CA HIS A 17 1.75 3.50 -1.08
C HIS A 17 1.57 1.98 -0.96
N VAL A 18 1.20 1.52 0.22
CA VAL A 18 0.97 0.15 0.64
C VAL A 18 -0.39 0.06 1.32
N PHE A 19 -1.09 -1.04 1.05
CA PHE A 19 -2.38 -1.45 1.56
C PHE A 19 -2.12 -2.32 2.79
N VAL A 20 -2.95 -2.15 3.81
CA VAL A 20 -2.91 -2.90 5.06
C VAL A 20 -4.36 -3.28 5.36
N GLY A 21 -4.59 -4.47 5.91
CA GLY A 21 -5.94 -4.92 6.23
C GLY A 21 -5.92 -5.88 7.42
N ASP A 22 -7.10 -6.40 7.74
CA ASP A 22 -7.38 -7.36 8.84
C ASP A 22 -7.13 -6.76 10.23
N LEU A 23 -7.00 -5.43 10.29
CA LEU A 23 -6.73 -4.66 11.50
C LEU A 23 -7.85 -4.76 12.52
N SER A 24 -7.51 -4.92 13.81
CA SER A 24 -8.52 -4.98 14.86
C SER A 24 -9.22 -3.60 14.84
N PRO A 25 -10.55 -3.49 15.08
CA PRO A 25 -11.26 -2.20 15.03
C PRO A 25 -10.76 -1.16 16.04
N GLU A 26 -9.98 -1.55 17.05
CA GLU A 26 -9.45 -0.64 18.05
C GLU A 26 -8.20 0.10 17.54
N ILE A 27 -7.48 -0.47 16.55
CA ILE A 27 -6.27 0.07 15.97
C ILE A 27 -6.53 1.45 15.38
N THR A 28 -5.55 2.35 15.50
CA THR A 28 -5.63 3.71 14.99
C THR A 28 -4.49 3.96 14.00
N THR A 29 -4.46 5.16 13.45
CA THR A 29 -3.49 5.64 12.49
C THR A 29 -2.06 5.56 13.01
N GLU A 30 -1.91 5.86 14.29
CA GLU A 30 -0.67 5.89 15.03
C GLU A 30 -0.09 4.49 15.21
N ASP A 31 -0.95 3.48 15.42
CA ASP A 31 -0.53 2.09 15.59
C ASP A 31 0.17 1.66 14.32
N ILE A 32 -0.50 1.91 13.20
CA ILE A 32 0.02 1.58 11.89
C ILE A 32 1.38 2.28 11.73
N LYS A 33 1.46 3.59 11.95
CA LYS A 33 2.74 4.28 11.82
C LYS A 33 3.82 3.62 12.67
N ALA A 34 3.54 3.30 13.94
CA ALA A 34 4.51 2.66 14.83
C ALA A 34 5.01 1.33 14.26
N ALA A 35 4.11 0.56 13.68
CA ALA A 35 4.38 -0.73 13.09
C ALA A 35 5.31 -0.69 11.89
N PHE A 36 4.98 0.14 10.90
CA PHE A 36 5.73 0.30 9.67
C PHE A 36 6.91 1.28 9.75
N ALA A 37 6.99 2.13 10.78
CA ALA A 37 8.07 3.11 10.97
C ALA A 37 9.46 2.45 10.96
N PRO A 38 9.72 1.36 11.69
CA PRO A 38 11.04 0.72 11.66
C PRO A 38 11.40 0.15 10.28
N PHE A 39 10.51 0.19 9.29
CA PHE A 39 10.78 -0.32 7.94
C PHE A 39 11.14 0.83 6.99
N GLY A 40 10.86 2.08 7.38
CA GLY A 40 11.15 3.29 6.62
C GLY A 40 10.31 4.45 7.14
N ARG A 41 10.76 5.68 6.88
CA ARG A 41 10.11 6.92 7.29
C ARG A 41 8.87 7.16 6.43
N ILE A 42 7.72 6.96 7.07
CA ILE A 42 6.39 7.10 6.53
C ILE A 42 6.07 8.56 6.35
N SER A 43 5.40 8.89 5.24
CA SER A 43 4.99 10.24 4.94
C SER A 43 3.51 10.39 5.32
N ASP A 44 2.66 9.75 4.54
CA ASP A 44 1.21 9.67 4.65
C ASP A 44 0.80 8.32 5.24
N ALA A 45 -0.22 8.27 6.09
CA ALA A 45 -0.73 7.05 6.73
C ALA A 45 -2.13 7.34 7.26
N ARG A 46 -3.12 6.48 7.01
CA ARG A 46 -4.48 6.66 7.51
C ARG A 46 -5.23 5.34 7.60
N VAL A 47 -6.24 5.33 8.45
CA VAL A 47 -7.13 4.21 8.70
C VAL A 47 -8.42 4.61 8.00
N VAL A 48 -8.87 3.84 7.02
CA VAL A 48 -10.08 4.17 6.30
C VAL A 48 -11.28 4.12 7.25
N LYS A 49 -12.20 5.08 7.13
CA LYS A 49 -13.40 5.17 7.95
C LYS A 49 -14.59 5.43 7.04
N ASP A 50 -15.78 4.97 7.43
CA ASP A 50 -16.99 5.15 6.63
C ASP A 50 -17.44 6.60 6.60
N MET A 51 -17.87 7.10 5.44
CA MET A 51 -18.31 8.50 5.33
C MET A 51 -19.66 8.76 6.00
N ALA A 52 -20.47 7.74 6.31
CA ALA A 52 -21.77 7.94 6.94
C ALA A 52 -21.75 7.84 8.46
N THR A 53 -20.67 7.35 9.06
CA THR A 53 -20.59 7.19 10.52
C THR A 53 -19.22 7.56 11.11
N GLY A 54 -18.21 7.64 10.26
CA GLY A 54 -16.84 7.96 10.66
C GLY A 54 -16.23 6.77 11.41
N LYS A 55 -16.83 5.58 11.33
CA LYS A 55 -16.35 4.39 12.03
C LYS A 55 -15.32 3.68 11.19
N SER A 56 -14.38 3.03 11.88
CA SER A 56 -13.28 2.29 11.32
C SER A 56 -13.77 1.22 10.35
N LYS A 57 -13.28 1.28 9.11
CA LYS A 57 -13.64 0.32 8.05
C LYS A 57 -13.01 -1.05 8.31
N GLY A 58 -11.70 -1.10 8.50
CA GLY A 58 -10.89 -2.28 8.77
C GLY A 58 -9.53 -2.25 8.05
N TYR A 59 -9.44 -1.57 6.90
CA TYR A 59 -8.22 -1.42 6.11
C TYR A 59 -7.55 -0.06 6.29
N GLY A 60 -6.26 0.05 5.93
CA GLY A 60 -5.48 1.27 6.03
C GLY A 60 -4.51 1.35 4.86
N PHE A 61 -3.88 2.52 4.69
CA PHE A 61 -2.91 2.81 3.65
C PHE A 61 -1.69 3.50 4.28
N VAL A 62 -0.48 3.19 3.83
CA VAL A 62 0.78 3.74 4.33
C VAL A 62 1.63 4.16 3.12
N SER A 63 2.37 5.26 3.18
CA SER A 63 3.21 5.81 2.13
C SER A 63 4.67 5.87 2.61
N PHE A 64 5.63 5.36 1.82
CA PHE A 64 7.06 5.32 2.18
C PHE A 64 7.94 6.19 1.28
N PHE A 65 9.05 6.69 1.85
CA PHE A 65 10.04 7.54 1.18
C PHE A 65 10.91 6.81 0.13
N ASN A 66 10.94 5.47 0.09
CA ASN A 66 11.71 4.71 -0.91
C ASN A 66 10.86 3.53 -1.36
N LYS A 67 11.18 2.96 -2.53
CA LYS A 67 10.47 1.80 -3.06
C LYS A 67 10.70 0.62 -2.12
N TRP A 68 11.97 0.36 -1.85
CA TRP A 68 12.45 -0.72 -1.00
C TRP A 68 11.95 -0.61 0.43
N ASP A 69 11.68 0.60 0.92
CA ASP A 69 11.19 0.80 2.29
C ASP A 69 9.82 0.13 2.37
N ALA A 70 8.99 0.33 1.35
CA ALA A 70 7.67 -0.25 1.27
C ALA A 70 7.78 -1.75 0.99
N GLU A 71 8.61 -2.17 0.02
CA GLU A 71 8.77 -3.60 -0.30
C GLU A 71 9.18 -4.40 0.94
N ASN A 72 10.16 -3.91 1.68
CA ASN A 72 10.70 -4.49 2.91
C ASN A 72 9.53 -4.80 3.83
N ALA A 73 8.66 -3.82 4.05
CA ALA A 73 7.49 -3.98 4.87
C ALA A 73 6.45 -4.91 4.24
N ILE A 74 6.07 -4.79 2.96
CA ILE A 74 5.10 -5.69 2.33
C ILE A 74 5.48 -7.14 2.61
N GLN A 75 6.74 -7.47 2.40
CA GLN A 75 7.31 -8.80 2.57
C GLN A 75 7.30 -9.25 4.04
N GLN A 76 7.97 -8.49 4.89
CA GLN A 76 8.15 -8.76 6.31
C GLN A 76 6.90 -8.60 7.17
N MET A 77 6.14 -7.51 6.98
CA MET A 77 4.93 -7.25 7.75
C MET A 77 3.76 -8.17 7.38
N GLY A 78 3.76 -8.77 6.20
CA GLY A 78 2.71 -9.67 5.76
C GLY A 78 2.58 -10.87 6.70
N GLY A 79 1.49 -10.94 7.47
CA GLY A 79 1.25 -12.03 8.41
C GLY A 79 1.63 -11.71 9.85
N GLN A 80 2.26 -10.55 10.12
CA GLN A 80 2.65 -10.13 11.47
C GLN A 80 1.39 -9.79 12.28
N TRP A 81 1.51 -9.66 13.60
CA TRP A 81 0.41 -9.34 14.51
C TRP A 81 0.52 -7.89 14.97
N LEU A 82 -0.24 -7.00 14.34
CA LEU A 82 -0.26 -5.59 14.70
C LEU A 82 -1.25 -5.47 15.84
N GLY A 83 -0.76 -5.16 17.03
CA GLY A 83 -1.64 -5.04 18.16
C GLY A 83 -2.26 -6.40 18.41
N GLY A 84 -3.58 -6.47 18.54
CA GLY A 84 -4.28 -7.71 18.81
C GLY A 84 -4.58 -8.62 17.61
N ARG A 85 -4.21 -8.33 16.35
CA ARG A 85 -4.53 -9.22 15.22
C ARG A 85 -3.50 -9.25 14.12
N GLN A 86 -3.52 -10.35 13.35
CA GLN A 86 -2.65 -10.52 12.21
C GLN A 86 -3.04 -9.47 11.16
N ILE A 87 -2.15 -9.22 10.19
CA ILE A 87 -2.40 -8.26 9.12
C ILE A 87 -2.00 -8.85 7.77
N ARG A 88 -2.45 -8.17 6.72
CA ARG A 88 -2.20 -8.47 5.30
C ARG A 88 -1.58 -7.20 4.73
N THR A 89 -0.69 -7.33 3.75
CA THR A 89 0.01 -6.21 3.13
C THR A 89 0.09 -6.40 1.62
N ASN A 90 0.08 -5.30 0.85
CA ASN A 90 0.16 -5.34 -0.61
C ASN A 90 0.37 -3.93 -1.14
N TRP A 91 0.65 -3.75 -2.43
CA TRP A 91 0.79 -2.42 -3.00
C TRP A 91 -0.63 -1.82 -3.00
N ALA A 92 -0.78 -0.54 -2.66
CA ALA A 92 -2.09 0.13 -2.62
C ALA A 92 -2.52 0.68 -3.99
N THR A 93 -1.78 0.37 -5.05
CA THR A 93 -2.06 0.81 -6.40
C THR A 93 -1.82 -0.35 -7.36
N ARG A 94 -2.44 -0.26 -8.53
CA ARG A 94 -2.40 -1.20 -9.63
C ARG A 94 -2.90 -0.45 -10.86
N LYS A 95 -2.48 -0.83 -12.06
CA LYS A 95 -2.89 -0.20 -13.33
C LYS A 95 -3.22 -1.32 -14.32
N PRO A 96 -4.06 -1.05 -15.33
CA PRO A 96 -4.44 -2.05 -16.32
C PRO A 96 -3.23 -2.41 -17.20
N PRO A 97 -3.20 -3.62 -17.76
CA PRO A 97 -2.11 -4.06 -18.62
C PRO A 97 -2.17 -3.34 -19.96
N ALA A 98 -1.04 -3.32 -20.68
CA ALA A 98 -0.93 -2.69 -21.98
C ALA A 98 -1.62 -3.58 -23.03
N PRO A 99 -2.18 -2.99 -24.11
CA PRO A 99 -2.83 -3.75 -25.17
C PRO A 99 -1.72 -4.54 -25.87
N LYS A 100 -1.86 -5.87 -25.96
CA LYS A 100 -0.81 -6.66 -26.60
C LYS A 100 -0.83 -6.38 -28.10
N SER A 101 0.24 -5.80 -28.62
CA SER A 101 0.40 -5.47 -30.02
C SER A 101 1.74 -6.01 -30.50
N THR A 102 1.90 -6.10 -31.82
CA THR A 102 3.07 -6.56 -32.52
C THR A 102 2.79 -6.47 -34.02
N TYR A 103 3.86 -6.52 -34.82
CA TYR A 103 3.83 -6.43 -36.27
C TYR A 103 4.23 -7.79 -36.84
N GLU A 104 3.27 -8.69 -36.99
CA GLU A 104 3.45 -10.04 -37.53
C GLU A 104 2.36 -10.25 -38.58
N SER A 105 2.66 -10.98 -39.67
CA SER A 105 1.68 -11.23 -40.73
C SER A 105 2.11 -12.42 -41.60
N ASN A 106 1.62 -13.63 -41.27
CA ASN A 106 1.92 -14.84 -42.02
C ASN A 106 0.71 -15.77 -41.95
N THR A 107 0.18 -16.15 -43.10
CA THR A 107 -0.96 -17.04 -43.25
C THR A 107 -0.66 -17.92 -44.46
N LYS A 108 -1.12 -19.18 -44.44
CA LYS A 108 -0.93 -20.14 -45.52
C LYS A 108 -2.35 -20.51 -45.96
N GLN A 109 -2.91 -19.70 -46.84
CA GLN A 109 -4.26 -19.87 -47.37
C GLN A 109 -4.22 -19.59 -48.87
N SER A 110 -5.31 -19.88 -49.59
CA SER A 110 -5.46 -19.67 -51.03
C SER A 110 -4.31 -20.29 -51.86
N GLY A 111 -3.70 -21.38 -51.37
CA GLY A 111 -2.62 -22.06 -52.07
C GLY A 111 -3.17 -23.03 -53.12
N PRO A 112 -2.30 -23.62 -53.96
CA PRO A 112 -2.71 -24.56 -54.98
C PRO A 112 -3.16 -25.88 -54.34
N SER A 113 -3.88 -26.69 -55.10
CA SER A 113 -4.40 -28.00 -54.74
C SER A 113 -4.76 -28.72 -56.05
N SER A 114 -5.15 -30.00 -55.96
CA SER A 114 -5.55 -30.83 -57.10
C SER A 114 -6.44 -31.93 -56.55
N GLY A 115 -6.86 -32.78 -57.48
CA GLY A 115 -7.67 -33.96 -57.41
C GLY A 115 -7.12 -34.83 -58.54
N GLY A 1 23.44 18.67 11.97
CA GLY A 1 22.44 19.41 12.76
C GLY A 1 21.28 19.81 11.86
N SER A 2 20.07 19.83 12.41
CA SER A 2 18.82 20.17 11.72
C SER A 2 18.00 21.16 12.56
N SER A 3 16.95 21.74 11.98
CA SER A 3 16.09 22.71 12.67
C SER A 3 15.33 22.08 13.84
N GLY A 4 14.78 22.91 14.73
CA GLY A 4 14.02 22.47 15.90
C GLY A 4 12.51 22.44 15.64
N SER A 5 12.06 22.79 14.43
CA SER A 5 10.65 22.80 14.04
C SER A 5 10.49 21.88 12.83
N SER A 6 9.35 21.21 12.74
CA SER A 6 8.97 20.29 11.69
C SER A 6 7.54 20.63 11.29
N GLY A 7 7.39 21.26 10.13
CA GLY A 7 6.14 21.67 9.53
C GLY A 7 6.42 21.78 8.04
N GLN A 8 6.44 20.64 7.35
CA GLN A 8 6.70 20.51 5.92
C GLN A 8 5.41 20.17 5.16
N LYS A 9 5.33 20.57 3.89
CA LYS A 9 4.18 20.34 3.01
C LYS A 9 4.69 20.04 1.60
N LYS A 10 4.44 18.81 1.17
CA LYS A 10 4.82 18.25 -0.12
C LYS A 10 3.67 17.37 -0.60
N ASP A 11 3.83 16.72 -1.75
CA ASP A 11 2.84 15.83 -2.34
C ASP A 11 3.40 14.42 -2.49
N THR A 12 2.57 13.45 -2.85
CA THR A 12 2.91 12.04 -3.04
C THR A 12 3.31 11.69 -4.49
N SER A 13 3.62 12.68 -5.32
CA SER A 13 4.01 12.53 -6.73
C SER A 13 5.05 11.45 -7.04
N ASN A 14 5.94 11.08 -6.12
CA ASN A 14 6.94 10.04 -6.32
C ASN A 14 7.10 9.29 -4.99
N HIS A 15 6.02 8.70 -4.52
CA HIS A 15 5.95 7.93 -3.27
C HIS A 15 5.44 6.53 -3.57
N PHE A 16 5.47 5.65 -2.56
CA PHE A 16 5.06 4.27 -2.69
C PHE A 16 4.02 3.91 -1.63
N HIS A 17 2.74 3.90 -2.01
CA HIS A 17 1.66 3.55 -1.10
C HIS A 17 1.56 2.04 -0.95
N VAL A 18 1.23 1.60 0.25
CA VAL A 18 1.06 0.23 0.64
C VAL A 18 -0.34 0.07 1.22
N PHE A 19 -1.00 -1.01 0.80
CA PHE A 19 -2.30 -1.45 1.23
C PHE A 19 -2.08 -2.29 2.47
N VAL A 20 -2.92 -2.09 3.49
CA VAL A 20 -2.89 -2.83 4.74
C VAL A 20 -4.34 -3.21 5.03
N GLY A 21 -4.56 -4.42 5.56
CA GLY A 21 -5.88 -4.92 5.90
C GLY A 21 -5.83 -5.85 7.10
N ASP A 22 -7.00 -6.35 7.49
CA ASP A 22 -7.27 -7.27 8.60
C ASP A 22 -6.94 -6.70 9.98
N LEU A 23 -6.77 -5.37 10.07
CA LEU A 23 -6.45 -4.66 11.31
C LEU A 23 -7.58 -4.76 12.32
N SER A 24 -7.23 -4.81 13.61
CA SER A 24 -8.23 -4.84 14.67
C SER A 24 -8.91 -3.46 14.66
N PRO A 25 -10.19 -3.31 15.04
CA PRO A 25 -10.86 -2.00 15.03
C PRO A 25 -10.25 -0.99 16.02
N GLU A 26 -9.46 -1.45 17.00
CA GLU A 26 -8.81 -0.61 17.99
C GLU A 26 -7.55 0.10 17.44
N ILE A 27 -7.02 -0.37 16.32
CA ILE A 27 -5.82 0.17 15.69
C ILE A 27 -6.12 1.55 15.10
N THR A 28 -5.40 2.57 15.54
CA THR A 28 -5.56 3.94 15.07
C THR A 28 -4.47 4.27 14.04
N THR A 29 -4.47 5.50 13.53
CA THR A 29 -3.50 5.94 12.54
C THR A 29 -2.08 5.91 13.14
N GLU A 30 -1.95 6.17 14.44
CA GLU A 30 -0.68 6.17 15.14
C GLU A 30 -0.14 4.74 15.23
N ASP A 31 -1.01 3.76 15.53
CA ASP A 31 -0.63 2.35 15.65
C ASP A 31 0.05 1.90 14.37
N ILE A 32 -0.60 2.18 13.22
CA ILE A 32 -0.08 1.83 11.92
C ILE A 32 1.28 2.52 11.76
N LYS A 33 1.34 3.85 11.92
CA LYS A 33 2.59 4.57 11.77
C LYS A 33 3.71 3.97 12.60
N ALA A 34 3.46 3.55 13.84
CA ALA A 34 4.46 2.95 14.69
C ALA A 34 4.91 1.60 14.12
N ALA A 35 3.95 0.76 13.71
CA ALA A 35 4.23 -0.56 13.16
C ALA A 35 5.21 -0.57 11.99
N PHE A 36 5.02 0.34 11.05
CA PHE A 36 5.86 0.44 9.86
C PHE A 36 7.05 1.39 10.06
N ALA A 37 7.14 2.10 11.19
CA ALA A 37 8.22 3.04 11.50
C ALA A 37 9.63 2.42 11.48
N PRO A 38 9.88 1.24 12.09
CA PRO A 38 11.22 0.66 12.04
C PRO A 38 11.58 0.13 10.65
N PHE A 39 10.66 0.14 9.67
CA PHE A 39 10.97 -0.37 8.34
C PHE A 39 11.33 0.80 7.44
N GLY A 40 10.60 1.91 7.49
CA GLY A 40 10.91 3.06 6.67
C GLY A 40 10.20 4.28 7.20
N ARG A 41 10.66 5.45 6.74
CA ARG A 41 10.09 6.72 7.11
C ARG A 41 8.84 6.90 6.24
N ILE A 42 7.72 6.99 6.92
CA ILE A 42 6.39 7.13 6.36
C ILE A 42 6.14 8.62 6.14
N SER A 43 5.21 8.94 5.26
CA SER A 43 4.82 10.30 4.92
C SER A 43 3.31 10.40 5.15
N ASP A 44 2.55 9.73 4.30
CA ASP A 44 1.09 9.68 4.33
C ASP A 44 0.69 8.35 4.95
N ALA A 45 -0.21 8.32 5.94
CA ALA A 45 -0.66 7.09 6.57
C ALA A 45 -1.98 7.35 7.27
N ARG A 46 -2.93 6.42 7.16
CA ARG A 46 -4.23 6.56 7.81
C ARG A 46 -4.93 5.22 7.91
N VAL A 47 -6.06 5.25 8.61
CA VAL A 47 -6.94 4.13 8.81
C VAL A 47 -8.18 4.48 7.98
N VAL A 48 -8.75 3.51 7.28
CA VAL A 48 -9.93 3.75 6.49
C VAL A 48 -11.13 3.58 7.42
N LYS A 49 -12.07 4.51 7.36
CA LYS A 49 -13.30 4.47 8.12
C LYS A 49 -14.42 4.57 7.11
N ASP A 50 -15.62 4.23 7.55
CA ASP A 50 -16.77 4.28 6.69
C ASP A 50 -17.21 5.73 6.50
N MET A 51 -17.66 6.10 5.30
CA MET A 51 -18.13 7.44 5.04
C MET A 51 -19.51 7.65 5.66
N ALA A 52 -20.32 6.59 5.77
CA ALA A 52 -21.67 6.70 6.31
C ALA A 52 -21.75 6.71 7.84
N THR A 53 -21.04 5.81 8.51
CA THR A 53 -21.05 5.67 9.97
C THR A 53 -19.81 6.22 10.67
N GLY A 54 -18.73 6.41 9.92
CA GLY A 54 -17.48 6.93 10.45
C GLY A 54 -16.72 5.94 11.34
N LYS A 55 -17.12 4.65 11.34
CA LYS A 55 -16.51 3.60 12.13
C LYS A 55 -15.31 3.02 11.40
N SER A 56 -14.37 2.44 12.15
CA SER A 56 -13.17 1.83 11.60
C SER A 56 -13.58 0.73 10.62
N LYS A 57 -13.06 0.79 9.39
CA LYS A 57 -13.39 -0.26 8.41
C LYS A 57 -12.72 -1.58 8.82
N GLY A 58 -11.40 -1.59 8.79
CA GLY A 58 -10.49 -2.69 9.12
C GLY A 58 -9.20 -2.57 8.30
N TYR A 59 -9.22 -1.81 7.20
CA TYR A 59 -8.07 -1.59 6.33
C TYR A 59 -7.43 -0.20 6.56
N GLY A 60 -6.19 -0.01 6.10
CA GLY A 60 -5.42 1.23 6.22
C GLY A 60 -4.43 1.36 5.06
N PHE A 61 -3.70 2.47 5.00
CA PHE A 61 -2.71 2.73 3.95
C PHE A 61 -1.48 3.38 4.58
N VAL A 62 -0.31 3.15 3.97
CA VAL A 62 0.97 3.67 4.40
C VAL A 62 1.82 4.02 3.17
N SER A 63 2.26 5.27 3.02
CA SER A 63 3.07 5.78 1.93
C SER A 63 4.49 6.02 2.44
N PHE A 64 5.49 5.44 1.78
CA PHE A 64 6.89 5.57 2.13
C PHE A 64 7.61 6.48 1.13
N PHE A 65 8.75 7.00 1.58
CA PHE A 65 9.58 7.88 0.76
C PHE A 65 10.28 7.13 -0.37
N ASN A 66 10.60 5.83 -0.20
CA ASN A 66 11.29 5.03 -1.23
C ASN A 66 10.60 3.70 -1.45
N LYS A 67 10.85 3.09 -2.61
CA LYS A 67 10.29 1.81 -3.04
C LYS A 67 10.68 0.67 -2.09
N TRP A 68 11.98 0.51 -1.87
CA TRP A 68 12.61 -0.50 -1.03
C TRP A 68 12.04 -0.54 0.38
N ASP A 69 11.82 0.66 0.94
CA ASP A 69 11.29 0.85 2.29
C ASP A 69 9.94 0.14 2.41
N ALA A 70 9.08 0.33 1.41
CA ALA A 70 7.75 -0.25 1.35
C ALA A 70 7.84 -1.77 1.11
N GLU A 71 8.63 -2.20 0.11
CA GLU A 71 8.83 -3.59 -0.25
C GLU A 71 9.23 -4.44 0.94
N ASN A 72 10.21 -3.97 1.72
CA ASN A 72 10.71 -4.70 2.87
C ASN A 72 9.65 -5.05 3.90
N ALA A 73 8.68 -4.16 4.05
CA ALA A 73 7.55 -4.29 4.95
C ALA A 73 6.48 -5.16 4.30
N ILE A 74 6.09 -4.99 3.02
CA ILE A 74 5.08 -5.83 2.35
C ILE A 74 5.40 -7.31 2.59
N GLN A 75 6.68 -7.66 2.55
CA GLN A 75 7.17 -8.99 2.77
C GLN A 75 6.99 -9.44 4.22
N GLN A 76 7.78 -8.84 5.12
CA GLN A 76 7.88 -9.10 6.55
C GLN A 76 6.62 -8.80 7.37
N MET A 77 5.98 -7.65 7.16
CA MET A 77 4.79 -7.30 7.93
C MET A 77 3.54 -8.04 7.44
N GLY A 78 3.53 -8.56 6.22
CA GLY A 78 2.38 -9.26 5.64
C GLY A 78 2.05 -10.63 6.24
N GLY A 79 1.67 -10.66 7.51
CA GLY A 79 1.32 -11.85 8.28
C GLY A 79 1.56 -11.65 9.77
N GLN A 80 2.24 -10.58 10.18
CA GLN A 80 2.50 -10.27 11.58
C GLN A 80 1.18 -9.93 12.28
N TRP A 81 1.21 -9.89 13.61
CA TRP A 81 0.08 -9.58 14.46
C TRP A 81 0.29 -8.15 14.97
N LEU A 82 -0.67 -7.27 14.72
CA LEU A 82 -0.65 -5.87 15.12
C LEU A 82 -1.77 -5.62 16.12
N GLY A 83 -1.41 -5.21 17.33
CA GLY A 83 -2.33 -4.90 18.42
C GLY A 83 -3.14 -6.11 18.90
N GLY A 84 -2.84 -7.31 18.39
CA GLY A 84 -3.51 -8.55 18.75
C GLY A 84 -4.10 -9.32 17.58
N ARG A 85 -4.11 -8.81 16.33
CA ARG A 85 -4.67 -9.53 15.18
C ARG A 85 -3.74 -9.51 13.98
N GLN A 86 -3.76 -10.57 13.16
CA GLN A 86 -2.93 -10.68 11.96
C GLN A 86 -3.32 -9.61 10.95
N ILE A 87 -2.38 -9.25 10.08
CA ILE A 87 -2.58 -8.23 9.05
C ILE A 87 -2.16 -8.76 7.68
N ARG A 88 -2.59 -8.09 6.62
CA ARG A 88 -2.28 -8.40 5.22
C ARG A 88 -1.68 -7.14 4.59
N THR A 89 -0.66 -7.27 3.73
CA THR A 89 -0.02 -6.12 3.08
C THR A 89 0.29 -6.42 1.62
N ASN A 90 0.12 -5.43 0.74
CA ASN A 90 0.38 -5.51 -0.71
C ASN A 90 0.46 -4.08 -1.26
N TRP A 91 0.75 -3.88 -2.54
CA TRP A 91 0.80 -2.53 -3.09
C TRP A 91 -0.63 -1.96 -3.17
N ALA A 92 -0.78 -0.63 -3.10
CA ALA A 92 -2.09 0.03 -3.15
C ALA A 92 -2.66 0.17 -4.58
N THR A 93 -2.06 -0.46 -5.59
CA THR A 93 -2.47 -0.41 -6.98
C THR A 93 -2.41 -1.83 -7.58
N ARG A 94 -2.98 -2.00 -8.78
CA ARG A 94 -3.03 -3.24 -9.57
C ARG A 94 -2.62 -2.85 -11.00
N LYS A 95 -2.76 -3.73 -11.98
CA LYS A 95 -2.37 -3.47 -13.37
C LYS A 95 -3.46 -3.97 -14.31
N PRO A 96 -3.56 -3.42 -15.53
CA PRO A 96 -4.56 -3.86 -16.51
C PRO A 96 -4.24 -5.30 -16.97
N PRO A 97 -5.20 -6.00 -17.57
CA PRO A 97 -5.01 -7.36 -18.06
C PRO A 97 -4.20 -7.38 -19.37
N ALA A 98 -3.82 -8.56 -19.86
CA ALA A 98 -3.08 -8.67 -21.10
C ALA A 98 -4.06 -8.67 -22.28
N PRO A 99 -3.66 -8.17 -23.46
CA PRO A 99 -4.54 -8.15 -24.63
C PRO A 99 -4.76 -9.56 -25.19
N LYS A 100 -3.88 -10.52 -24.86
CA LYS A 100 -3.95 -11.91 -25.30
C LYS A 100 -5.29 -12.50 -24.94
N SER A 101 -6.04 -12.94 -25.95
CA SER A 101 -7.36 -13.51 -25.82
C SER A 101 -7.32 -14.82 -26.60
N THR A 102 -7.19 -15.93 -25.88
CA THR A 102 -7.13 -17.27 -26.43
C THR A 102 -8.56 -17.70 -26.81
N TYR A 103 -8.71 -18.31 -27.99
CA TYR A 103 -10.02 -18.77 -28.47
C TYR A 103 -10.44 -20.05 -27.71
N GLU A 104 -11.67 -20.52 -27.94
CA GLU A 104 -12.24 -21.72 -27.34
C GLU A 104 -13.23 -22.30 -28.36
N SER A 105 -13.45 -23.62 -28.36
CA SER A 105 -14.36 -24.29 -29.27
C SER A 105 -14.60 -25.74 -28.80
N ASN A 106 -15.51 -26.46 -29.47
CA ASN A 106 -15.84 -27.85 -29.16
C ASN A 106 -16.27 -28.53 -30.45
N THR A 107 -15.71 -29.69 -30.75
CA THR A 107 -15.99 -30.48 -31.94
C THR A 107 -16.53 -31.84 -31.49
N LYS A 108 -17.63 -32.31 -32.09
CA LYS A 108 -18.24 -33.60 -31.78
C LYS A 108 -19.26 -33.93 -32.87
N GLN A 109 -19.24 -35.16 -33.36
CA GLN A 109 -20.13 -35.70 -34.38
C GLN A 109 -19.99 -37.21 -34.20
N SER A 110 -21.09 -37.94 -34.08
CA SER A 110 -21.09 -39.38 -33.92
C SER A 110 -22.48 -39.91 -34.28
N GLY A 111 -22.62 -40.62 -35.39
CA GLY A 111 -23.88 -41.19 -35.86
C GLY A 111 -23.83 -42.72 -35.86
N PRO A 112 -23.98 -43.39 -34.70
CA PRO A 112 -23.96 -44.85 -34.64
C PRO A 112 -25.28 -45.42 -35.18
N SER A 113 -25.31 -46.73 -35.44
CA SER A 113 -26.49 -47.44 -35.93
C SER A 113 -26.46 -48.88 -35.40
N SER A 114 -27.59 -49.57 -35.47
CA SER A 114 -27.76 -50.95 -35.04
C SER A 114 -28.98 -51.49 -35.81
N GLY A 115 -29.15 -52.81 -35.81
CA GLY A 115 -30.20 -53.57 -36.46
C GLY A 115 -29.79 -55.04 -36.35
N GLY A 1 16.04 27.39 -9.42
CA GLY A 1 14.89 28.06 -8.82
C GLY A 1 14.91 29.55 -9.13
N SER A 2 13.81 30.06 -9.67
CA SER A 2 13.58 31.44 -10.07
C SER A 2 12.05 31.61 -10.14
N SER A 3 11.54 32.68 -10.77
CA SER A 3 10.10 32.90 -10.90
C SER A 3 9.51 31.84 -11.85
N GLY A 4 8.20 31.62 -11.77
CA GLY A 4 7.46 30.66 -12.60
C GLY A 4 7.42 29.30 -11.92
N SER A 5 6.24 28.87 -11.46
CA SER A 5 6.06 27.58 -10.80
C SER A 5 4.62 27.11 -11.03
N SER A 6 4.39 26.32 -12.08
CA SER A 6 3.08 25.76 -12.43
C SER A 6 3.18 24.22 -12.46
N GLY A 7 2.12 23.53 -12.86
CA GLY A 7 2.06 22.07 -12.96
C GLY A 7 1.15 21.47 -11.88
N GLN A 8 0.95 20.16 -11.93
CA GLN A 8 0.11 19.44 -10.98
C GLN A 8 0.87 19.24 -9.65
N LYS A 9 0.15 18.86 -8.60
CA LYS A 9 0.71 18.62 -7.28
C LYS A 9 1.33 17.24 -7.17
N LYS A 10 2.65 17.15 -7.07
CA LYS A 10 3.33 15.85 -6.89
C LYS A 10 3.62 15.79 -5.40
N ASP A 11 2.59 15.94 -4.58
CA ASP A 11 2.68 15.91 -3.13
C ASP A 11 2.98 14.50 -2.64
N THR A 12 2.47 13.47 -3.33
CA THR A 12 2.65 12.07 -2.96
C THR A 12 2.92 11.17 -4.18
N SER A 13 2.97 11.68 -5.40
CA SER A 13 3.22 10.88 -6.61
C SER A 13 4.54 10.09 -6.57
N ASN A 14 5.62 10.65 -6.01
CA ASN A 14 6.93 10.01 -5.92
C ASN A 14 7.00 9.00 -4.77
N HIS A 15 6.00 8.94 -3.90
CA HIS A 15 5.98 8.01 -2.77
C HIS A 15 5.44 6.66 -3.24
N PHE A 16 5.60 5.64 -2.39
CA PHE A 16 5.16 4.27 -2.64
C PHE A 16 4.17 3.84 -1.57
N HIS A 17 2.87 3.89 -1.91
CA HIS A 17 1.79 3.52 -1.03
C HIS A 17 1.63 2.00 -0.94
N VAL A 18 1.24 1.56 0.24
CA VAL A 18 1.03 0.19 0.68
C VAL A 18 -0.36 0.08 1.33
N PHE A 19 -1.01 -1.04 1.07
CA PHE A 19 -2.30 -1.46 1.59
C PHE A 19 -2.05 -2.33 2.81
N VAL A 20 -2.82 -2.12 3.87
CA VAL A 20 -2.76 -2.87 5.11
C VAL A 20 -4.21 -3.23 5.44
N GLY A 21 -4.49 -4.47 5.83
CA GLY A 21 -5.84 -4.91 6.18
C GLY A 21 -5.84 -5.92 7.30
N ASP A 22 -7.03 -6.39 7.65
CA ASP A 22 -7.35 -7.38 8.70
C ASP A 22 -7.14 -6.83 10.12
N LEU A 23 -6.86 -5.53 10.23
CA LEU A 23 -6.60 -4.79 11.46
C LEU A 23 -7.78 -4.88 12.42
N SER A 24 -7.52 -4.89 13.73
CA SER A 24 -8.59 -4.92 14.72
C SER A 24 -9.29 -3.55 14.60
N PRO A 25 -10.61 -3.45 14.83
CA PRO A 25 -11.35 -2.20 14.74
C PRO A 25 -10.84 -1.09 15.69
N GLU A 26 -9.95 -1.39 16.64
CA GLU A 26 -9.39 -0.41 17.57
C GLU A 26 -8.11 0.24 17.05
N ILE A 27 -7.39 -0.42 16.14
CA ILE A 27 -6.13 0.07 15.58
C ILE A 27 -6.34 1.42 14.95
N THR A 28 -5.52 2.39 15.32
CA THR A 28 -5.61 3.73 14.81
C THR A 28 -4.45 4.04 13.86
N THR A 29 -4.48 5.25 13.30
CA THR A 29 -3.49 5.74 12.36
C THR A 29 -2.09 5.75 13.00
N GLU A 30 -2.04 5.97 14.30
CA GLU A 30 -0.80 6.02 15.06
C GLU A 30 -0.21 4.63 15.24
N ASP A 31 -1.05 3.60 15.43
CA ASP A 31 -0.63 2.21 15.62
C ASP A 31 0.12 1.78 14.37
N ILE A 32 -0.49 2.05 13.21
CA ILE A 32 0.08 1.73 11.93
C ILE A 32 1.41 2.47 11.82
N LYS A 33 1.45 3.79 12.00
CA LYS A 33 2.71 4.53 11.91
C LYS A 33 3.79 3.90 12.79
N ALA A 34 3.47 3.58 14.05
CA ALA A 34 4.41 2.96 14.99
C ALA A 34 4.93 1.60 14.50
N ALA A 35 4.07 0.81 13.87
CA ALA A 35 4.39 -0.52 13.37
C ALA A 35 5.23 -0.52 12.10
N PHE A 36 4.96 0.40 11.17
CA PHE A 36 5.66 0.49 9.90
C PHE A 36 6.90 1.39 9.98
N ALA A 37 7.07 2.13 11.08
CA ALA A 37 8.21 3.01 11.32
C ALA A 37 9.53 2.25 11.22
N PRO A 38 9.73 1.07 11.83
CA PRO A 38 10.99 0.34 11.72
C PRO A 38 11.31 -0.13 10.30
N PHE A 39 10.40 0.08 9.32
CA PHE A 39 10.63 -0.32 7.93
C PHE A 39 11.07 0.85 7.06
N GLY A 40 10.91 2.10 7.52
CA GLY A 40 11.30 3.26 6.76
C GLY A 40 10.55 4.50 7.20
N ARG A 41 10.89 5.63 6.58
CA ARG A 41 10.26 6.90 6.88
C ARG A 41 8.87 6.85 6.25
N ILE A 42 7.85 7.22 7.02
CA ILE A 42 6.47 7.23 6.55
C ILE A 42 6.12 8.65 6.17
N SER A 43 5.47 8.80 5.02
CA SER A 43 5.05 10.08 4.48
C SER A 43 3.56 10.23 4.82
N ASP A 44 2.71 9.51 4.10
CA ASP A 44 1.24 9.48 4.26
C ASP A 44 0.85 8.19 4.99
N ALA A 45 -0.13 8.21 5.89
CA ALA A 45 -0.59 7.02 6.61
C ALA A 45 -1.94 7.32 7.24
N ARG A 46 -2.97 6.49 7.01
CA ARG A 46 -4.29 6.69 7.60
C ARG A 46 -5.06 5.38 7.72
N VAL A 47 -6.10 5.38 8.55
CA VAL A 47 -7.00 4.26 8.79
C VAL A 47 -8.29 4.65 8.09
N VAL A 48 -8.71 3.83 7.13
CA VAL A 48 -9.93 4.09 6.37
C VAL A 48 -11.11 3.96 7.32
N LYS A 49 -12.06 4.89 7.26
CA LYS A 49 -13.25 4.85 8.10
C LYS A 49 -14.45 5.09 7.21
N ASP A 50 -15.58 4.53 7.63
CA ASP A 50 -16.82 4.63 6.89
C ASP A 50 -17.29 6.09 6.88
N MET A 51 -17.89 6.56 5.80
CA MET A 51 -18.37 7.93 5.71
C MET A 51 -19.75 8.10 6.38
N ALA A 52 -20.51 7.03 6.57
CA ALA A 52 -21.84 7.08 7.17
C ALA A 52 -21.83 6.84 8.68
N THR A 53 -20.71 6.42 9.27
CA THR A 53 -20.61 6.17 10.71
C THR A 53 -19.31 6.72 11.31
N GLY A 54 -18.27 6.85 10.49
CA GLY A 54 -16.96 7.32 10.94
C GLY A 54 -16.24 6.22 11.73
N LYS A 55 -16.69 4.97 11.65
CA LYS A 55 -16.09 3.84 12.37
C LYS A 55 -15.04 3.18 11.48
N SER A 56 -14.09 2.49 12.11
CA SER A 56 -13.01 1.79 11.42
C SER A 56 -13.54 0.82 10.37
N LYS A 57 -13.04 0.96 9.14
CA LYS A 57 -13.43 0.06 8.05
C LYS A 57 -12.74 -1.31 8.19
N GLY A 58 -11.53 -1.34 8.73
CA GLY A 58 -10.69 -2.52 8.95
C GLY A 58 -9.37 -2.40 8.19
N TYR A 59 -9.32 -1.62 7.09
CA TYR A 59 -8.13 -1.40 6.29
C TYR A 59 -7.48 -0.05 6.56
N GLY A 60 -6.21 0.09 6.19
CA GLY A 60 -5.42 1.29 6.34
C GLY A 60 -4.42 1.37 5.19
N PHE A 61 -3.72 2.50 5.12
CA PHE A 61 -2.71 2.78 4.12
C PHE A 61 -1.49 3.40 4.81
N VAL A 62 -0.35 3.23 4.16
CA VAL A 62 0.97 3.70 4.55
C VAL A 62 1.67 4.05 3.23
N SER A 63 2.54 5.05 3.16
CA SER A 63 3.24 5.43 1.95
C SER A 63 4.64 5.91 2.30
N PHE A 64 5.66 5.15 1.88
CA PHE A 64 7.07 5.44 2.14
C PHE A 64 7.67 6.36 1.08
N PHE A 65 8.69 7.12 1.50
CA PHE A 65 9.40 8.04 0.60
C PHE A 65 10.22 7.27 -0.42
N ASN A 66 10.79 6.12 -0.03
CA ASN A 66 11.61 5.26 -0.87
C ASN A 66 10.84 3.97 -1.08
N LYS A 67 11.03 3.38 -2.26
CA LYS A 67 10.36 2.15 -2.63
C LYS A 67 10.74 0.96 -1.76
N TRP A 68 12.03 0.75 -1.57
CA TRP A 68 12.59 -0.36 -0.80
C TRP A 68 12.04 -0.48 0.60
N ASP A 69 11.73 0.67 1.23
CA ASP A 69 11.20 0.73 2.57
C ASP A 69 9.84 0.00 2.55
N ALA A 70 9.02 0.32 1.55
CA ALA A 70 7.71 -0.26 1.33
C ALA A 70 7.83 -1.75 1.01
N GLU A 71 8.71 -2.12 0.07
CA GLU A 71 8.92 -3.50 -0.33
C GLU A 71 9.28 -4.36 0.87
N ASN A 72 10.18 -3.88 1.73
CA ASN A 72 10.61 -4.60 2.92
C ASN A 72 9.40 -4.98 3.78
N ALA A 73 8.54 -3.99 4.05
CA ALA A 73 7.35 -4.13 4.83
C ALA A 73 6.33 -5.04 4.14
N ILE A 74 6.03 -4.90 2.84
CA ILE A 74 5.06 -5.76 2.15
C ILE A 74 5.38 -7.23 2.40
N GLN A 75 6.65 -7.60 2.24
CA GLN A 75 7.11 -8.97 2.41
C GLN A 75 7.03 -9.41 3.88
N GLN A 76 7.67 -8.68 4.80
CA GLN A 76 7.70 -9.03 6.20
C GLN A 76 6.37 -8.88 6.93
N MET A 77 5.75 -7.71 6.83
CA MET A 77 4.49 -7.43 7.53
C MET A 77 3.29 -8.26 7.06
N GLY A 78 3.35 -8.88 5.88
CA GLY A 78 2.27 -9.68 5.33
C GLY A 78 2.17 -11.04 6.00
N GLY A 79 1.55 -11.06 7.18
CA GLY A 79 1.33 -12.22 8.04
C GLY A 79 1.70 -11.92 9.49
N GLN A 80 2.27 -10.74 9.76
CA GLN A 80 2.65 -10.32 11.10
C GLN A 80 1.38 -9.97 11.88
N TRP A 81 1.55 -9.58 13.15
CA TRP A 81 0.47 -9.18 14.03
C TRP A 81 0.73 -7.73 14.43
N LEU A 82 -0.35 -7.01 14.71
CA LEU A 82 -0.34 -5.61 15.12
C LEU A 82 -1.38 -5.47 16.21
N GLY A 83 -1.00 -4.93 17.36
CA GLY A 83 -1.90 -4.74 18.47
C GLY A 83 -2.23 -6.08 19.12
N GLY A 84 -3.23 -6.79 18.62
CA GLY A 84 -3.66 -8.08 19.13
C GLY A 84 -4.13 -9.05 18.03
N ARG A 85 -4.01 -8.70 16.74
CA ARG A 85 -4.44 -9.57 15.63
C ARG A 85 -3.51 -9.53 14.44
N GLN A 86 -3.65 -10.51 13.55
CA GLN A 86 -2.87 -10.64 12.32
C GLN A 86 -3.28 -9.53 11.34
N ILE A 87 -2.40 -9.27 10.37
CA ILE A 87 -2.61 -8.28 9.32
C ILE A 87 -2.16 -8.84 7.96
N ARG A 88 -2.43 -8.11 6.87
CA ARG A 88 -2.07 -8.46 5.49
C ARG A 88 -1.51 -7.21 4.83
N THR A 89 -0.52 -7.34 3.94
CA THR A 89 0.10 -6.20 3.26
C THR A 89 0.33 -6.50 1.79
N ASN A 90 0.04 -5.54 0.92
CA ASN A 90 0.20 -5.63 -0.54
C ASN A 90 0.44 -4.21 -1.05
N TRP A 91 0.82 -4.05 -2.31
CA TRP A 91 0.98 -2.72 -2.89
C TRP A 91 -0.40 -2.06 -2.88
N ALA A 92 -0.48 -0.76 -2.58
CA ALA A 92 -1.79 -0.11 -2.60
C ALA A 92 -2.26 0.11 -4.04
N THR A 93 -1.36 0.04 -5.01
CA THR A 93 -1.66 0.21 -6.42
C THR A 93 -2.10 -1.14 -7.00
N ARG A 94 -2.71 -1.10 -8.18
CA ARG A 94 -3.21 -2.27 -8.89
C ARG A 94 -3.19 -1.95 -10.39
N LYS A 95 -3.46 -2.95 -11.23
CA LYS A 95 -3.50 -2.78 -12.68
C LYS A 95 -4.99 -2.80 -13.05
N PRO A 96 -5.49 -1.87 -13.89
CA PRO A 96 -6.89 -1.80 -14.28
C PRO A 96 -7.35 -3.02 -15.09
N PRO A 97 -8.67 -3.21 -15.26
CA PRO A 97 -9.21 -4.31 -16.03
C PRO A 97 -9.02 -4.09 -17.54
N ALA A 98 -9.43 -5.06 -18.35
CA ALA A 98 -9.37 -5.01 -19.81
C ALA A 98 -10.75 -5.43 -20.30
N PRO A 99 -11.31 -4.75 -21.32
CA PRO A 99 -12.63 -5.04 -21.86
C PRO A 99 -12.66 -6.33 -22.68
N LYS A 100 -12.89 -7.49 -22.08
CA LYS A 100 -12.93 -8.78 -22.78
C LYS A 100 -13.70 -9.79 -21.92
N SER A 101 -14.69 -10.48 -22.49
CA SER A 101 -15.48 -11.50 -21.83
C SER A 101 -15.94 -12.53 -22.89
N THR A 102 -16.74 -13.52 -22.51
CA THR A 102 -17.25 -14.57 -23.41
C THR A 102 -18.76 -14.72 -23.21
N TYR A 103 -19.37 -15.68 -23.90
CA TYR A 103 -20.80 -16.00 -23.85
C TYR A 103 -20.95 -17.43 -23.30
N GLU A 104 -22.16 -17.85 -22.97
CA GLU A 104 -22.44 -19.18 -22.43
C GLU A 104 -23.81 -19.66 -22.89
N SER A 105 -24.25 -20.82 -22.42
CA SER A 105 -25.55 -21.40 -22.76
C SER A 105 -26.27 -21.95 -21.51
N ASN A 106 -25.83 -21.56 -20.32
CA ASN A 106 -26.41 -21.98 -19.03
C ASN A 106 -27.76 -21.31 -18.76
N THR A 107 -28.41 -20.74 -19.76
CA THR A 107 -29.69 -20.05 -19.73
C THR A 107 -30.84 -21.07 -19.51
N LYS A 108 -30.78 -21.81 -18.40
CA LYS A 108 -31.72 -22.84 -18.00
C LYS A 108 -33.17 -22.39 -18.05
N GLN A 109 -33.51 -21.30 -17.37
CA GLN A 109 -34.86 -20.77 -17.31
C GLN A 109 -34.80 -19.38 -16.68
N SER A 110 -35.82 -18.55 -16.92
CA SER A 110 -35.91 -17.23 -16.32
C SER A 110 -36.12 -17.47 -14.82
N GLY A 111 -35.52 -16.63 -13.97
CA GLY A 111 -35.63 -16.79 -12.52
C GLY A 111 -34.82 -18.03 -12.10
N PRO A 112 -33.48 -17.98 -12.20
CA PRO A 112 -32.62 -19.11 -11.84
C PRO A 112 -32.53 -19.33 -10.32
N SER A 113 -32.96 -18.36 -9.51
CA SER A 113 -32.94 -18.40 -8.06
C SER A 113 -34.18 -17.68 -7.54
N SER A 114 -34.56 -17.99 -6.29
CA SER A 114 -35.69 -17.44 -5.57
C SER A 114 -35.46 -17.78 -4.08
N GLY A 115 -36.21 -17.16 -3.18
CA GLY A 115 -36.13 -17.35 -1.75
C GLY A 115 -36.36 -16.00 -1.10
N GLY A 1 10.04 7.00 -20.18
CA GLY A 1 10.52 6.44 -18.91
C GLY A 1 11.39 7.46 -18.21
N SER A 2 11.34 7.49 -16.87
CA SER A 2 12.13 8.42 -16.06
C SER A 2 13.52 7.84 -15.78
N SER A 3 14.35 8.57 -15.04
CA SER A 3 15.70 8.17 -14.65
C SER A 3 15.81 8.07 -13.12
N GLY A 4 14.89 8.69 -12.38
CA GLY A 4 14.88 8.70 -10.92
C GLY A 4 15.58 9.98 -10.52
N SER A 5 14.82 11.07 -10.46
CA SER A 5 15.29 12.41 -10.12
C SER A 5 14.38 12.99 -9.05
N SER A 6 14.08 12.19 -8.02
CA SER A 6 13.24 12.46 -6.86
C SER A 6 13.62 13.66 -5.98
N GLY A 7 14.46 14.59 -6.45
CA GLY A 7 14.90 15.77 -5.70
C GLY A 7 13.75 16.69 -5.27
N GLN A 8 12.51 16.50 -5.75
CA GLN A 8 11.35 17.29 -5.39
C GLN A 8 10.18 16.34 -5.26
N LYS A 9 9.32 16.56 -4.25
CA LYS A 9 8.13 15.74 -4.01
C LYS A 9 6.96 16.71 -3.95
N LYS A 10 5.77 16.20 -4.23
CA LYS A 10 4.50 16.91 -4.22
C LYS A 10 3.42 15.85 -4.39
N ASP A 11 2.30 16.05 -3.71
CA ASP A 11 1.08 15.26 -3.68
C ASP A 11 1.33 13.75 -3.73
N THR A 12 2.40 13.28 -3.06
CA THR A 12 2.82 11.88 -2.99
C THR A 12 3.04 11.23 -4.38
N SER A 13 3.11 11.99 -5.48
CA SER A 13 3.27 11.52 -6.86
C SER A 13 4.50 10.65 -7.12
N ASN A 14 5.49 10.62 -6.22
CA ASN A 14 6.71 9.81 -6.36
C ASN A 14 6.89 8.87 -5.15
N HIS A 15 5.94 8.86 -4.21
CA HIS A 15 5.97 8.02 -3.02
C HIS A 15 5.56 6.59 -3.43
N PHE A 16 5.70 5.66 -2.50
CA PHE A 16 5.40 4.25 -2.69
C PHE A 16 4.33 3.87 -1.68
N HIS A 17 3.07 3.80 -2.10
CA HIS A 17 1.96 3.47 -1.21
C HIS A 17 1.75 1.96 -1.09
N VAL A 18 1.41 1.52 0.13
CA VAL A 18 1.16 0.17 0.55
C VAL A 18 -0.22 0.11 1.20
N PHE A 19 -0.92 -0.99 0.96
CA PHE A 19 -2.23 -1.37 1.47
C PHE A 19 -2.03 -2.21 2.72
N VAL A 20 -2.80 -1.94 3.77
CA VAL A 20 -2.80 -2.66 5.02
C VAL A 20 -4.28 -3.01 5.24
N GLY A 21 -4.57 -4.20 5.74
CA GLY A 21 -5.95 -4.59 5.97
C GLY A 21 -6.02 -5.56 7.12
N ASP A 22 -7.25 -5.92 7.47
CA ASP A 22 -7.57 -6.86 8.54
C ASP A 22 -7.20 -6.35 9.92
N LEU A 23 -6.96 -5.03 10.09
CA LEU A 23 -6.58 -4.39 11.36
C LEU A 23 -7.67 -4.55 12.41
N SER A 24 -7.30 -4.60 13.67
CA SER A 24 -8.27 -4.71 14.75
C SER A 24 -8.97 -3.34 14.82
N PRO A 25 -10.28 -3.26 15.13
CA PRO A 25 -11.02 -1.99 15.20
C PRO A 25 -10.56 -1.03 16.31
N GLU A 26 -9.60 -1.42 17.14
CA GLU A 26 -9.02 -0.64 18.24
C GLU A 26 -7.79 0.16 17.77
N ILE A 27 -7.15 -0.27 16.69
CA ILE A 27 -5.95 0.27 16.07
C ILE A 27 -6.20 1.65 15.47
N THR A 28 -5.31 2.60 15.72
CA THR A 28 -5.42 3.96 15.20
C THR A 28 -4.39 4.14 14.08
N THR A 29 -4.44 5.28 13.39
CA THR A 29 -3.50 5.60 12.32
C THR A 29 -2.07 5.62 12.87
N GLU A 30 -1.91 5.97 14.14
CA GLU A 30 -0.63 6.05 14.81
C GLU A 30 -0.05 4.65 15.01
N ASP A 31 -0.89 3.63 15.20
CA ASP A 31 -0.43 2.25 15.37
C ASP A 31 0.17 1.79 14.06
N ILE A 32 -0.47 2.14 12.93
CA ILE A 32 0.04 1.75 11.64
C ILE A 32 1.39 2.44 11.47
N LYS A 33 1.47 3.76 11.74
CA LYS A 33 2.72 4.47 11.62
C LYS A 33 3.80 3.79 12.45
N ALA A 34 3.48 3.36 13.67
CA ALA A 34 4.40 2.67 14.55
C ALA A 34 4.85 1.33 13.94
N ALA A 35 3.90 0.50 13.54
CA ALA A 35 4.16 -0.82 12.98
C ALA A 35 5.07 -0.80 11.76
N PHE A 36 4.86 0.16 10.86
CA PHE A 36 5.65 0.29 9.65
C PHE A 36 6.83 1.27 9.80
N ALA A 37 6.99 1.92 10.96
CA ALA A 37 8.05 2.89 11.23
C ALA A 37 9.46 2.30 11.09
N PRO A 38 9.79 1.11 11.63
CA PRO A 38 11.14 0.57 11.48
C PRO A 38 11.47 0.17 10.04
N PHE A 39 10.51 0.30 9.10
CA PHE A 39 10.77 -0.08 7.71
C PHE A 39 11.12 1.15 6.87
N GLY A 40 10.78 2.36 7.32
CA GLY A 40 11.08 3.56 6.57
C GLY A 40 10.32 4.76 7.09
N ARG A 41 10.72 5.93 6.60
CA ARG A 41 10.09 7.19 6.97
C ARG A 41 8.78 7.34 6.22
N ILE A 42 7.70 7.08 6.94
CA ILE A 42 6.35 7.17 6.40
C ILE A 42 6.01 8.66 6.35
N SER A 43 5.19 9.06 5.39
CA SER A 43 4.73 10.41 5.19
C SER A 43 3.24 10.40 5.50
N ASP A 44 2.49 9.80 4.58
CA ASP A 44 1.05 9.68 4.60
C ASP A 44 0.69 8.27 5.06
N ALA A 45 -0.29 8.15 5.94
CA ALA A 45 -0.79 6.88 6.47
C ALA A 45 -2.13 7.17 7.12
N ARG A 46 -3.14 6.32 6.94
CA ARG A 46 -4.46 6.54 7.55
C ARG A 46 -5.25 5.24 7.68
N VAL A 47 -6.11 5.18 8.68
CA VAL A 47 -7.00 4.06 8.94
C VAL A 47 -8.33 4.47 8.35
N VAL A 48 -8.81 3.74 7.35
CA VAL A 48 -10.10 4.00 6.71
C VAL A 48 -11.17 3.89 7.80
N LYS A 49 -12.21 4.70 7.70
CA LYS A 49 -13.31 4.70 8.64
C LYS A 49 -14.60 4.66 7.87
N ASP A 50 -15.64 4.09 8.46
CA ASP A 50 -16.95 3.95 7.86
C ASP A 50 -17.48 5.34 7.61
N MET A 51 -17.69 5.71 6.35
CA MET A 51 -18.19 7.03 6.01
C MET A 51 -19.55 7.31 6.68
N ALA A 52 -20.27 6.29 7.16
CA ALA A 52 -21.57 6.44 7.79
C ALA A 52 -21.56 6.47 9.31
N THR A 53 -20.44 6.21 9.97
CA THR A 53 -20.37 6.25 11.44
C THR A 53 -19.08 6.88 11.94
N GLY A 54 -18.03 6.76 11.14
CA GLY A 54 -16.70 7.26 11.44
C GLY A 54 -15.91 6.24 12.27
N LYS A 55 -16.39 4.99 12.37
CA LYS A 55 -15.73 3.92 13.13
C LYS A 55 -14.70 3.27 12.23
N SER A 56 -13.64 2.68 12.78
CA SER A 56 -12.62 2.05 11.96
C SER A 56 -13.21 0.99 11.03
N LYS A 57 -12.88 1.12 9.74
CA LYS A 57 -13.33 0.16 8.72
C LYS A 57 -12.50 -1.11 8.74
N GLY A 58 -11.32 -1.10 9.37
CA GLY A 58 -10.43 -2.25 9.49
C GLY A 58 -9.28 -2.21 8.50
N TYR A 59 -9.40 -1.50 7.38
CA TYR A 59 -8.32 -1.38 6.40
C TYR A 59 -7.65 -0.01 6.53
N GLY A 60 -6.43 0.12 6.03
CA GLY A 60 -5.64 1.34 6.07
C GLY A 60 -4.60 1.34 4.96
N PHE A 61 -3.83 2.43 4.85
CA PHE A 61 -2.78 2.58 3.85
C PHE A 61 -1.59 3.30 4.47
N VAL A 62 -0.41 3.16 3.86
CA VAL A 62 0.85 3.76 4.28
C VAL A 62 1.56 4.23 2.99
N SER A 63 2.39 5.27 3.06
CA SER A 63 3.13 5.86 1.96
C SER A 63 4.58 6.06 2.41
N PHE A 64 5.52 5.42 1.71
CA PHE A 64 6.95 5.45 1.95
C PHE A 64 7.67 6.36 0.95
N PHE A 65 8.77 6.97 1.38
CA PHE A 65 9.59 7.86 0.56
C PHE A 65 10.35 7.05 -0.50
N ASN A 66 10.79 5.83 -0.16
CA ASN A 66 11.55 4.96 -1.04
C ASN A 66 10.86 3.60 -1.21
N LYS A 67 11.12 2.97 -2.36
CA LYS A 67 10.57 1.68 -2.73
C LYS A 67 10.99 0.60 -1.74
N TRP A 68 12.29 0.54 -1.48
CA TRP A 68 12.96 -0.41 -0.58
C TRP A 68 12.24 -0.56 0.75
N ASP A 69 11.85 0.57 1.33
CA ASP A 69 11.17 0.66 2.61
C ASP A 69 9.83 -0.08 2.55
N ALA A 70 9.04 0.22 1.52
CA ALA A 70 7.74 -0.39 1.29
C ALA A 70 7.90 -1.89 0.99
N GLU A 71 8.89 -2.24 0.18
CA GLU A 71 9.18 -3.62 -0.20
C GLU A 71 9.49 -4.45 1.04
N ASN A 72 10.45 -4.01 1.87
CA ASN A 72 10.82 -4.72 3.09
C ASN A 72 9.58 -4.96 3.94
N ALA A 73 8.75 -3.93 4.11
CA ALA A 73 7.52 -3.97 4.87
C ALA A 73 6.53 -4.99 4.30
N ILE A 74 6.19 -4.95 3.00
CA ILE A 74 5.25 -5.90 2.39
C ILE A 74 5.70 -7.35 2.64
N GLN A 75 7.01 -7.59 2.55
CA GLN A 75 7.55 -8.92 2.77
C GLN A 75 7.44 -9.32 4.26
N GLN A 76 8.10 -8.54 5.12
CA GLN A 76 8.22 -8.71 6.55
C GLN A 76 6.95 -8.55 7.36
N MET A 77 6.20 -7.46 7.20
CA MET A 77 4.96 -7.27 7.97
C MET A 77 3.83 -8.19 7.52
N GLY A 78 3.88 -8.70 6.29
CA GLY A 78 2.88 -9.60 5.74
C GLY A 78 2.69 -10.84 6.63
N GLY A 79 1.45 -11.06 7.10
CA GLY A 79 1.09 -12.19 7.93
C GLY A 79 1.40 -12.01 9.40
N GLN A 80 2.08 -10.91 9.79
CA GLN A 80 2.39 -10.68 11.19
C GLN A 80 1.12 -10.18 11.89
N TRP A 81 1.21 -10.02 13.22
CA TRP A 81 0.11 -9.53 14.03
C TRP A 81 0.41 -8.08 14.41
N LEU A 82 -0.64 -7.34 14.76
CA LEU A 82 -0.58 -5.95 15.16
C LEU A 82 -1.65 -5.73 16.21
N GLY A 83 -1.27 -5.31 17.41
CA GLY A 83 -2.17 -5.03 18.52
C GLY A 83 -2.81 -6.26 19.16
N GLY A 84 -3.21 -7.26 18.38
CA GLY A 84 -3.82 -8.48 18.88
C GLY A 84 -4.37 -9.41 17.79
N ARG A 85 -4.36 -9.04 16.50
CA ARG A 85 -4.85 -9.88 15.40
C ARG A 85 -3.87 -9.79 14.22
N GLN A 86 -3.93 -10.73 13.27
CA GLN A 86 -3.06 -10.74 12.09
C GLN A 86 -3.45 -9.61 11.12
N ILE A 87 -2.53 -9.23 10.24
CA ILE A 87 -2.73 -8.17 9.24
C ILE A 87 -2.30 -8.68 7.86
N ARG A 88 -2.69 -7.96 6.81
CA ARG A 88 -2.34 -8.25 5.42
C ARG A 88 -1.63 -7.02 4.88
N THR A 89 -0.67 -7.21 3.97
CA THR A 89 0.10 -6.14 3.35
C THR A 89 0.16 -6.38 1.85
N ASN A 90 0.10 -5.34 1.02
CA ASN A 90 0.17 -5.51 -0.43
C ASN A 90 0.42 -4.15 -1.08
N TRP A 91 0.77 -4.12 -2.37
CA TRP A 91 0.98 -2.87 -3.07
C TRP A 91 -0.39 -2.19 -3.18
N ALA A 92 -0.51 -0.93 -2.74
CA ALA A 92 -1.78 -0.22 -2.78
C ALA A 92 -2.25 0.08 -4.19
N THR A 93 -1.34 0.16 -5.15
CA THR A 93 -1.60 0.44 -6.54
C THR A 93 -0.53 -0.25 -7.38
N ARG A 94 -0.86 -0.52 -8.65
CA ARG A 94 -0.02 -1.18 -9.66
C ARG A 94 -0.68 -0.98 -11.02
N LYS A 95 0.01 -1.33 -12.11
CA LYS A 95 -0.52 -1.24 -13.47
C LYS A 95 0.02 -2.42 -14.28
N PRO A 96 -0.82 -3.13 -15.05
CA PRO A 96 -0.39 -4.26 -15.87
C PRO A 96 0.43 -3.71 -17.06
N PRO A 97 1.39 -4.48 -17.60
CA PRO A 97 2.22 -4.03 -18.71
C PRO A 97 1.41 -3.90 -20.01
N ALA A 98 2.00 -3.24 -21.02
CA ALA A 98 1.40 -3.01 -22.33
C ALA A 98 2.28 -3.67 -23.40
N PRO A 99 1.70 -4.29 -24.44
CA PRO A 99 2.43 -4.94 -25.52
C PRO A 99 3.15 -3.92 -26.38
N LYS A 100 4.49 -3.91 -26.31
CA LYS A 100 5.37 -3.01 -27.04
C LYS A 100 6.55 -3.84 -27.58
N SER A 101 6.31 -4.58 -28.65
CA SER A 101 7.31 -5.41 -29.29
C SER A 101 8.40 -4.51 -29.88
N THR A 102 9.62 -4.55 -29.35
CA THR A 102 10.72 -3.75 -29.87
C THR A 102 11.23 -4.43 -31.15
N TYR A 103 11.99 -3.72 -31.99
CA TYR A 103 12.57 -4.19 -33.23
C TYR A 103 13.83 -3.36 -33.45
N GLU A 104 14.93 -4.02 -33.82
CA GLU A 104 16.23 -3.38 -34.04
C GLU A 104 16.94 -3.92 -35.29
N SER A 105 16.45 -5.01 -35.87
CA SER A 105 16.97 -5.69 -37.04
C SER A 105 16.75 -4.84 -38.30
N ASN A 106 17.70 -3.95 -38.61
CA ASN A 106 17.67 -3.06 -39.77
C ASN A 106 19.09 -2.89 -40.32
N THR A 107 19.26 -2.30 -41.50
CA THR A 107 20.55 -2.07 -42.13
C THR A 107 20.50 -0.75 -42.91
N LYS A 108 21.67 -0.26 -43.36
CA LYS A 108 21.80 0.99 -44.12
C LYS A 108 23.20 1.04 -44.72
N GLN A 109 23.30 1.07 -46.05
CA GLN A 109 24.56 1.15 -46.78
C GLN A 109 24.36 2.18 -47.88
N SER A 110 25.39 2.96 -48.23
CA SER A 110 25.36 3.99 -49.26
C SER A 110 26.80 4.26 -49.70
N GLY A 111 26.98 5.03 -50.77
CA GLY A 111 28.29 5.40 -51.30
C GLY A 111 28.21 6.76 -51.98
N PRO A 112 28.03 7.87 -51.23
CA PRO A 112 27.95 9.20 -51.81
C PRO A 112 29.35 9.70 -52.20
N SER A 113 29.40 10.83 -52.90
CA SER A 113 30.60 11.50 -53.36
C SER A 113 30.28 13.00 -53.46
N SER A 114 31.26 13.82 -53.78
CA SER A 114 31.16 15.26 -53.95
C SER A 114 32.20 15.69 -54.98
N GLY A 115 32.24 16.97 -55.31
CA GLY A 115 33.13 17.63 -56.25
C GLY A 115 32.76 19.10 -56.26
N GLY A 1 2.38 24.67 9.94
CA GLY A 1 3.54 25.34 9.33
C GLY A 1 4.77 25.07 10.17
N SER A 2 5.74 24.32 9.62
CA SER A 2 7.00 23.92 10.27
C SER A 2 6.81 23.27 11.65
N SER A 3 5.60 22.78 11.93
CA SER A 3 5.17 22.15 13.16
C SER A 3 5.83 20.78 13.42
N GLY A 4 6.35 20.10 12.39
CA GLY A 4 7.00 18.81 12.50
C GLY A 4 6.00 17.67 12.67
N SER A 5 5.16 17.75 13.71
CA SER A 5 4.14 16.81 14.12
C SER A 5 3.38 16.23 12.92
N SER A 6 2.79 17.06 12.07
CA SER A 6 2.06 16.69 10.85
C SER A 6 1.95 17.95 9.96
N GLY A 7 1.33 17.82 8.78
CA GLY A 7 1.15 18.91 7.83
C GLY A 7 2.43 19.16 7.06
N GLN A 8 2.94 18.10 6.42
CA GLN A 8 4.15 18.02 5.61
C GLN A 8 4.24 19.08 4.51
N LYS A 9 5.42 19.26 3.89
CA LYS A 9 5.64 20.24 2.83
C LYS A 9 5.79 19.63 1.42
N LYS A 10 5.49 18.35 1.24
CA LYS A 10 5.60 17.67 -0.06
C LYS A 10 4.45 16.68 -0.17
N ASP A 11 3.85 16.53 -1.35
CA ASP A 11 2.74 15.61 -1.58
C ASP A 11 3.22 14.23 -2.04
N THR A 12 2.32 13.26 -1.96
CA THR A 12 2.51 11.86 -2.32
C THR A 12 2.61 11.58 -3.83
N SER A 13 2.53 12.61 -4.68
CA SER A 13 2.57 12.58 -6.13
C SER A 13 3.61 11.63 -6.77
N ASN A 14 4.75 11.38 -6.14
CA ASN A 14 5.80 10.51 -6.69
C ASN A 14 6.26 9.48 -5.66
N HIS A 15 5.36 9.02 -4.79
CA HIS A 15 5.65 8.02 -3.77
C HIS A 15 4.98 6.68 -4.11
N PHE A 16 5.25 5.66 -3.30
CA PHE A 16 4.71 4.31 -3.43
C PHE A 16 3.80 4.12 -2.21
N HIS A 17 2.71 3.36 -2.38
CA HIS A 17 1.75 3.14 -1.29
C HIS A 17 1.50 1.66 -1.05
N VAL A 18 1.23 1.32 0.20
CA VAL A 18 0.99 -0.01 0.71
C VAL A 18 -0.42 -0.08 1.28
N PHE A 19 -1.09 -1.19 0.99
CA PHE A 19 -2.41 -1.56 1.43
C PHE A 19 -2.22 -2.46 2.63
N VAL A 20 -2.98 -2.21 3.69
CA VAL A 20 -2.95 -2.97 4.92
C VAL A 20 -4.40 -3.33 5.24
N GLY A 21 -4.68 -4.53 5.76
CA GLY A 21 -6.02 -4.98 6.09
C GLY A 21 -6.03 -5.90 7.31
N ASP A 22 -7.23 -6.36 7.68
CA ASP A 22 -7.51 -7.26 8.83
C ASP A 22 -7.12 -6.59 10.17
N LEU A 23 -6.97 -5.26 10.18
CA LEU A 23 -6.60 -4.46 11.34
C LEU A 23 -7.66 -4.58 12.44
N SER A 24 -7.20 -4.83 13.68
CA SER A 24 -8.07 -4.94 14.84
C SER A 24 -8.81 -3.58 15.02
N PRO A 25 -10.04 -3.53 15.59
CA PRO A 25 -10.78 -2.28 15.75
C PRO A 25 -10.08 -1.21 16.60
N GLU A 26 -9.17 -1.59 17.49
CA GLU A 26 -8.44 -0.64 18.33
C GLU A 26 -7.37 0.12 17.56
N ILE A 27 -6.89 -0.42 16.44
CA ILE A 27 -5.86 0.17 15.63
C ILE A 27 -6.26 1.54 15.15
N THR A 28 -5.42 2.50 15.49
CA THR A 28 -5.54 3.90 15.15
C THR A 28 -4.43 4.23 14.15
N THR A 29 -4.41 5.45 13.63
CA THR A 29 -3.42 5.88 12.65
C THR A 29 -2.00 5.89 13.22
N GLU A 30 -1.85 6.17 14.51
CA GLU A 30 -0.53 6.19 15.13
C GLU A 30 0.02 4.76 15.22
N ASP A 31 -0.87 3.78 15.42
CA ASP A 31 -0.52 2.36 15.52
C ASP A 31 0.09 1.87 14.22
N ILE A 32 -0.56 2.18 13.08
CA ILE A 32 -0.03 1.77 11.78
C ILE A 32 1.35 2.40 11.62
N LYS A 33 1.45 3.71 11.84
CA LYS A 33 2.74 4.38 11.70
C LYS A 33 3.78 3.71 12.58
N ALA A 34 3.49 3.45 13.85
CA ALA A 34 4.40 2.82 14.78
C ALA A 34 4.91 1.49 14.20
N ALA A 35 4.01 0.67 13.66
CA ALA A 35 4.29 -0.62 13.09
C ALA A 35 5.21 -0.61 11.86
N PHE A 36 4.96 0.31 10.93
CA PHE A 36 5.74 0.43 9.70
C PHE A 36 6.96 1.35 9.82
N ALA A 37 7.09 2.09 10.94
CA ALA A 37 8.18 3.02 11.19
C ALA A 37 9.58 2.40 11.11
N PRO A 38 9.88 1.24 11.72
CA PRO A 38 11.22 0.66 11.63
C PRO A 38 11.57 0.20 10.20
N PHE A 39 10.62 0.29 9.25
CA PHE A 39 10.87 -0.14 7.87
C PHE A 39 11.22 1.04 6.96
N GLY A 40 11.03 2.29 7.40
CA GLY A 40 11.34 3.46 6.63
C GLY A 40 10.54 4.65 7.12
N ARG A 41 10.94 5.86 6.71
CA ARG A 41 10.25 7.07 7.08
C ARG A 41 8.95 7.07 6.29
N ILE A 42 7.83 7.18 6.99
CA ILE A 42 6.50 7.21 6.40
C ILE A 42 6.16 8.67 6.15
N SER A 43 5.40 8.96 5.10
CA SER A 43 4.98 10.31 4.75
C SER A 43 3.47 10.39 4.99
N ASP A 44 2.69 9.64 4.21
CA ASP A 44 1.23 9.58 4.33
C ASP A 44 0.79 8.31 5.04
N ALA A 45 -0.12 8.40 6.00
CA ALA A 45 -0.63 7.26 6.74
C ALA A 45 -1.99 7.59 7.35
N ARG A 46 -2.94 6.66 7.25
CA ARG A 46 -4.30 6.78 7.79
C ARG A 46 -4.96 5.40 7.85
N VAL A 47 -5.98 5.30 8.69
CA VAL A 47 -6.81 4.12 8.90
C VAL A 47 -8.07 4.43 8.10
N VAL A 48 -8.52 3.51 7.26
CA VAL A 48 -9.73 3.73 6.49
C VAL A 48 -10.90 3.58 7.45
N LYS A 49 -11.88 4.46 7.35
CA LYS A 49 -13.06 4.45 8.18
C LYS A 49 -14.30 4.61 7.32
N ASP A 50 -15.43 4.18 7.87
CA ASP A 50 -16.73 4.25 7.22
C ASP A 50 -17.03 5.71 6.99
N MET A 51 -17.13 6.18 5.73
CA MET A 51 -17.42 7.59 5.48
C MET A 51 -18.73 8.06 6.13
N ALA A 52 -19.65 7.16 6.48
CA ALA A 52 -20.93 7.51 7.07
C ALA A 52 -20.94 7.61 8.60
N THR A 53 -19.99 6.99 9.32
CA THR A 53 -19.95 7.00 10.79
C THR A 53 -18.57 7.26 11.38
N GLY A 54 -17.56 7.11 10.54
CA GLY A 54 -16.16 7.31 10.89
C GLY A 54 -15.55 6.15 11.68
N LYS A 55 -16.24 5.01 11.80
CA LYS A 55 -15.73 3.85 12.55
C LYS A 55 -14.72 3.10 11.67
N SER A 56 -13.75 2.41 12.28
CA SER A 56 -12.70 1.67 11.56
C SER A 56 -13.29 0.68 10.56
N LYS A 57 -12.86 0.75 9.29
CA LYS A 57 -13.35 -0.19 8.27
C LYS A 57 -12.72 -1.57 8.52
N GLY A 58 -11.41 -1.62 8.64
CA GLY A 58 -10.56 -2.78 8.86
C GLY A 58 -9.25 -2.64 8.09
N TYR A 59 -9.22 -1.80 7.04
CA TYR A 59 -8.05 -1.53 6.21
C TYR A 59 -7.38 -0.19 6.50
N GLY A 60 -6.19 0.03 5.95
CA GLY A 60 -5.38 1.23 6.10
C GLY A 60 -4.44 1.41 4.92
N PHE A 61 -3.73 2.54 4.88
CA PHE A 61 -2.76 2.88 3.84
C PHE A 61 -1.49 3.44 4.47
N VAL A 62 -0.34 3.20 3.86
CA VAL A 62 0.97 3.68 4.29
C VAL A 62 1.71 4.09 3.02
N SER A 63 2.52 5.15 3.06
CA SER A 63 3.31 5.65 1.94
C SER A 63 4.70 5.97 2.47
N PHE A 64 5.74 5.66 1.69
CA PHE A 64 7.13 5.90 2.05
C PHE A 64 7.88 6.74 1.02
N PHE A 65 8.88 7.48 1.50
CA PHE A 65 9.71 8.31 0.65
C PHE A 65 10.58 7.46 -0.28
N ASN A 66 10.73 6.15 -0.05
CA ASN A 66 11.54 5.26 -0.87
C ASN A 66 10.76 3.97 -1.18
N LYS A 67 11.12 3.27 -2.27
CA LYS A 67 10.45 2.04 -2.70
C LYS A 67 10.77 0.85 -1.80
N TRP A 68 12.05 0.61 -1.58
CA TRP A 68 12.63 -0.47 -0.80
C TRP A 68 12.02 -0.56 0.59
N ASP A 69 11.67 0.60 1.16
CA ASP A 69 11.07 0.70 2.48
C ASP A 69 9.74 -0.07 2.48
N ALA A 70 8.89 0.30 1.51
CA ALA A 70 7.57 -0.26 1.28
C ALA A 70 7.69 -1.74 0.94
N GLU A 71 8.57 -2.09 -0.01
CA GLU A 71 8.77 -3.48 -0.42
C GLU A 71 9.14 -4.36 0.78
N ASN A 72 10.11 -3.94 1.59
CA ASN A 72 10.53 -4.73 2.74
C ASN A 72 9.36 -4.99 3.68
N ALA A 73 8.57 -3.95 3.95
CA ALA A 73 7.41 -4.05 4.81
C ALA A 73 6.39 -5.02 4.21
N ILE A 74 6.05 -4.95 2.91
CA ILE A 74 5.09 -5.89 2.29
C ILE A 74 5.52 -7.34 2.54
N GLN A 75 6.83 -7.59 2.53
CA GLN A 75 7.38 -8.92 2.74
C GLN A 75 7.36 -9.31 4.23
N GLN A 76 8.07 -8.54 5.06
CA GLN A 76 8.25 -8.73 6.48
C GLN A 76 6.96 -8.59 7.29
N MET A 77 6.13 -7.58 7.03
CA MET A 77 4.89 -7.38 7.76
C MET A 77 3.78 -8.35 7.36
N GLY A 78 3.81 -8.89 6.14
CA GLY A 78 2.81 -9.82 5.63
C GLY A 78 2.82 -11.12 6.43
N GLY A 79 1.91 -11.24 7.40
CA GLY A 79 1.77 -12.39 8.27
C GLY A 79 1.93 -12.02 9.75
N GLN A 80 2.36 -10.79 10.06
CA GLN A 80 2.53 -10.33 11.43
C GLN A 80 1.14 -10.02 12.01
N TRP A 81 1.11 -9.61 13.27
CA TRP A 81 -0.09 -9.25 14.00
C TRP A 81 0.06 -7.81 14.47
N LEU A 82 -1.05 -7.14 14.77
CA LEU A 82 -1.04 -5.77 15.23
C LEU A 82 -2.31 -5.56 16.04
N GLY A 83 -2.21 -5.01 17.26
CA GLY A 83 -3.33 -4.71 18.16
C GLY A 83 -4.00 -5.93 18.78
N GLY A 84 -3.92 -7.09 18.13
CA GLY A 84 -4.51 -8.34 18.59
C GLY A 84 -4.90 -9.28 17.45
N ARG A 85 -4.74 -8.91 16.17
CA ARG A 85 -5.10 -9.76 15.04
C ARG A 85 -4.02 -9.72 13.96
N GLN A 86 -3.96 -10.77 13.12
CA GLN A 86 -3.00 -10.85 12.01
C GLN A 86 -3.38 -9.77 11.00
N ILE A 87 -2.43 -9.28 10.22
CA ILE A 87 -2.64 -8.24 9.22
C ILE A 87 -2.14 -8.71 7.84
N ARG A 88 -2.74 -8.16 6.78
CA ARG A 88 -2.37 -8.45 5.38
C ARG A 88 -1.63 -7.24 4.83
N THR A 89 -0.64 -7.41 3.96
CA THR A 89 0.11 -6.30 3.37
C THR A 89 0.37 -6.55 1.89
N ASN A 90 -0.05 -5.65 0.99
CA ASN A 90 0.14 -5.79 -0.45
C ASN A 90 0.29 -4.40 -1.08
N TRP A 91 0.64 -4.35 -2.37
CA TRP A 91 0.76 -3.10 -3.11
C TRP A 91 -0.64 -2.49 -3.24
N ALA A 92 -0.80 -1.20 -2.90
CA ALA A 92 -2.10 -0.54 -2.99
C ALA A 92 -2.46 -0.08 -4.41
N THR A 93 -1.49 0.03 -5.31
CA THR A 93 -1.65 0.49 -6.68
C THR A 93 -0.87 -0.44 -7.63
N ARG A 94 -1.51 -1.47 -8.19
CA ARG A 94 -0.86 -2.41 -9.10
C ARG A 94 -1.82 -2.75 -10.23
N LYS A 95 -1.39 -2.52 -11.47
CA LYS A 95 -2.16 -2.78 -12.71
C LYS A 95 -1.24 -3.48 -13.71
N PRO A 96 -1.77 -4.30 -14.63
CA PRO A 96 -0.97 -4.97 -15.65
C PRO A 96 -0.54 -3.96 -16.74
N PRO A 97 0.52 -4.29 -17.50
CA PRO A 97 1.01 -3.46 -18.61
C PRO A 97 0.06 -3.59 -19.80
N ALA A 98 0.39 -3.02 -20.96
CA ALA A 98 -0.44 -3.10 -22.16
C ALA A 98 0.29 -3.98 -23.19
N PRO A 99 -0.42 -4.57 -24.17
CA PRO A 99 0.19 -5.42 -25.19
C PRO A 99 0.97 -4.62 -26.25
N LYS A 100 1.03 -3.28 -26.11
CA LYS A 100 1.72 -2.35 -26.98
C LYS A 100 2.08 -1.13 -26.13
N SER A 101 3.13 -0.41 -26.50
CA SER A 101 3.64 0.77 -25.83
C SER A 101 3.80 1.89 -26.89
N THR A 102 4.51 2.95 -26.55
CA THR A 102 4.81 4.08 -27.43
C THR A 102 6.34 4.06 -27.58
N TYR A 103 7.01 5.19 -27.81
CA TYR A 103 8.45 5.24 -27.93
C TYR A 103 8.91 6.65 -27.55
N GLU A 104 10.22 6.85 -27.46
CA GLU A 104 10.86 8.11 -27.12
C GLU A 104 11.79 8.42 -28.28
N SER A 105 11.36 9.36 -29.14
CA SER A 105 12.10 9.80 -30.30
C SER A 105 12.39 11.28 -30.07
N ASN A 106 13.66 11.67 -30.20
CA ASN A 106 14.05 13.06 -30.01
C ASN A 106 13.39 13.92 -31.09
N THR A 107 13.02 15.14 -30.72
CA THR A 107 12.38 16.11 -31.61
C THR A 107 13.43 16.79 -32.50
N LYS A 108 12.99 17.62 -33.44
CA LYS A 108 13.84 18.36 -34.36
C LYS A 108 13.12 19.63 -34.78
N GLN A 109 13.83 20.77 -34.76
CA GLN A 109 13.27 22.04 -35.15
C GLN A 109 13.15 22.11 -36.68
N SER A 110 12.27 22.98 -37.17
CA SER A 110 11.99 23.23 -38.57
C SER A 110 11.83 24.76 -38.74
N GLY A 111 11.86 25.25 -39.98
CA GLY A 111 11.74 26.66 -40.29
C GLY A 111 11.01 26.84 -41.62
N PRO A 112 9.67 26.91 -41.64
CA PRO A 112 8.92 27.10 -42.88
C PRO A 112 9.04 28.56 -43.35
N SER A 113 8.52 28.85 -44.54
CA SER A 113 8.51 30.16 -45.17
C SER A 113 7.41 30.15 -46.23
N SER A 114 7.10 31.31 -46.83
CA SER A 114 6.08 31.48 -47.85
C SER A 114 6.49 32.71 -48.66
N GLY A 115 5.91 32.87 -49.84
CA GLY A 115 6.09 33.91 -50.82
C GLY A 115 5.33 33.49 -52.07
N GLY A 1 2.96 16.25 -12.29
CA GLY A 1 4.08 15.63 -11.57
C GLY A 1 5.39 16.11 -12.14
N SER A 2 5.71 17.38 -11.93
CA SER A 2 6.95 17.99 -12.43
C SER A 2 7.83 18.35 -11.24
N SER A 3 9.13 18.47 -11.51
CA SER A 3 10.14 18.77 -10.51
C SER A 3 9.79 20.03 -9.71
N GLY A 4 9.77 19.90 -8.39
CA GLY A 4 9.49 20.99 -7.48
C GLY A 4 8.01 21.27 -7.32
N SER A 5 7.37 21.81 -8.35
CA SER A 5 5.97 22.16 -8.38
C SER A 5 5.04 20.96 -8.49
N SER A 6 4.80 20.29 -7.36
CA SER A 6 3.90 19.15 -7.32
C SER A 6 2.49 19.73 -7.39
N GLY A 7 2.07 20.44 -6.34
CA GLY A 7 0.75 21.05 -6.23
C GLY A 7 -0.18 20.02 -5.61
N GLN A 8 -1.46 20.04 -6.00
CA GLN A 8 -2.48 19.13 -5.48
C GLN A 8 -3.07 18.20 -6.56
N LYS A 9 -2.29 17.80 -7.56
CA LYS A 9 -2.73 16.91 -8.63
C LYS A 9 -1.64 15.88 -8.86
N LYS A 10 -1.93 14.64 -8.46
CA LYS A 10 -1.04 13.48 -8.55
C LYS A 10 0.14 13.64 -7.60
N ASP A 11 -0.07 14.31 -6.46
CA ASP A 11 0.98 14.51 -5.46
C ASP A 11 1.40 13.15 -4.91
N THR A 12 2.55 13.06 -4.24
CA THR A 12 3.09 11.84 -3.65
C THR A 12 3.25 10.73 -4.71
N SER A 13 3.33 11.03 -6.01
CA SER A 13 3.46 10.01 -7.05
C SER A 13 4.82 9.29 -6.93
N ASN A 14 5.86 10.01 -6.51
CA ASN A 14 7.20 9.45 -6.34
C ASN A 14 7.30 8.54 -5.12
N HIS A 15 6.31 8.59 -4.22
CA HIS A 15 6.26 7.77 -3.02
C HIS A 15 5.61 6.42 -3.37
N PHE A 16 5.61 5.49 -2.42
CA PHE A 16 5.07 4.14 -2.58
C PHE A 16 4.03 3.82 -1.51
N HIS A 17 2.76 3.78 -1.89
CA HIS A 17 1.64 3.48 -1.03
C HIS A 17 1.43 1.97 -0.92
N VAL A 18 1.36 1.49 0.31
CA VAL A 18 1.15 0.12 0.72
C VAL A 18 -0.24 0.05 1.35
N PHE A 19 -0.96 -1.01 1.05
CA PHE A 19 -2.28 -1.35 1.56
C PHE A 19 -2.07 -2.25 2.76
N VAL A 20 -2.90 -2.08 3.80
CA VAL A 20 -2.86 -2.89 5.00
C VAL A 20 -4.32 -3.21 5.35
N GLY A 21 -4.64 -4.43 5.73
CA GLY A 21 -5.98 -4.85 6.10
C GLY A 21 -5.99 -5.78 7.30
N ASP A 22 -7.19 -6.19 7.69
CA ASP A 22 -7.58 -7.07 8.80
C ASP A 22 -7.20 -6.56 10.20
N LEU A 23 -6.86 -5.28 10.30
CA LEU A 23 -6.46 -4.60 11.52
C LEU A 23 -7.53 -4.70 12.60
N SER A 24 -7.13 -4.72 13.87
CA SER A 24 -8.08 -4.77 14.98
C SER A 24 -8.85 -3.42 14.91
N PRO A 25 -10.15 -3.36 15.26
CA PRO A 25 -10.94 -2.13 15.19
C PRO A 25 -10.43 -0.98 16.07
N GLU A 26 -9.44 -1.23 16.92
CA GLU A 26 -8.86 -0.21 17.79
C GLU A 26 -7.56 0.39 17.24
N ILE A 27 -6.92 -0.26 16.26
CA ILE A 27 -5.67 0.23 15.67
C ILE A 27 -5.91 1.62 15.11
N THR A 28 -5.21 2.61 15.68
CA THR A 28 -5.34 3.99 15.26
C THR A 28 -4.31 4.30 14.17
N THR A 29 -4.35 5.48 13.58
CA THR A 29 -3.42 5.84 12.51
C THR A 29 -1.97 5.87 13.03
N GLU A 30 -1.76 6.24 14.30
CA GLU A 30 -0.42 6.30 14.87
C GLU A 30 0.12 4.91 15.18
N ASP A 31 -0.76 3.92 15.38
CA ASP A 31 -0.39 2.52 15.66
C ASP A 31 0.27 1.98 14.41
N ILE A 32 -0.38 2.23 13.27
CA ILE A 32 0.10 1.81 11.98
C ILE A 32 1.49 2.39 11.77
N LYS A 33 1.62 3.72 11.98
CA LYS A 33 2.92 4.35 11.81
C LYS A 33 3.97 3.65 12.65
N ALA A 34 3.73 3.40 13.93
CA ALA A 34 4.68 2.73 14.80
C ALA A 34 5.08 1.36 14.24
N ALA A 35 4.10 0.58 13.79
CA ALA A 35 4.32 -0.74 13.25
C ALA A 35 5.22 -0.77 12.02
N PHE A 36 4.98 0.14 11.08
CA PHE A 36 5.72 0.24 9.82
C PHE A 36 6.92 1.21 9.87
N ALA A 37 7.06 2.00 10.93
CA ALA A 37 8.13 2.98 11.09
C ALA A 37 9.53 2.37 11.01
N PRO A 38 9.87 1.25 11.68
CA PRO A 38 11.22 0.71 11.56
C PRO A 38 11.52 0.21 10.14
N PHE A 39 10.55 0.22 9.23
CA PHE A 39 10.76 -0.21 7.86
C PHE A 39 10.99 1.00 6.97
N GLY A 40 10.76 2.24 7.44
CA GLY A 40 10.99 3.42 6.65
C GLY A 40 10.26 4.65 7.14
N ARG A 41 10.68 5.79 6.61
CA ARG A 41 10.09 7.07 6.93
C ARG A 41 8.78 7.11 6.14
N ILE A 42 7.68 7.22 6.86
CA ILE A 42 6.32 7.28 6.32
C ILE A 42 5.95 8.75 6.18
N SER A 43 5.12 9.09 5.19
CA SER A 43 4.65 10.45 4.97
C SER A 43 3.14 10.47 5.23
N ASP A 44 2.35 9.82 4.38
CA ASP A 44 0.89 9.72 4.51
C ASP A 44 0.53 8.36 5.08
N ALA A 45 -0.23 8.30 6.17
CA ALA A 45 -0.67 7.08 6.81
C ALA A 45 -2.10 7.30 7.27
N ARG A 46 -3.01 6.34 7.06
CA ARG A 46 -4.39 6.54 7.49
C ARG A 46 -5.13 5.22 7.60
N VAL A 47 -6.15 5.22 8.45
CA VAL A 47 -7.03 4.10 8.71
C VAL A 47 -8.35 4.50 8.04
N VAL A 48 -8.75 3.75 7.01
CA VAL A 48 -9.97 3.95 6.26
C VAL A 48 -11.14 3.88 7.24
N LYS A 49 -12.14 4.76 7.09
CA LYS A 49 -13.30 4.78 7.97
C LYS A 49 -14.58 4.83 7.15
N ASP A 50 -15.64 4.32 7.74
CA ASP A 50 -16.96 4.28 7.14
C ASP A 50 -17.44 5.70 6.94
N MET A 51 -17.45 6.16 5.69
CA MET A 51 -17.86 7.52 5.33
C MET A 51 -19.24 7.95 5.84
N ALA A 52 -20.10 7.04 6.32
CA ALA A 52 -21.43 7.34 6.84
C ALA A 52 -21.45 7.39 8.38
N THR A 53 -20.48 6.82 9.10
CA THR A 53 -20.47 6.81 10.58
C THR A 53 -19.17 7.26 11.24
N GLY A 54 -18.08 7.16 10.49
CA GLY A 54 -16.72 7.52 10.89
C GLY A 54 -16.05 6.41 11.71
N LYS A 55 -16.57 5.18 11.68
CA LYS A 55 -15.98 4.06 12.43
C LYS A 55 -14.87 3.44 11.60
N SER A 56 -13.91 2.78 12.25
CA SER A 56 -12.80 2.14 11.56
C SER A 56 -13.30 1.05 10.63
N LYS A 57 -12.98 1.15 9.34
CA LYS A 57 -13.38 0.08 8.40
C LYS A 57 -12.52 -1.15 8.66
N GLY A 58 -11.32 -0.97 9.22
CA GLY A 58 -10.38 -2.02 9.55
C GLY A 58 -9.18 -2.06 8.61
N TYR A 59 -9.21 -1.40 7.45
CA TYR A 59 -8.07 -1.33 6.52
C TYR A 59 -7.38 0.05 6.61
N GLY A 60 -6.18 0.18 6.05
CA GLY A 60 -5.43 1.42 6.04
C GLY A 60 -4.42 1.46 4.91
N PHE A 61 -3.72 2.58 4.79
CA PHE A 61 -2.68 2.84 3.80
C PHE A 61 -1.48 3.49 4.46
N VAL A 62 -0.28 3.22 3.95
CA VAL A 62 1.01 3.74 4.42
C VAL A 62 1.82 4.11 3.17
N SER A 63 2.21 5.38 3.03
CA SER A 63 2.99 5.91 1.93
C SER A 63 4.43 6.15 2.40
N PHE A 64 5.37 5.40 1.85
CA PHE A 64 6.80 5.50 2.15
C PHE A 64 7.48 6.34 1.08
N PHE A 65 8.54 7.05 1.46
CA PHE A 65 9.32 7.87 0.55
C PHE A 65 10.07 6.99 -0.45
N ASN A 66 10.62 5.87 0.02
CA ASN A 66 11.40 4.94 -0.79
C ASN A 66 10.69 3.62 -1.00
N LYS A 67 10.89 3.05 -2.18
CA LYS A 67 10.30 1.78 -2.59
C LYS A 67 10.77 0.63 -1.70
N TRP A 68 12.07 0.53 -1.43
CA TRP A 68 12.68 -0.52 -0.63
C TRP A 68 12.11 -0.60 0.77
N ASP A 69 11.75 0.56 1.33
CA ASP A 69 11.19 0.64 2.67
C ASP A 69 9.85 -0.11 2.65
N ALA A 70 9.03 0.19 1.63
CA ALA A 70 7.72 -0.40 1.41
C ALA A 70 7.84 -1.89 1.09
N GLU A 71 8.72 -2.27 0.16
CA GLU A 71 8.92 -3.66 -0.24
C GLU A 71 9.26 -4.52 0.96
N ASN A 72 10.22 -4.05 1.78
CA ASN A 72 10.64 -4.77 2.98
C ASN A 72 9.44 -5.04 3.88
N ALA A 73 8.64 -4.01 4.14
CA ALA A 73 7.45 -4.08 4.95
C ALA A 73 6.42 -5.04 4.37
N ILE A 74 6.05 -4.95 3.08
CA ILE A 74 5.08 -5.84 2.45
C ILE A 74 5.44 -7.30 2.74
N GLN A 75 6.71 -7.65 2.62
CA GLN A 75 7.23 -8.99 2.82
C GLN A 75 7.26 -9.40 4.30
N GLN A 76 7.97 -8.64 5.13
CA GLN A 76 8.10 -8.97 6.55
C GLN A 76 6.80 -8.79 7.30
N MET A 77 6.12 -7.65 7.19
CA MET A 77 4.85 -7.43 7.91
C MET A 77 3.72 -8.32 7.39
N GLY A 78 3.83 -8.84 6.17
CA GLY A 78 2.85 -9.72 5.57
C GLY A 78 2.95 -11.08 6.24
N GLY A 79 2.17 -11.26 7.31
CA GLY A 79 2.12 -12.46 8.13
C GLY A 79 2.27 -12.14 9.62
N GLN A 80 2.57 -10.87 9.96
CA GLN A 80 2.71 -10.42 11.33
C GLN A 80 1.37 -10.03 11.91
N TRP A 81 1.37 -9.75 13.21
CA TRP A 81 0.20 -9.35 13.97
C TRP A 81 0.36 -7.90 14.42
N LEU A 82 -0.76 -7.21 14.65
CA LEU A 82 -0.82 -5.83 15.10
C LEU A 82 -2.14 -5.66 15.85
N GLY A 83 -2.10 -5.13 17.08
CA GLY A 83 -3.30 -4.90 17.87
C GLY A 83 -4.05 -6.16 18.25
N GLY A 84 -3.37 -7.31 18.26
CA GLY A 84 -3.96 -8.58 18.62
C GLY A 84 -4.39 -9.47 17.47
N ARG A 85 -4.26 -9.06 16.19
CA ARG A 85 -4.65 -9.93 15.08
C ARG A 85 -3.68 -9.82 13.91
N GLN A 86 -3.68 -10.80 13.01
CA GLN A 86 -2.80 -10.77 11.83
C GLN A 86 -3.27 -9.63 10.93
N ILE A 87 -2.38 -9.18 10.06
CA ILE A 87 -2.62 -8.11 9.10
C ILE A 87 -2.24 -8.58 7.70
N ARG A 88 -2.83 -7.99 6.66
CA ARG A 88 -2.54 -8.35 5.28
C ARG A 88 -1.93 -7.13 4.62
N THR A 89 -0.80 -7.26 3.95
CA THR A 89 -0.10 -6.18 3.26
C THR A 89 -0.07 -6.48 1.76
N ASN A 90 0.03 -5.45 0.91
CA ASN A 90 0.10 -5.58 -0.55
C ASN A 90 0.31 -4.20 -1.16
N TRP A 91 0.67 -4.13 -2.44
CA TRP A 91 0.87 -2.87 -3.15
C TRP A 91 -0.49 -2.20 -3.34
N ALA A 92 -0.64 -0.93 -2.91
CA ALA A 92 -1.91 -0.23 -3.07
C ALA A 92 -2.01 0.40 -4.47
N THR A 93 -1.00 1.17 -4.85
CA THR A 93 -0.94 1.90 -6.12
C THR A 93 -1.20 1.07 -7.38
N ARG A 94 -0.44 0.01 -7.69
CA ARG A 94 -0.65 -0.77 -8.91
C ARG A 94 -0.43 -2.25 -8.66
N LYS A 95 -1.24 -3.09 -9.32
CA LYS A 95 -1.15 -4.53 -9.20
C LYS A 95 0.02 -5.00 -10.06
N PRO A 96 0.90 -5.88 -9.55
CA PRO A 96 2.04 -6.35 -10.33
C PRO A 96 1.55 -7.26 -11.48
N PRO A 97 2.32 -7.36 -12.57
CA PRO A 97 1.98 -8.19 -13.71
C PRO A 97 2.25 -9.66 -13.41
N ALA A 98 1.89 -10.53 -14.36
CA ALA A 98 2.11 -11.95 -14.23
C ALA A 98 3.62 -12.22 -14.25
N PRO A 99 4.11 -13.18 -13.45
CA PRO A 99 5.53 -13.53 -13.42
C PRO A 99 5.83 -14.28 -14.73
N LYS A 100 6.32 -13.55 -15.73
CA LYS A 100 6.64 -14.14 -17.03
C LYS A 100 7.84 -15.07 -16.89
N SER A 101 7.64 -16.33 -17.27
CA SER A 101 8.66 -17.36 -17.20
C SER A 101 8.78 -17.93 -18.60
N THR A 102 9.73 -17.39 -19.37
CA THR A 102 10.03 -17.76 -20.75
C THR A 102 11.55 -17.67 -20.90
N TYR A 103 12.13 -18.54 -21.74
CA TYR A 103 13.57 -18.55 -21.98
C TYR A 103 13.89 -17.52 -23.06
N GLU A 104 13.99 -16.26 -22.65
CA GLU A 104 14.27 -15.15 -23.54
C GLU A 104 14.96 -14.05 -22.72
N SER A 105 15.95 -13.38 -23.30
CA SER A 105 16.68 -12.30 -22.65
C SER A 105 15.94 -10.98 -22.85
N ASN A 106 16.26 -9.97 -22.05
CA ASN A 106 15.66 -8.65 -22.09
C ASN A 106 16.63 -7.58 -21.57
N THR A 107 16.31 -6.32 -21.82
CA THR A 107 17.06 -5.14 -21.41
C THR A 107 16.11 -3.94 -21.56
N LYS A 108 16.11 -3.00 -20.61
CA LYS A 108 15.29 -1.78 -20.62
C LYS A 108 15.60 -0.91 -19.40
N GLN A 109 15.87 0.38 -19.60
CA GLN A 109 16.14 1.35 -18.54
C GLN A 109 15.68 2.72 -19.06
N SER A 110 15.59 3.74 -18.19
CA SER A 110 15.20 5.11 -18.50
C SER A 110 16.04 6.03 -17.60
N GLY A 111 15.95 7.36 -17.75
CA GLY A 111 16.75 8.26 -16.92
C GLY A 111 16.48 9.73 -17.15
N PRO A 112 15.42 10.30 -16.55
CA PRO A 112 15.13 11.72 -16.68
C PRO A 112 16.13 12.53 -15.84
N SER A 113 16.15 13.84 -16.02
CA SER A 113 17.02 14.78 -15.32
C SER A 113 16.24 16.07 -15.03
N SER A 114 16.94 17.07 -14.49
CA SER A 114 16.36 18.37 -14.19
C SER A 114 16.15 19.13 -15.52
N GLY A 115 15.27 20.13 -15.51
CA GLY A 115 14.93 20.95 -16.65
C GLY A 115 13.45 21.25 -16.63
N GLY A 1 18.95 14.84 3.30
CA GLY A 1 18.69 16.27 3.11
C GLY A 1 17.70 16.45 1.98
N SER A 2 18.18 16.39 0.73
CA SER A 2 17.44 16.56 -0.53
C SER A 2 16.02 16.00 -0.49
N SER A 3 15.07 16.88 -0.17
CA SER A 3 13.65 16.65 -0.08
C SER A 3 12.99 18.04 -0.18
N GLY A 4 12.04 18.22 -1.08
CA GLY A 4 11.34 19.48 -1.27
C GLY A 4 9.87 19.21 -1.54
N SER A 5 8.98 20.02 -0.95
CA SER A 5 7.54 19.91 -1.12
C SER A 5 6.97 21.32 -1.03
N SER A 6 5.86 21.55 -1.71
CA SER A 6 5.16 22.82 -1.78
C SER A 6 3.67 22.64 -1.45
N GLY A 7 3.20 21.39 -1.39
CA GLY A 7 1.83 21.06 -1.09
C GLY A 7 1.42 21.61 0.27
N GLN A 8 0.15 21.96 0.40
CA GLN A 8 -0.43 22.49 1.62
C GLN A 8 -0.38 21.50 2.78
N LYS A 9 -0.29 20.19 2.52
CA LYS A 9 -0.26 19.12 3.52
C LYS A 9 0.84 18.11 3.22
N LYS A 10 0.69 17.31 2.14
CA LYS A 10 1.65 16.27 1.77
C LYS A 10 1.69 16.06 0.28
N ASP A 11 2.87 16.14 -0.33
CA ASP A 11 3.06 15.93 -1.75
C ASP A 11 3.25 14.42 -1.96
N THR A 12 2.19 13.63 -1.80
CA THR A 12 2.24 12.17 -1.97
C THR A 12 2.33 11.76 -3.44
N SER A 13 2.34 12.71 -4.36
CA SER A 13 2.40 12.62 -5.82
C SER A 13 3.54 11.78 -6.42
N ASN A 14 4.41 11.17 -5.61
CA ASN A 14 5.52 10.33 -6.01
C ASN A 14 5.82 9.24 -4.97
N HIS A 15 5.09 9.23 -3.85
CA HIS A 15 5.28 8.25 -2.78
C HIS A 15 4.76 6.89 -3.20
N PHE A 16 5.30 5.86 -2.55
CA PHE A 16 4.97 4.47 -2.76
C PHE A 16 4.00 4.09 -1.65
N HIS A 17 2.72 4.04 -1.98
CA HIS A 17 1.68 3.72 -1.02
C HIS A 17 1.60 2.21 -0.85
N VAL A 18 1.12 1.76 0.31
CA VAL A 18 0.96 0.37 0.70
C VAL A 18 -0.43 0.11 1.24
N PHE A 19 -1.05 -0.97 0.75
CA PHE A 19 -2.36 -1.45 1.18
C PHE A 19 -2.12 -2.30 2.41
N VAL A 20 -2.87 -2.00 3.47
CA VAL A 20 -2.83 -2.70 4.74
C VAL A 20 -4.28 -3.08 5.03
N GLY A 21 -4.51 -4.29 5.51
CA GLY A 21 -5.82 -4.81 5.83
C GLY A 21 -5.75 -5.76 7.01
N ASP A 22 -6.90 -6.33 7.36
CA ASP A 22 -7.11 -7.30 8.45
C ASP A 22 -6.78 -6.71 9.83
N LEU A 23 -6.73 -5.38 9.96
CA LEU A 23 -6.42 -4.73 11.22
C LEU A 23 -7.56 -4.92 12.24
N SER A 24 -7.22 -4.91 13.53
CA SER A 24 -8.25 -5.00 14.56
C SER A 24 -9.01 -3.66 14.45
N PRO A 25 -10.33 -3.59 14.70
CA PRO A 25 -11.11 -2.35 14.60
C PRO A 25 -10.67 -1.27 15.59
N GLU A 26 -9.74 -1.56 16.49
CA GLU A 26 -9.22 -0.62 17.48
C GLU A 26 -7.92 0.03 16.99
N ILE A 27 -7.21 -0.58 16.04
CA ILE A 27 -5.94 -0.07 15.51
C ILE A 27 -6.18 1.31 14.93
N THR A 28 -5.32 2.26 15.26
CA THR A 28 -5.42 3.62 14.78
C THR A 28 -4.24 3.90 13.85
N THR A 29 -4.28 5.05 13.20
CA THR A 29 -3.26 5.52 12.28
C THR A 29 -1.88 5.57 12.96
N GLU A 30 -1.86 5.79 14.27
CA GLU A 30 -0.64 5.85 15.06
C GLU A 30 -0.02 4.47 15.24
N ASP A 31 -0.84 3.42 15.37
CA ASP A 31 -0.39 2.03 15.54
C ASP A 31 0.36 1.65 14.27
N ILE A 32 -0.27 1.92 13.12
CA ILE A 32 0.30 1.64 11.83
C ILE A 32 1.62 2.40 11.70
N LYS A 33 1.64 3.71 12.01
CA LYS A 33 2.88 4.47 11.93
C LYS A 33 3.99 3.84 12.75
N ALA A 34 3.70 3.36 13.96
CA ALA A 34 4.69 2.74 14.82
C ALA A 34 5.19 1.43 14.21
N ALA A 35 4.27 0.59 13.74
CA ALA A 35 4.59 -0.70 13.15
C ALA A 35 5.42 -0.64 11.87
N PHE A 36 5.15 0.32 10.99
CA PHE A 36 5.85 0.48 9.73
C PHE A 36 7.08 1.39 9.86
N ALA A 37 7.19 2.14 10.96
CA ALA A 37 8.31 3.06 11.21
C ALA A 37 9.67 2.37 11.22
N PRO A 38 9.87 1.20 11.85
CA PRO A 38 11.18 0.56 11.84
C PRO A 38 11.57 0.08 10.45
N PHE A 39 10.68 0.15 9.44
CA PHE A 39 10.97 -0.27 8.07
C PHE A 39 11.30 0.92 7.16
N GLY A 40 10.94 2.16 7.53
CA GLY A 40 11.24 3.33 6.72
C GLY A 40 10.50 4.55 7.20
N ARG A 41 10.89 5.71 6.65
CA ARG A 41 10.29 7.00 6.96
C ARG A 41 8.94 7.02 6.26
N ILE A 42 7.87 7.26 7.01
CA ILE A 42 6.51 7.34 6.49
C ILE A 42 6.16 8.81 6.34
N SER A 43 5.29 9.17 5.38
CA SER A 43 4.84 10.53 5.16
C SER A 43 3.32 10.58 5.34
N ASP A 44 2.57 9.84 4.53
CA ASP A 44 1.11 9.76 4.63
C ASP A 44 0.77 8.45 5.33
N ALA A 45 -0.22 8.47 6.20
CA ALA A 45 -0.68 7.32 6.95
C ALA A 45 -2.08 7.61 7.48
N ARG A 46 -3.00 6.67 7.32
CA ARG A 46 -4.37 6.76 7.81
C ARG A 46 -5.04 5.38 7.83
N VAL A 47 -6.12 5.27 8.58
CA VAL A 47 -6.94 4.09 8.72
C VAL A 47 -8.25 4.47 8.04
N VAL A 48 -8.79 3.57 7.21
CA VAL A 48 -10.05 3.82 6.51
C VAL A 48 -11.18 3.65 7.51
N LYS A 49 -12.23 4.47 7.36
CA LYS A 49 -13.40 4.46 8.20
C LYS A 49 -14.65 4.53 7.33
N ASP A 50 -15.78 4.18 7.92
CA ASP A 50 -17.09 4.17 7.30
C ASP A 50 -17.52 5.61 7.11
N MET A 51 -17.75 6.04 5.87
CA MET A 51 -18.15 7.41 5.56
C MET A 51 -19.46 7.84 6.24
N ALA A 52 -20.28 6.91 6.75
CA ALA A 52 -21.54 7.23 7.40
C ALA A 52 -21.48 7.26 8.93
N THR A 53 -20.43 6.72 9.56
CA THR A 53 -20.35 6.69 11.04
C THR A 53 -18.98 7.05 11.59
N GLY A 54 -17.96 7.04 10.73
CA GLY A 54 -16.59 7.32 11.09
C GLY A 54 -15.97 6.15 11.86
N LYS A 55 -16.61 4.98 11.84
CA LYS A 55 -16.14 3.77 12.52
C LYS A 55 -15.05 3.13 11.66
N SER A 56 -14.01 2.59 12.30
CA SER A 56 -12.89 1.96 11.62
C SER A 56 -13.32 0.83 10.69
N LYS A 57 -12.97 0.91 9.39
CA LYS A 57 -13.34 -0.17 8.46
C LYS A 57 -12.49 -1.40 8.74
N GLY A 58 -11.18 -1.23 8.98
CA GLY A 58 -10.24 -2.32 9.26
C GLY A 58 -9.04 -2.29 8.31
N TYR A 59 -9.10 -1.57 7.20
CA TYR A 59 -7.99 -1.43 6.26
C TYR A 59 -7.35 -0.05 6.49
N GLY A 60 -6.12 0.16 6.04
CA GLY A 60 -5.39 1.42 6.19
C GLY A 60 -4.32 1.57 5.12
N PHE A 61 -3.67 2.72 5.03
CA PHE A 61 -2.62 2.98 4.04
C PHE A 61 -1.41 3.60 4.72
N VAL A 62 -0.25 3.43 4.08
CA VAL A 62 1.06 3.94 4.50
C VAL A 62 1.74 4.37 3.21
N SER A 63 2.38 5.54 3.17
CA SER A 63 3.09 6.06 2.01
C SER A 63 4.52 6.34 2.42
N PHE A 64 5.44 5.57 1.85
CA PHE A 64 6.87 5.70 2.11
C PHE A 64 7.52 6.51 1.01
N PHE A 65 8.66 7.11 1.36
CA PHE A 65 9.44 7.90 0.42
C PHE A 65 10.16 6.96 -0.55
N ASN A 66 10.70 5.83 -0.06
CA ASN A 66 11.42 4.87 -0.89
C ASN A 66 10.58 3.64 -1.20
N LYS A 67 10.80 3.08 -2.38
CA LYS A 67 10.11 1.88 -2.83
C LYS A 67 10.50 0.70 -1.93
N TRP A 68 11.80 0.56 -1.67
CA TRP A 68 12.39 -0.50 -0.87
C TRP A 68 11.84 -0.57 0.55
N ASP A 69 11.48 0.59 1.12
CA ASP A 69 10.95 0.66 2.48
C ASP A 69 9.63 -0.11 2.48
N ALA A 70 8.79 0.24 1.50
CA ALA A 70 7.50 -0.37 1.29
C ALA A 70 7.68 -1.86 1.00
N GLU A 71 8.53 -2.22 0.03
CA GLU A 71 8.80 -3.60 -0.36
C GLU A 71 9.14 -4.48 0.85
N ASN A 72 10.12 -4.05 1.66
CA ASN A 72 10.56 -4.78 2.84
C ASN A 72 9.36 -5.04 3.77
N ALA A 73 8.60 -3.99 4.08
CA ALA A 73 7.43 -4.08 4.92
C ALA A 73 6.37 -5.00 4.27
N ILE A 74 6.00 -4.91 2.99
CA ILE A 74 4.99 -5.79 2.35
C ILE A 74 5.33 -7.27 2.60
N GLN A 75 6.62 -7.60 2.60
CA GLN A 75 7.11 -8.94 2.82
C GLN A 75 7.05 -9.32 4.30
N GLN A 76 7.82 -8.62 5.13
CA GLN A 76 7.96 -8.84 6.56
C GLN A 76 6.68 -8.63 7.36
N MET A 77 5.98 -7.52 7.16
CA MET A 77 4.74 -7.22 7.89
C MET A 77 3.59 -8.15 7.50
N GLY A 78 3.57 -8.65 6.27
CA GLY A 78 2.53 -9.51 5.74
C GLY A 78 2.46 -10.90 6.38
N GLY A 79 1.88 -10.97 7.58
CA GLY A 79 1.69 -12.18 8.37
C GLY A 79 1.83 -11.90 9.87
N GLN A 80 2.40 -10.74 10.24
CA GLN A 80 2.57 -10.33 11.62
C GLN A 80 1.23 -9.99 12.25
N TRP A 81 1.24 -9.77 13.56
CA TRP A 81 0.07 -9.39 14.33
C TRP A 81 0.30 -7.94 14.74
N LEU A 82 -0.73 -7.11 14.79
CA LEU A 82 -0.66 -5.72 15.17
C LEU A 82 -1.75 -5.47 16.19
N GLY A 83 -1.36 -5.03 17.38
CA GLY A 83 -2.22 -4.71 18.50
C GLY A 83 -2.81 -5.97 19.14
N GLY A 84 -3.51 -6.78 18.34
CA GLY A 84 -4.13 -8.01 18.76
C GLY A 84 -4.58 -8.93 17.62
N ARG A 85 -4.37 -8.62 16.32
CA ARG A 85 -4.80 -9.50 15.22
C ARG A 85 -3.81 -9.50 14.07
N GLN A 86 -3.83 -10.55 13.25
CA GLN A 86 -2.97 -10.68 12.09
C GLN A 86 -3.33 -9.64 11.04
N ILE A 87 -2.32 -9.02 10.47
CA ILE A 87 -2.49 -8.00 9.44
C ILE A 87 -2.16 -8.60 8.07
N ARG A 88 -2.54 -7.87 7.04
CA ARG A 88 -2.35 -8.21 5.64
C ARG A 88 -1.70 -7.01 4.96
N THR A 89 -0.73 -7.23 4.09
CA THR A 89 -0.03 -6.16 3.38
C THR A 89 0.13 -6.59 1.93
N ASN A 90 -0.15 -5.70 0.97
CA ASN A 90 -0.04 -5.98 -0.46
C ASN A 90 0.14 -4.66 -1.20
N TRP A 91 0.45 -4.68 -2.49
CA TRP A 91 0.61 -3.46 -3.28
C TRP A 91 -0.71 -2.70 -3.28
N ALA A 92 -0.65 -1.41 -2.93
CA ALA A 92 -1.81 -0.52 -2.86
C ALA A 92 -2.49 -0.29 -4.19
N THR A 93 -1.73 0.19 -5.17
CA THR A 93 -2.25 0.50 -6.48
C THR A 93 -2.70 -0.73 -7.27
N ARG A 94 -3.35 -0.50 -8.40
CA ARG A 94 -3.84 -1.53 -9.31
C ARG A 94 -3.36 -1.12 -10.70
N LYS A 95 -3.15 -2.10 -11.57
CA LYS A 95 -2.72 -1.90 -12.96
C LYS A 95 -3.39 -3.01 -13.76
N PRO A 96 -3.70 -2.79 -15.04
CA PRO A 96 -4.36 -3.78 -15.87
C PRO A 96 -3.43 -4.97 -16.15
N PRO A 97 -3.98 -6.13 -16.49
CA PRO A 97 -3.23 -7.35 -16.78
C PRO A 97 -2.64 -7.32 -18.21
N ALA A 98 -1.92 -8.37 -18.59
CA ALA A 98 -1.33 -8.51 -19.92
C ALA A 98 -2.42 -8.99 -20.90
N PRO A 99 -2.27 -8.79 -22.23
CA PRO A 99 -3.26 -9.22 -23.20
C PRO A 99 -3.29 -10.76 -23.30
N LYS A 100 -4.31 -11.32 -23.96
CA LYS A 100 -4.44 -12.76 -24.16
C LYS A 100 -5.24 -12.96 -25.44
N SER A 101 -4.72 -13.77 -26.35
CA SER A 101 -5.35 -14.09 -27.64
C SER A 101 -4.74 -15.40 -28.13
N THR A 102 -5.42 -16.10 -29.05
CA THR A 102 -4.96 -17.36 -29.62
C THR A 102 -5.51 -17.49 -31.07
N TYR A 103 -5.13 -18.55 -31.78
CA TYR A 103 -5.54 -18.85 -33.15
C TYR A 103 -5.88 -20.34 -33.28
N GLU A 104 -6.39 -20.74 -34.44
CA GLU A 104 -6.80 -22.09 -34.84
C GLU A 104 -6.57 -22.16 -36.37
N SER A 105 -6.47 -23.36 -36.97
CA SER A 105 -6.24 -23.56 -38.41
C SER A 105 -6.65 -24.97 -38.89
N ASN A 106 -7.62 -25.65 -38.27
CA ASN A 106 -8.04 -27.00 -38.67
C ASN A 106 -8.59 -27.14 -40.11
N THR A 107 -8.94 -26.04 -40.78
CA THR A 107 -9.49 -25.92 -42.13
C THR A 107 -9.11 -27.07 -43.08
N LYS A 108 -10.12 -27.82 -43.57
CA LYS A 108 -9.92 -28.93 -44.50
C LYS A 108 -11.10 -28.98 -45.49
N GLN A 109 -10.98 -29.81 -46.53
CA GLN A 109 -11.99 -30.02 -47.56
C GLN A 109 -11.77 -31.40 -48.19
N SER A 110 -12.72 -31.85 -49.00
CA SER A 110 -12.76 -33.09 -49.75
C SER A 110 -14.05 -33.02 -50.59
N GLY A 111 -14.16 -33.83 -51.65
CA GLY A 111 -15.33 -33.87 -52.52
C GLY A 111 -14.98 -33.87 -54.01
N PRO A 112 -14.38 -34.93 -54.55
CA PRO A 112 -14.07 -35.00 -55.98
C PRO A 112 -15.38 -35.17 -56.78
N SER A 113 -15.34 -34.98 -58.09
CA SER A 113 -16.50 -35.12 -58.97
C SER A 113 -16.00 -35.42 -60.39
N SER A 114 -16.93 -35.81 -61.27
CA SER A 114 -16.64 -36.12 -62.65
C SER A 114 -16.47 -34.84 -63.48
N GLY A 115 -16.08 -35.01 -64.74
CA GLY A 115 -15.84 -34.01 -65.76
C GLY A 115 -15.53 -34.76 -67.04
N GLY A 1 -17.01 21.95 11.81
CA GLY A 1 -17.28 22.72 10.60
C GLY A 1 -16.01 23.02 9.85
N SER A 2 -16.02 24.15 9.16
CA SER A 2 -14.94 24.70 8.35
C SER A 2 -13.69 24.94 9.21
N SER A 3 -12.53 25.01 8.55
CA SER A 3 -11.26 25.26 9.20
C SER A 3 -10.25 25.73 8.16
N GLY A 4 -9.30 26.56 8.58
CA GLY A 4 -8.24 27.04 7.72
C GLY A 4 -7.20 25.92 7.71
N SER A 5 -6.47 25.73 6.61
CA SER A 5 -5.47 24.67 6.55
C SER A 5 -4.33 25.11 5.65
N SER A 6 -4.60 25.28 4.35
CA SER A 6 -3.69 25.72 3.30
C SER A 6 -2.23 25.30 3.55
N GLY A 7 -1.98 24.00 3.51
CA GLY A 7 -0.66 23.43 3.71
C GLY A 7 -0.58 22.05 3.08
N GLN A 8 -1.22 21.07 3.68
CA GLN A 8 -1.24 19.68 3.23
C GLN A 8 -2.09 19.50 1.97
N LYS A 9 -1.82 18.41 1.25
CA LYS A 9 -2.49 18.01 0.01
C LYS A 9 -2.14 16.54 -0.22
N LYS A 10 -2.79 15.86 -1.16
CA LYS A 10 -2.52 14.47 -1.52
C LYS A 10 -1.45 14.45 -2.64
N ASP A 11 -0.59 15.46 -2.67
CA ASP A 11 0.51 15.72 -3.61
C ASP A 11 1.74 14.83 -3.38
N THR A 12 1.55 13.62 -2.84
CA THR A 12 2.54 12.61 -2.49
C THR A 12 3.21 11.94 -3.72
N SER A 13 3.65 12.72 -4.71
CA SER A 13 4.32 12.18 -5.90
C SER A 13 5.65 11.55 -5.49
N ASN A 14 6.19 10.70 -6.36
CA ASN A 14 7.44 9.94 -6.22
C ASN A 14 7.47 8.97 -5.04
N HIS A 15 6.52 9.04 -4.10
CA HIS A 15 6.41 8.15 -2.96
C HIS A 15 5.55 6.96 -3.43
N PHE A 16 5.78 5.77 -2.87
CA PHE A 16 5.04 4.55 -3.20
C PHE A 16 4.11 4.29 -2.01
N HIS A 17 2.89 3.80 -2.28
CA HIS A 17 1.89 3.54 -1.24
C HIS A 17 1.65 2.05 -1.02
N VAL A 18 1.21 1.66 0.19
CA VAL A 18 0.96 0.28 0.62
C VAL A 18 -0.43 0.17 1.24
N PHE A 19 -1.03 -1.00 1.08
CA PHE A 19 -2.33 -1.43 1.60
C PHE A 19 -2.05 -2.28 2.84
N VAL A 20 -2.87 -2.11 3.87
CA VAL A 20 -2.78 -2.86 5.12
C VAL A 20 -4.21 -3.23 5.50
N GLY A 21 -4.50 -4.50 5.80
CA GLY A 21 -5.83 -4.97 6.17
C GLY A 21 -5.78 -5.94 7.34
N ASP A 22 -6.97 -6.42 7.73
CA ASP A 22 -7.30 -7.35 8.84
C ASP A 22 -6.96 -6.80 10.23
N LEU A 23 -6.63 -5.50 10.30
CA LEU A 23 -6.26 -4.80 11.52
C LEU A 23 -7.34 -4.95 12.58
N SER A 24 -6.93 -5.00 13.85
CA SER A 24 -7.89 -5.09 14.94
C SER A 24 -8.70 -3.78 14.85
N PRO A 25 -10.02 -3.78 15.09
CA PRO A 25 -10.85 -2.57 14.99
C PRO A 25 -10.40 -1.41 15.90
N GLU A 26 -9.56 -1.67 16.88
CA GLU A 26 -9.03 -0.68 17.80
C GLU A 26 -7.81 0.08 17.25
N ILE A 27 -7.15 -0.46 16.22
CA ILE A 27 -5.96 0.11 15.59
C ILE A 27 -6.24 1.51 15.06
N THR A 28 -5.32 2.44 15.33
CA THR A 28 -5.43 3.83 14.91
C THR A 28 -4.32 4.20 13.93
N THR A 29 -4.35 5.43 13.42
CA THR A 29 -3.37 5.92 12.46
C THR A 29 -1.94 5.86 13.05
N GLU A 30 -1.79 6.11 14.35
CA GLU A 30 -0.49 6.10 15.02
C GLU A 30 -0.04 4.67 15.34
N ASP A 31 -0.97 3.71 15.33
CA ASP A 31 -0.65 2.30 15.57
C ASP A 31 0.03 1.82 14.30
N ILE A 32 -0.60 2.09 13.15
CA ILE A 32 -0.07 1.72 11.85
C ILE A 32 1.30 2.36 11.71
N LYS A 33 1.42 3.67 11.95
CA LYS A 33 2.73 4.31 11.84
C LYS A 33 3.76 3.59 12.69
N ALA A 34 3.47 3.30 13.97
CA ALA A 34 4.41 2.61 14.84
C ALA A 34 4.82 1.24 14.27
N ALA A 35 3.90 0.55 13.59
CA ALA A 35 4.15 -0.75 12.99
C ALA A 35 5.09 -0.67 11.79
N PHE A 36 4.88 0.27 10.88
CA PHE A 36 5.70 0.43 9.69
C PHE A 36 6.87 1.41 9.86
N ALA A 37 7.01 2.04 11.02
CA ALA A 37 8.05 3.00 11.36
C ALA A 37 9.46 2.38 11.26
N PRO A 38 9.74 1.19 11.83
CA PRO A 38 11.07 0.59 11.74
C PRO A 38 11.46 0.17 10.33
N PHE A 39 10.59 0.35 9.33
CA PHE A 39 10.88 -0.04 7.96
C PHE A 39 11.35 1.16 7.13
N GLY A 40 11.23 2.40 7.64
CA GLY A 40 11.63 3.59 6.94
C GLY A 40 10.69 4.72 7.30
N ARG A 41 10.98 5.91 6.80
CA ARG A 41 10.16 7.08 7.07
C ARG A 41 8.82 6.97 6.36
N ILE A 42 7.77 7.35 7.07
CA ILE A 42 6.41 7.34 6.56
C ILE A 42 6.07 8.76 6.17
N SER A 43 5.40 8.92 5.04
CA SER A 43 4.97 10.20 4.52
C SER A 43 3.48 10.31 4.89
N ASP A 44 2.64 9.55 4.19
CA ASP A 44 1.19 9.49 4.37
C ASP A 44 0.81 8.22 5.15
N ALA A 45 -0.18 8.28 6.03
CA ALA A 45 -0.65 7.14 6.80
C ALA A 45 -2.00 7.45 7.41
N ARG A 46 -3.00 6.57 7.22
CA ARG A 46 -4.32 6.76 7.79
C ARG A 46 -5.11 5.45 7.80
N VAL A 47 -6.01 5.32 8.77
CA VAL A 47 -6.89 4.17 8.87
C VAL A 47 -8.13 4.64 8.09
N VAL A 48 -8.69 3.77 7.27
CA VAL A 48 -9.87 4.11 6.48
C VAL A 48 -11.06 4.06 7.44
N LYS A 49 -12.06 4.91 7.23
CA LYS A 49 -13.26 4.96 8.07
C LYS A 49 -14.45 5.17 7.14
N ASP A 50 -15.59 4.58 7.50
CA ASP A 50 -16.78 4.72 6.67
C ASP A 50 -17.26 6.16 6.71
N MET A 51 -17.50 6.77 5.55
CA MET A 51 -17.99 8.14 5.45
C MET A 51 -19.40 8.28 6.02
N ALA A 52 -20.14 7.17 6.17
CA ALA A 52 -21.51 7.16 6.68
C ALA A 52 -21.63 6.84 8.16
N THR A 53 -20.57 6.36 8.82
CA THR A 53 -20.65 6.01 10.24
C THR A 53 -19.48 6.52 11.05
N GLY A 54 -18.37 6.86 10.39
CA GLY A 54 -17.17 7.32 11.06
C GLY A 54 -16.55 6.18 11.90
N LYS A 55 -16.85 4.92 11.57
CA LYS A 55 -16.31 3.75 12.27
C LYS A 55 -15.12 3.24 11.47
N SER A 56 -14.19 2.58 12.14
CA SER A 56 -12.99 2.05 11.48
C SER A 56 -13.39 1.05 10.40
N LYS A 57 -12.83 1.21 9.20
CA LYS A 57 -13.10 0.29 8.08
C LYS A 57 -12.34 -1.02 8.24
N GLY A 58 -11.27 -1.02 9.03
CA GLY A 58 -10.45 -2.20 9.30
C GLY A 58 -9.17 -2.19 8.49
N TYR A 59 -9.17 -1.59 7.29
CA TYR A 59 -7.97 -1.49 6.47
C TYR A 59 -7.42 -0.07 6.61
N GLY A 60 -6.19 0.13 6.20
CA GLY A 60 -5.46 1.38 6.23
C GLY A 60 -4.52 1.44 5.04
N PHE A 61 -3.91 2.61 4.86
CA PHE A 61 -2.97 2.85 3.78
C PHE A 61 -1.80 3.62 4.38
N VAL A 62 -0.61 3.36 3.84
CA VAL A 62 0.64 3.97 4.24
C VAL A 62 1.37 4.39 2.95
N SER A 63 2.31 5.33 3.02
CA SER A 63 3.10 5.83 1.91
C SER A 63 4.49 6.07 2.50
N PHE A 64 5.53 5.67 1.78
CA PHE A 64 6.90 5.80 2.24
C PHE A 64 7.74 6.60 1.25
N PHE A 65 8.92 7.03 1.67
CA PHE A 65 9.80 7.81 0.81
C PHE A 65 10.60 6.95 -0.19
N ASN A 66 10.89 5.66 0.07
CA ASN A 66 11.65 4.81 -0.86
C ASN A 66 10.87 3.56 -1.21
N LYS A 67 11.10 3.03 -2.41
CA LYS A 67 10.43 1.82 -2.88
C LYS A 67 10.78 0.63 -1.97
N TRP A 68 12.07 0.47 -1.70
CA TRP A 68 12.62 -0.59 -0.88
C TRP A 68 12.08 -0.57 0.55
N ASP A 69 11.72 0.61 1.05
CA ASP A 69 11.17 0.74 2.40
C ASP A 69 9.87 -0.06 2.42
N ALA A 70 8.99 0.28 1.46
CA ALA A 70 7.68 -0.31 1.25
C ALA A 70 7.75 -1.81 0.99
N GLU A 71 8.50 -2.22 -0.05
CA GLU A 71 8.69 -3.61 -0.46
C GLU A 71 9.04 -4.50 0.73
N ASN A 72 10.06 -4.08 1.50
CA ASN A 72 10.52 -4.82 2.65
C ASN A 72 9.38 -5.09 3.62
N ALA A 73 8.56 -4.07 3.92
CA ALA A 73 7.44 -4.24 4.82
C ALA A 73 6.37 -5.13 4.20
N ILE A 74 6.03 -4.99 2.91
CA ILE A 74 5.02 -5.85 2.29
C ILE A 74 5.41 -7.32 2.56
N GLN A 75 6.70 -7.65 2.40
CA GLN A 75 7.26 -8.98 2.63
C GLN A 75 7.23 -9.37 4.11
N GLN A 76 7.92 -8.61 4.96
CA GLN A 76 8.08 -8.81 6.40
C GLN A 76 6.77 -8.73 7.19
N MET A 77 6.10 -7.58 7.13
CA MET A 77 4.85 -7.31 7.86
C MET A 77 3.68 -8.21 7.41
N GLY A 78 3.75 -8.79 6.22
CA GLY A 78 2.71 -9.69 5.71
C GLY A 78 2.61 -10.91 6.62
N GLY A 79 1.56 -10.97 7.45
CA GLY A 79 1.33 -12.06 8.38
C GLY A 79 1.66 -11.69 9.83
N GLN A 80 2.29 -10.54 10.07
CA GLN A 80 2.61 -10.12 11.45
C GLN A 80 1.29 -9.77 12.15
N TRP A 81 1.32 -9.62 13.47
CA TRP A 81 0.16 -9.27 14.27
C TRP A 81 0.34 -7.83 14.75
N LEU A 82 -0.74 -7.05 14.79
CA LEU A 82 -0.73 -5.66 15.23
C LEU A 82 -2.02 -5.47 16.04
N GLY A 83 -1.92 -4.90 17.25
CA GLY A 83 -3.04 -4.66 18.14
C GLY A 83 -3.44 -5.94 18.86
N GLY A 84 -3.69 -6.99 18.09
CA GLY A 84 -4.07 -8.29 18.58
C GLY A 84 -4.53 -9.24 17.48
N ARG A 85 -4.44 -8.88 16.20
CA ARG A 85 -4.85 -9.71 15.06
C ARG A 85 -3.79 -9.62 13.99
N GLN A 86 -3.74 -10.60 13.08
CA GLN A 86 -2.77 -10.60 12.00
C GLN A 86 -3.11 -9.46 11.05
N ILE A 87 -2.18 -9.11 10.16
CA ILE A 87 -2.37 -8.05 9.17
C ILE A 87 -1.93 -8.57 7.80
N ARG A 88 -2.63 -8.12 6.76
CA ARG A 88 -2.35 -8.46 5.36
C ARG A 88 -1.78 -7.20 4.74
N THR A 89 -0.73 -7.32 3.94
CA THR A 89 -0.04 -6.22 3.26
C THR A 89 -0.06 -6.50 1.77
N ASN A 90 -0.01 -5.48 0.91
CA ASN A 90 0.01 -5.62 -0.54
C ASN A 90 0.24 -4.24 -1.17
N TRP A 91 0.57 -4.23 -2.46
CA TRP A 91 0.77 -3.02 -3.24
C TRP A 91 -0.58 -2.31 -3.34
N ALA A 92 -0.68 -1.07 -2.86
CA ALA A 92 -1.95 -0.34 -2.93
C ALA A 92 -2.42 -0.18 -4.39
N THR A 93 -1.47 0.03 -5.31
CA THR A 93 -1.71 0.19 -6.74
C THR A 93 -2.23 -1.12 -7.33
N ARG A 94 -3.02 -1.00 -8.41
CA ARG A 94 -3.59 -2.12 -9.14
C ARG A 94 -3.23 -1.98 -10.62
N LYS A 95 -3.43 -3.06 -11.37
CA LYS A 95 -3.19 -3.16 -12.80
C LYS A 95 -4.30 -4.09 -13.30
N PRO A 96 -5.02 -3.75 -14.38
CA PRO A 96 -6.12 -4.56 -14.91
C PRO A 96 -5.71 -5.93 -15.44
N PRO A 97 -6.59 -6.94 -15.40
CA PRO A 97 -6.29 -8.28 -15.88
C PRO A 97 -6.24 -8.35 -17.41
N ALA A 98 -5.66 -9.44 -17.93
CA ALA A 98 -5.47 -9.76 -19.34
C ALA A 98 -5.44 -11.29 -19.49
N PRO A 99 -5.65 -11.86 -20.70
CA PRO A 99 -5.63 -13.30 -20.93
C PRO A 99 -4.19 -13.81 -21.16
N LYS A 100 -3.96 -15.11 -21.02
CA LYS A 100 -2.66 -15.78 -21.24
C LYS A 100 -2.87 -17.27 -21.36
N SER A 101 -2.12 -17.95 -22.22
CA SER A 101 -2.18 -19.39 -22.44
C SER A 101 -1.02 -19.74 -23.35
N THR A 102 0.03 -20.35 -22.81
CA THR A 102 1.20 -20.73 -23.58
C THR A 102 1.71 -22.06 -23.02
N TYR A 103 1.80 -23.06 -23.89
CA TYR A 103 2.26 -24.41 -23.62
C TYR A 103 2.54 -25.06 -24.97
N GLU A 104 3.14 -26.24 -24.96
CA GLU A 104 3.46 -27.07 -26.10
C GLU A 104 3.71 -28.42 -25.45
N SER A 105 2.74 -29.32 -25.57
CA SER A 105 2.73 -30.68 -25.06
C SER A 105 1.43 -31.31 -25.56
N ASN A 106 1.46 -32.61 -25.83
CA ASN A 106 0.34 -33.40 -26.30
C ASN A 106 0.62 -34.84 -25.88
N THR A 107 -0.42 -35.67 -25.83
CA THR A 107 -0.32 -37.07 -25.45
C THR A 107 -1.27 -37.90 -26.31
N LYS A 108 -1.16 -39.23 -26.22
CA LYS A 108 -2.00 -40.17 -26.95
C LYS A 108 -2.25 -41.37 -26.05
N GLN A 109 -1.18 -42.03 -25.63
CA GLN A 109 -1.15 -43.21 -24.76
C GLN A 109 0.08 -43.07 -23.88
N SER A 110 0.16 -43.90 -22.84
CA SER A 110 1.24 -43.98 -21.86
C SER A 110 1.20 -45.42 -21.31
N GLY A 111 2.12 -45.76 -20.40
CA GLY A 111 2.23 -47.08 -19.76
C GLY A 111 1.98 -48.26 -20.70
N PRO A 112 2.80 -48.44 -21.75
CA PRO A 112 2.61 -49.54 -22.70
C PRO A 112 2.80 -50.89 -22.01
N SER A 113 1.70 -51.61 -21.82
CA SER A 113 1.64 -52.92 -21.20
C SER A 113 0.56 -53.68 -21.95
N SER A 114 0.71 -55.00 -22.10
CA SER A 114 -0.22 -55.89 -22.78
C SER A 114 0.09 -57.33 -22.34
N GLY A 115 -0.72 -58.28 -22.79
CA GLY A 115 -0.64 -59.71 -22.54
C GLY A 115 -1.81 -60.34 -23.26
N GLY A 1 26.41 10.39 -9.57
CA GLY A 1 25.09 11.04 -9.44
C GLY A 1 25.25 12.46 -8.96
N SER A 2 24.53 12.84 -7.90
CA SER A 2 24.54 14.14 -7.26
C SER A 2 24.10 13.95 -5.81
N SER A 3 24.36 14.91 -4.91
CA SER A 3 23.95 14.80 -3.52
C SER A 3 22.42 14.94 -3.40
N GLY A 4 21.74 15.35 -4.47
CA GLY A 4 20.30 15.54 -4.53
C GLY A 4 19.92 16.89 -3.95
N SER A 5 18.71 17.33 -4.28
CA SER A 5 18.18 18.61 -3.82
C SER A 5 17.44 18.44 -2.49
N SER A 6 16.84 19.52 -2.01
CA SER A 6 16.06 19.64 -0.79
C SER A 6 14.64 20.03 -1.19
N GLY A 7 13.72 20.12 -0.24
CA GLY A 7 12.34 20.51 -0.47
C GLY A 7 11.42 19.50 0.18
N GLN A 8 10.29 19.97 0.72
CA GLN A 8 9.33 19.09 1.36
C GLN A 8 8.50 18.49 0.24
N LYS A 9 8.64 17.19 -0.02
CA LYS A 9 7.84 16.51 -1.06
C LYS A 9 6.46 16.22 -0.47
N LYS A 10 5.74 17.29 -0.13
CA LYS A 10 4.41 17.27 0.45
C LYS A 10 3.44 16.49 -0.42
N ASP A 11 3.48 16.72 -1.73
CA ASP A 11 2.62 16.03 -2.67
C ASP A 11 3.08 14.58 -2.78
N THR A 12 2.15 13.64 -2.58
CA THR A 12 2.39 12.21 -2.62
C THR A 12 2.62 11.64 -4.03
N SER A 13 2.68 12.47 -5.08
CA SER A 13 2.87 12.13 -6.49
C SER A 13 3.72 10.90 -6.82
N ASN A 14 4.97 10.84 -6.37
CA ASN A 14 5.90 9.75 -6.66
C ASN A 14 6.14 8.85 -5.45
N HIS A 15 5.31 8.95 -4.40
CA HIS A 15 5.47 8.14 -3.20
C HIS A 15 5.04 6.70 -3.49
N PHE A 16 5.34 5.78 -2.57
CA PHE A 16 5.02 4.37 -2.67
C PHE A 16 4.01 4.03 -1.58
N HIS A 17 2.72 3.95 -1.94
CA HIS A 17 1.62 3.65 -1.03
C HIS A 17 1.38 2.14 -0.98
N VAL A 18 1.28 1.60 0.24
CA VAL A 18 1.05 0.22 0.59
C VAL A 18 -0.36 0.06 1.15
N PHE A 19 -1.00 -1.06 0.80
CA PHE A 19 -2.31 -1.50 1.24
C PHE A 19 -2.09 -2.29 2.51
N VAL A 20 -2.83 -2.00 3.57
CA VAL A 20 -2.76 -2.70 4.83
C VAL A 20 -4.20 -3.06 5.18
N GLY A 21 -4.43 -4.26 5.70
CA GLY A 21 -5.76 -4.74 6.09
C GLY A 21 -5.64 -5.67 7.28
N ASP A 22 -6.78 -6.22 7.71
CA ASP A 22 -6.94 -7.14 8.85
C ASP A 22 -6.69 -6.47 10.20
N LEU A 23 -6.65 -5.14 10.21
CA LEU A 23 -6.45 -4.35 11.41
C LEU A 23 -7.65 -4.58 12.33
N SER A 24 -7.44 -4.70 13.64
CA SER A 24 -8.56 -4.86 14.57
C SER A 24 -9.34 -3.52 14.55
N PRO A 25 -10.67 -3.51 14.78
CA PRO A 25 -11.49 -2.29 14.78
C PRO A 25 -11.08 -1.23 15.84
N GLU A 26 -10.11 -1.53 16.70
CA GLU A 26 -9.60 -0.64 17.73
C GLU A 26 -8.28 0.03 17.31
N ILE A 27 -7.59 -0.50 16.28
CA ILE A 27 -6.32 0.01 15.77
C ILE A 27 -6.50 1.43 15.25
N THR A 28 -5.57 2.33 15.56
CA THR A 28 -5.63 3.71 15.10
C THR A 28 -4.54 3.92 14.03
N THR A 29 -4.51 5.09 13.42
CA THR A 29 -3.52 5.40 12.40
C THR A 29 -2.10 5.41 13.01
N GLU A 30 -1.99 5.72 14.30
CA GLU A 30 -0.71 5.76 14.99
C GLU A 30 -0.19 4.34 15.18
N ASP A 31 -1.07 3.34 15.36
CA ASP A 31 -0.66 1.94 15.50
C ASP A 31 0.02 1.57 14.20
N ILE A 32 -0.62 1.91 13.07
CA ILE A 32 -0.07 1.62 11.75
C ILE A 32 1.28 2.34 11.65
N LYS A 33 1.36 3.65 11.95
CA LYS A 33 2.63 4.36 11.86
C LYS A 33 3.72 3.66 12.67
N ALA A 34 3.44 3.28 13.91
CA ALA A 34 4.40 2.61 14.78
C ALA A 34 4.83 1.26 14.19
N ALA A 35 3.89 0.46 13.71
CA ALA A 35 4.14 -0.86 13.14
C ALA A 35 5.10 -0.85 11.96
N PHE A 36 4.89 0.09 11.02
CA PHE A 36 5.67 0.24 9.82
C PHE A 36 6.88 1.18 10.01
N ALA A 37 6.97 1.91 11.12
CA ALA A 37 8.07 2.83 11.42
C ALA A 37 9.42 2.15 11.37
N PRO A 38 9.66 0.98 11.99
CA PRO A 38 10.97 0.33 11.93
C PRO A 38 11.37 -0.06 10.50
N PHE A 39 10.49 0.07 9.50
CA PHE A 39 10.81 -0.28 8.12
C PHE A 39 11.19 0.95 7.29
N GLY A 40 10.96 2.17 7.75
CA GLY A 40 11.31 3.37 7.03
C GLY A 40 10.52 4.59 7.48
N ARG A 41 10.88 5.75 6.94
CA ARG A 41 10.23 7.03 7.23
C ARG A 41 8.86 7.01 6.57
N ILE A 42 7.81 7.29 7.33
CA ILE A 42 6.46 7.33 6.78
C ILE A 42 6.07 8.79 6.59
N SER A 43 5.39 9.07 5.48
CA SER A 43 4.94 10.41 5.14
C SER A 43 3.47 10.49 5.53
N ASP A 44 2.64 9.93 4.68
CA ASP A 44 1.20 9.86 4.72
C ASP A 44 0.74 8.48 5.17
N ALA A 45 -0.10 8.38 6.21
CA ALA A 45 -0.63 7.13 6.74
C ALA A 45 -2.02 7.41 7.31
N ARG A 46 -2.98 6.50 7.11
CA ARG A 46 -4.34 6.67 7.63
C ARG A 46 -5.14 5.37 7.66
N VAL A 47 -6.08 5.31 8.60
CA VAL A 47 -7.03 4.21 8.80
C VAL A 47 -8.26 4.68 8.01
N VAL A 48 -8.76 3.85 7.11
CA VAL A 48 -9.93 4.18 6.31
C VAL A 48 -11.14 4.10 7.22
N LYS A 49 -12.09 5.01 7.03
CA LYS A 49 -13.32 5.06 7.81
C LYS A 49 -14.51 5.06 6.88
N ASP A 50 -15.64 4.69 7.47
CA ASP A 50 -16.92 4.61 6.83
C ASP A 50 -17.43 6.02 6.56
N MET A 51 -17.87 6.29 5.35
CA MET A 51 -18.37 7.60 4.94
C MET A 51 -19.78 7.90 5.46
N ALA A 52 -20.47 6.93 6.08
CA ALA A 52 -21.79 7.14 6.62
C ALA A 52 -21.80 7.19 8.14
N THR A 53 -20.79 6.64 8.83
CA THR A 53 -20.75 6.61 10.29
C THR A 53 -19.43 7.07 10.90
N GLY A 54 -18.42 7.26 10.05
CA GLY A 54 -17.09 7.69 10.47
C GLY A 54 -16.43 6.67 11.40
N LYS A 55 -16.72 5.38 11.25
CA LYS A 55 -16.17 4.29 12.04
C LYS A 55 -15.07 3.63 11.23
N SER A 56 -14.13 2.93 11.86
CA SER A 56 -13.02 2.28 11.17
C SER A 56 -13.53 1.20 10.22
N LYS A 57 -13.13 1.28 8.94
CA LYS A 57 -13.50 0.26 7.96
C LYS A 57 -12.68 -1.01 8.22
N GLY A 58 -11.55 -0.90 8.90
CA GLY A 58 -10.65 -2.00 9.23
C GLY A 58 -9.41 -2.06 8.33
N TYR A 59 -9.40 -1.37 7.19
CA TYR A 59 -8.25 -1.31 6.29
C TYR A 59 -7.54 0.05 6.47
N GLY A 60 -6.31 0.18 6.00
CA GLY A 60 -5.52 1.41 6.11
C GLY A 60 -4.47 1.50 5.01
N PHE A 61 -3.84 2.65 4.87
CA PHE A 61 -2.81 2.92 3.87
C PHE A 61 -1.61 3.54 4.56
N VAL A 62 -0.43 3.27 4.01
CA VAL A 62 0.86 3.77 4.46
C VAL A 62 1.60 4.21 3.21
N SER A 63 2.30 5.34 3.25
CA SER A 63 3.04 5.88 2.11
C SER A 63 4.49 6.08 2.57
N PHE A 64 5.43 5.61 1.76
CA PHE A 64 6.86 5.69 2.03
C PHE A 64 7.54 6.49 0.93
N PHE A 65 8.70 7.08 1.24
CA PHE A 65 9.48 7.87 0.28
C PHE A 65 10.23 6.95 -0.70
N ASN A 66 10.46 5.67 -0.38
CA ASN A 66 11.20 4.72 -1.24
C ASN A 66 10.45 3.41 -1.46
N LYS A 67 10.71 2.79 -2.61
CA LYS A 67 10.12 1.52 -3.03
C LYS A 67 10.64 0.39 -2.15
N TRP A 68 11.96 0.29 -2.01
CA TRP A 68 12.65 -0.75 -1.25
C TRP A 68 12.14 -0.87 0.18
N ASP A 69 12.02 0.26 0.85
CA ASP A 69 11.57 0.32 2.24
C ASP A 69 10.16 -0.26 2.33
N ALA A 70 9.28 0.16 1.42
CA ALA A 70 7.89 -0.26 1.33
C ALA A 70 7.83 -1.77 1.03
N GLU A 71 8.60 -2.23 0.04
CA GLU A 71 8.68 -3.63 -0.36
C GLU A 71 9.09 -4.50 0.84
N ASN A 72 10.11 -4.08 1.60
CA ASN A 72 10.59 -4.80 2.77
C ASN A 72 9.41 -5.05 3.68
N ALA A 73 8.61 -4.00 3.94
CA ALA A 73 7.44 -4.11 4.78
C ALA A 73 6.40 -5.05 4.16
N ILE A 74 6.07 -4.98 2.85
CA ILE A 74 5.08 -5.89 2.25
C ILE A 74 5.48 -7.35 2.50
N GLN A 75 6.77 -7.62 2.44
CA GLN A 75 7.32 -8.95 2.65
C GLN A 75 7.26 -9.35 4.13
N GLN A 76 8.02 -8.64 4.96
CA GLN A 76 8.19 -8.86 6.38
C GLN A 76 6.96 -8.62 7.27
N MET A 77 6.21 -7.53 7.08
CA MET A 77 5.02 -7.24 7.88
C MET A 77 3.81 -8.08 7.47
N GLY A 78 3.78 -8.60 6.25
CA GLY A 78 2.68 -9.42 5.76
C GLY A 78 2.51 -10.66 6.62
N GLY A 79 1.41 -10.74 7.37
CA GLY A 79 1.09 -11.85 8.25
C GLY A 79 1.47 -11.58 9.71
N GLN A 80 2.20 -10.51 10.01
CA GLN A 80 2.58 -10.21 11.40
C GLN A 80 1.36 -9.75 12.18
N TRP A 81 1.51 -9.66 13.50
CA TRP A 81 0.44 -9.24 14.39
C TRP A 81 0.68 -7.80 14.84
N LEU A 82 -0.37 -6.99 14.76
CA LEU A 82 -0.37 -5.58 15.12
C LEU A 82 -1.47 -5.37 16.16
N GLY A 83 -1.09 -4.91 17.34
CA GLY A 83 -2.01 -4.63 18.44
C GLY A 83 -2.72 -5.84 19.03
N GLY A 84 -2.59 -7.03 18.43
CA GLY A 84 -3.22 -8.27 18.88
C GLY A 84 -3.82 -9.14 17.78
N ARG A 85 -3.85 -8.72 16.52
CA ARG A 85 -4.40 -9.51 15.40
C ARG A 85 -3.47 -9.45 14.20
N GLN A 86 -3.49 -10.46 13.33
CA GLN A 86 -2.66 -10.50 12.12
C GLN A 86 -3.05 -9.34 11.19
N ILE A 87 -2.17 -9.02 10.24
CA ILE A 87 -2.38 -7.97 9.24
C ILE A 87 -1.97 -8.49 7.86
N ARG A 88 -2.56 -7.93 6.80
CA ARG A 88 -2.26 -8.27 5.41
C ARG A 88 -1.62 -7.03 4.80
N THR A 89 -0.62 -7.18 3.92
CA THR A 89 0.07 -6.08 3.29
C THR A 89 0.28 -6.38 1.81
N ASN A 90 0.03 -5.42 0.91
CA ASN A 90 0.20 -5.60 -0.53
C ASN A 90 0.37 -4.23 -1.21
N TRP A 91 0.65 -4.19 -2.52
CA TRP A 91 0.81 -2.93 -3.25
C TRP A 91 -0.56 -2.28 -3.37
N ALA A 92 -0.75 -1.07 -2.82
CA ALA A 92 -2.04 -0.39 -2.92
C ALA A 92 -2.34 -0.12 -4.39
N THR A 93 -1.33 0.37 -5.13
CA THR A 93 -1.43 0.68 -6.54
C THR A 93 -1.45 -0.67 -7.29
N ARG A 94 -2.63 -1.13 -7.71
CA ARG A 94 -2.77 -2.39 -8.42
C ARG A 94 -2.20 -2.28 -9.84
N LYS A 95 -1.07 -2.92 -10.11
CA LYS A 95 -0.38 -2.95 -11.41
C LYS A 95 0.09 -4.37 -11.70
N PRO A 96 0.18 -4.77 -12.98
CA PRO A 96 0.65 -6.11 -13.32
C PRO A 96 2.16 -6.17 -13.11
N PRO A 97 2.75 -7.37 -12.95
CA PRO A 97 4.19 -7.48 -12.77
C PRO A 97 4.85 -7.15 -14.11
N ALA A 98 6.09 -6.68 -14.10
CA ALA A 98 6.78 -6.33 -15.32
C ALA A 98 8.31 -6.45 -15.16
N PRO A 99 9.05 -6.72 -16.24
CA PRO A 99 10.49 -6.86 -16.20
C PRO A 99 11.15 -5.48 -16.12
N LYS A 100 12.44 -5.49 -15.81
CA LYS A 100 13.33 -4.35 -15.66
C LYS A 100 14.67 -4.84 -16.20
N SER A 101 15.24 -4.11 -17.16
CA SER A 101 16.52 -4.47 -17.79
C SER A 101 17.58 -4.72 -16.72
N THR A 102 17.85 -3.70 -15.92
CA THR A 102 18.83 -3.73 -14.84
C THR A 102 18.49 -2.58 -13.89
N TYR A 103 19.29 -2.45 -12.86
CA TYR A 103 19.22 -1.48 -11.79
C TYR A 103 20.05 -0.25 -12.13
N GLU A 104 21.37 -0.40 -12.20
CA GLU A 104 22.30 0.70 -12.49
C GLU A 104 23.66 0.16 -12.95
N SER A 105 24.62 1.08 -13.14
CA SER A 105 25.98 0.77 -13.54
C SER A 105 26.91 1.90 -13.13
N ASN A 106 27.44 1.86 -11.90
CA ASN A 106 28.36 2.88 -11.39
C ASN A 106 29.23 2.27 -10.30
N THR A 107 30.54 2.52 -10.35
CA THR A 107 31.46 2.00 -9.35
C THR A 107 31.17 2.67 -8.00
N LYS A 108 31.49 1.99 -6.89
CA LYS A 108 31.26 2.55 -5.55
C LYS A 108 31.93 3.91 -5.47
N GLN A 109 31.18 4.92 -5.04
CA GLN A 109 31.66 6.29 -4.88
C GLN A 109 31.29 6.79 -3.49
N SER A 110 31.68 8.01 -3.17
CA SER A 110 31.42 8.72 -1.92
C SER A 110 31.52 10.21 -2.24
N GLY A 111 31.18 11.07 -1.28
CA GLY A 111 31.26 12.50 -1.45
C GLY A 111 31.68 13.14 -0.13
N PRO A 112 32.40 14.28 -0.17
CA PRO A 112 32.84 14.96 1.03
C PRO A 112 31.66 15.64 1.72
N SER A 113 31.92 16.25 2.87
CA SER A 113 30.93 16.96 3.67
C SER A 113 31.61 18.20 4.23
N SER A 114 30.89 19.32 4.26
CA SER A 114 31.36 20.59 4.76
C SER A 114 30.15 21.47 5.09
N GLY A 115 30.37 22.53 5.87
CA GLY A 115 29.36 23.47 6.30
C GLY A 115 29.01 23.12 7.74
N GLY A 1 26.20 19.40 6.53
CA GLY A 1 25.65 18.13 7.00
C GLY A 1 25.05 17.35 5.86
N SER A 2 25.61 16.19 5.55
CA SER A 2 25.14 15.36 4.46
C SER A 2 23.69 14.91 4.71
N SER A 3 23.27 14.81 5.98
CA SER A 3 21.92 14.44 6.36
C SER A 3 21.12 15.75 6.41
N GLY A 4 20.06 15.84 5.63
CA GLY A 4 19.21 17.03 5.58
C GLY A 4 17.92 16.66 4.89
N SER A 5 16.80 16.69 5.61
CA SER A 5 15.51 16.37 5.03
C SER A 5 15.09 17.53 4.12
N SER A 6 15.29 18.77 4.58
CA SER A 6 15.01 20.07 3.95
C SER A 6 13.56 20.33 3.54
N GLY A 7 12.92 19.43 2.79
CA GLY A 7 11.56 19.58 2.33
C GLY A 7 10.51 19.33 3.41
N GLN A 8 9.32 19.87 3.19
CA GLN A 8 8.15 19.74 4.05
C GLN A 8 6.91 19.53 3.16
N LYS A 9 6.98 18.57 2.23
CA LYS A 9 5.87 18.28 1.33
C LYS A 9 4.66 17.77 2.14
N LYS A 10 3.48 17.92 1.54
CA LYS A 10 2.20 17.52 2.13
C LYS A 10 1.46 16.49 1.26
N ASP A 11 2.00 16.10 0.11
CA ASP A 11 1.37 15.11 -0.78
C ASP A 11 2.24 13.84 -0.81
N THR A 12 1.92 12.89 -1.69
CA THR A 12 2.61 11.62 -1.87
C THR A 12 3.08 11.44 -3.31
N SER A 13 3.60 12.51 -3.93
CA SER A 13 4.08 12.43 -5.29
C SER A 13 5.37 11.59 -5.34
N ASN A 14 5.46 10.67 -6.30
CA ASN A 14 6.59 9.76 -6.52
C ASN A 14 6.92 8.86 -5.34
N HIS A 15 6.03 8.75 -4.35
CA HIS A 15 6.22 7.90 -3.17
C HIS A 15 5.76 6.48 -3.51
N PHE A 16 5.90 5.57 -2.54
CA PHE A 16 5.52 4.18 -2.67
C PHE A 16 4.59 3.84 -1.52
N HIS A 17 3.30 3.84 -1.84
CA HIS A 17 2.25 3.53 -0.90
C HIS A 17 2.28 2.05 -0.57
N VAL A 18 1.55 1.64 0.46
CA VAL A 18 1.40 0.30 0.98
C VAL A 18 -0.05 0.18 1.44
N PHE A 19 -0.62 -1.00 1.21
CA PHE A 19 -1.96 -1.35 1.61
C PHE A 19 -1.82 -2.23 2.82
N VAL A 20 -2.67 -2.00 3.82
CA VAL A 20 -2.69 -2.78 5.04
C VAL A 20 -4.16 -3.11 5.28
N GLY A 21 -4.44 -4.33 5.72
CA GLY A 21 -5.79 -4.81 6.00
C GLY A 21 -5.76 -5.75 7.18
N ASP A 22 -6.93 -6.27 7.55
CA ASP A 22 -7.19 -7.19 8.65
C ASP A 22 -6.90 -6.58 10.04
N LEU A 23 -6.55 -5.29 10.09
CA LEU A 23 -6.24 -4.52 11.30
C LEU A 23 -7.36 -4.67 12.34
N SER A 24 -6.99 -4.82 13.61
CA SER A 24 -7.94 -4.94 14.69
C SER A 24 -8.76 -3.63 14.73
N PRO A 25 -10.07 -3.64 15.06
CA PRO A 25 -10.90 -2.42 15.09
C PRO A 25 -10.42 -1.32 16.03
N GLU A 26 -9.56 -1.64 16.99
CA GLU A 26 -9.02 -0.67 17.94
C GLU A 26 -7.75 0.05 17.42
N ILE A 27 -7.15 -0.47 16.33
CA ILE A 27 -5.94 0.11 15.75
C ILE A 27 -6.27 1.49 15.19
N THR A 28 -5.36 2.42 15.41
CA THR A 28 -5.48 3.79 14.96
C THR A 28 -4.33 4.10 14.00
N THR A 29 -4.37 5.30 13.42
CA THR A 29 -3.38 5.78 12.48
C THR A 29 -1.97 5.80 13.08
N GLU A 30 -1.87 6.01 14.41
CA GLU A 30 -0.63 6.06 15.18
C GLU A 30 0.02 4.68 15.28
N ASP A 31 -0.80 3.67 15.53
CA ASP A 31 -0.40 2.26 15.67
C ASP A 31 0.34 1.83 14.40
N ILE A 32 -0.30 2.08 13.26
CA ILE A 32 0.27 1.73 11.97
C ILE A 32 1.58 2.48 11.78
N LYS A 33 1.61 3.80 12.04
CA LYS A 33 2.85 4.55 11.89
C LYS A 33 3.98 3.89 12.68
N ALA A 34 3.74 3.49 13.93
CA ALA A 34 4.76 2.84 14.75
C ALA A 34 5.16 1.50 14.15
N ALA A 35 4.18 0.68 13.75
CA ALA A 35 4.40 -0.63 13.17
C ALA A 35 5.25 -0.59 11.90
N PHE A 36 4.93 0.30 10.96
CA PHE A 36 5.62 0.43 9.69
C PHE A 36 6.84 1.35 9.73
N ALA A 37 7.05 2.11 10.82
CA ALA A 37 8.17 3.05 10.97
C ALA A 37 9.56 2.40 10.89
N PRO A 38 9.86 1.29 11.59
CA PRO A 38 11.18 0.67 11.50
C PRO A 38 11.49 0.13 10.11
N PHE A 39 10.54 0.20 9.17
CA PHE A 39 10.74 -0.27 7.80
C PHE A 39 11.07 0.91 6.88
N GLY A 40 10.80 2.15 7.29
CA GLY A 40 11.09 3.34 6.50
C GLY A 40 10.35 4.56 7.04
N ARG A 41 10.82 5.74 6.65
CA ARG A 41 10.21 6.99 7.07
C ARG A 41 8.90 7.11 6.29
N ILE A 42 7.81 7.18 7.03
CA ILE A 42 6.47 7.30 6.48
C ILE A 42 6.18 8.78 6.24
N SER A 43 5.31 9.06 5.28
CA SER A 43 4.86 10.38 4.90
C SER A 43 3.36 10.41 5.18
N ASP A 44 2.58 9.65 4.43
CA ASP A 44 1.13 9.54 4.59
C ASP A 44 0.81 8.23 5.30
N ALA A 45 -0.21 8.22 6.13
CA ALA A 45 -0.65 7.05 6.87
C ALA A 45 -2.04 7.33 7.42
N ARG A 46 -2.99 6.42 7.20
CA ARG A 46 -4.35 6.58 7.72
C ARG A 46 -5.06 5.23 7.79
N VAL A 47 -6.08 5.19 8.63
CA VAL A 47 -6.94 4.03 8.85
C VAL A 47 -8.23 4.43 8.16
N VAL A 48 -8.66 3.65 7.17
CA VAL A 48 -9.89 3.93 6.45
C VAL A 48 -11.06 3.79 7.40
N LYS A 49 -12.05 4.67 7.26
CA LYS A 49 -13.27 4.67 8.07
C LYS A 49 -14.44 4.88 7.13
N ASP A 50 -15.62 4.45 7.57
CA ASP A 50 -16.82 4.59 6.79
C ASP A 50 -17.26 6.04 6.69
N MET A 51 -17.47 6.56 5.49
CA MET A 51 -17.91 7.93 5.26
C MET A 51 -19.26 8.25 5.92
N ALA A 52 -20.08 7.24 6.25
CA ALA A 52 -21.39 7.39 6.86
C ALA A 52 -21.47 7.00 8.34
N THR A 53 -20.43 6.40 8.92
CA THR A 53 -20.48 6.01 10.34
C THR A 53 -19.24 6.44 11.12
N GLY A 54 -18.13 6.72 10.42
CA GLY A 54 -16.86 7.13 11.02
C GLY A 54 -16.14 5.98 11.72
N LYS A 55 -16.70 4.77 11.67
CA LYS A 55 -16.13 3.57 12.28
C LYS A 55 -15.04 3.07 11.35
N SER A 56 -14.01 2.44 11.91
CA SER A 56 -12.93 1.93 11.09
C SER A 56 -13.39 0.84 10.16
N LYS A 57 -12.94 0.96 8.91
CA LYS A 57 -13.22 -0.03 7.88
C LYS A 57 -12.33 -1.24 8.08
N GLY A 58 -11.27 -1.13 8.90
CA GLY A 58 -10.37 -2.22 9.18
C GLY A 58 -9.14 -2.23 8.27
N TYR A 59 -9.18 -1.56 7.12
CA TYR A 59 -8.04 -1.44 6.21
C TYR A 59 -7.40 -0.06 6.37
N GLY A 60 -6.19 0.13 5.86
CA GLY A 60 -5.46 1.39 5.94
C GLY A 60 -4.48 1.55 4.78
N PHE A 61 -3.79 2.69 4.81
CA PHE A 61 -2.78 3.10 3.85
C PHE A 61 -1.55 3.60 4.61
N VAL A 62 -0.38 3.51 3.97
CA VAL A 62 0.93 3.97 4.43
C VAL A 62 1.62 4.42 3.12
N SER A 63 2.51 5.40 3.13
CA SER A 63 3.26 5.91 1.98
C SER A 63 4.66 6.25 2.46
N PHE A 64 5.65 5.53 1.93
CA PHE A 64 7.05 5.70 2.27
C PHE A 64 7.78 6.55 1.24
N PHE A 65 8.90 7.13 1.66
CA PHE A 65 9.74 7.97 0.81
C PHE A 65 10.51 7.15 -0.25
N ASN A 66 10.60 5.82 -0.13
CA ASN A 66 11.30 4.96 -1.07
C ASN A 66 10.57 3.64 -1.24
N LYS A 67 10.81 2.99 -2.38
CA LYS A 67 10.22 1.71 -2.75
C LYS A 67 10.73 0.58 -1.87
N TRP A 68 12.03 0.54 -1.60
CA TRP A 68 12.69 -0.48 -0.79
C TRP A 68 12.02 -0.65 0.56
N ASP A 69 11.67 0.49 1.17
CA ASP A 69 11.03 0.58 2.47
C ASP A 69 9.67 -0.13 2.41
N ALA A 70 8.89 0.22 1.38
CA ALA A 70 7.57 -0.34 1.14
C ALA A 70 7.67 -1.85 0.87
N GLU A 71 8.54 -2.26 -0.06
CA GLU A 71 8.79 -3.64 -0.43
C GLU A 71 9.09 -4.48 0.81
N ASN A 72 10.02 -3.98 1.64
CA ASN A 72 10.45 -4.61 2.88
C ASN A 72 9.22 -4.86 3.76
N ALA A 73 8.46 -3.81 4.06
CA ALA A 73 7.26 -3.88 4.88
C ALA A 73 6.22 -4.84 4.28
N ILE A 74 5.92 -4.80 2.98
CA ILE A 74 4.95 -5.71 2.37
C ILE A 74 5.34 -7.14 2.74
N GLN A 75 6.61 -7.51 2.55
CA GLN A 75 7.10 -8.85 2.86
C GLN A 75 7.04 -9.16 4.35
N GLN A 76 7.84 -8.46 5.15
CA GLN A 76 7.95 -8.66 6.59
C GLN A 76 6.64 -8.48 7.35
N MET A 77 5.92 -7.38 7.15
CA MET A 77 4.66 -7.18 7.87
C MET A 77 3.57 -8.14 7.40
N GLY A 78 3.75 -8.75 6.22
CA GLY A 78 2.85 -9.72 5.59
C GLY A 78 2.72 -11.03 6.35
N GLY A 79 1.90 -11.00 7.40
CA GLY A 79 1.61 -12.12 8.29
C GLY A 79 1.84 -11.78 9.77
N GLN A 80 2.42 -10.61 10.08
CA GLN A 80 2.68 -10.18 11.45
C GLN A 80 1.34 -9.81 12.13
N TRP A 81 1.39 -9.59 13.44
CA TRP A 81 0.24 -9.22 14.25
C TRP A 81 0.37 -7.77 14.74
N LEU A 82 -0.78 -7.12 14.94
CA LEU A 82 -0.92 -5.75 15.38
C LEU A 82 -2.30 -5.65 16.05
N GLY A 83 -2.39 -5.10 17.26
CA GLY A 83 -3.67 -4.94 17.97
C GLY A 83 -4.34 -6.26 18.33
N GLY A 84 -3.56 -7.33 18.50
CA GLY A 84 -4.07 -8.64 18.85
C GLY A 84 -4.52 -9.46 17.65
N ARG A 85 -4.35 -8.99 16.40
CA ARG A 85 -4.78 -9.75 15.22
C ARG A 85 -3.74 -9.68 14.13
N GLN A 86 -3.71 -10.68 13.25
CA GLN A 86 -2.78 -10.64 12.13
C GLN A 86 -3.29 -9.56 11.17
N ILE A 87 -2.41 -9.09 10.31
CA ILE A 87 -2.73 -8.08 9.32
C ILE A 87 -2.35 -8.64 7.94
N ARG A 88 -2.74 -7.96 6.86
CA ARG A 88 -2.42 -8.33 5.48
C ARG A 88 -1.72 -7.13 4.86
N THR A 89 -0.85 -7.35 3.87
CA THR A 89 -0.11 -6.34 3.15
C THR A 89 -0.04 -6.77 1.68
N ASN A 90 0.02 -5.83 0.74
CA ASN A 90 0.11 -6.11 -0.69
C ASN A 90 0.28 -4.77 -1.41
N TRP A 91 0.57 -4.77 -2.72
CA TRP A 91 0.72 -3.55 -3.49
C TRP A 91 -0.63 -2.83 -3.60
N ALA A 92 -0.78 -1.66 -2.96
CA ALA A 92 -2.01 -0.85 -2.98
C ALA A 92 -2.41 -0.50 -4.42
N THR A 93 -1.41 -0.36 -5.27
CA THR A 93 -1.52 -0.04 -6.67
C THR A 93 -1.90 -1.24 -7.55
N ARG A 94 -1.93 -2.47 -7.01
CA ARG A 94 -2.24 -3.66 -7.79
C ARG A 94 -2.76 -4.80 -6.90
N LYS A 95 -4.05 -4.78 -6.54
CA LYS A 95 -4.62 -5.85 -5.71
C LYS A 95 -4.80 -7.08 -6.62
N PRO A 96 -4.47 -8.31 -6.18
CA PRO A 96 -4.65 -9.50 -7.00
C PRO A 96 -6.16 -9.87 -7.07
N PRO A 97 -6.59 -10.67 -8.05
CA PRO A 97 -8.00 -11.05 -8.18
C PRO A 97 -8.47 -11.85 -6.96
N ALA A 98 -9.77 -11.75 -6.67
CA ALA A 98 -10.41 -12.44 -5.54
C ALA A 98 -10.35 -13.97 -5.70
N PRO A 99 -10.43 -14.74 -4.61
CA PRO A 99 -10.42 -16.19 -4.70
C PRO A 99 -11.76 -16.69 -5.25
N LYS A 100 -11.78 -17.93 -5.74
CA LYS A 100 -12.94 -18.61 -6.31
C LYS A 100 -12.93 -20.07 -5.87
N SER A 101 -13.99 -20.79 -6.22
CA SER A 101 -14.21 -22.19 -5.95
C SER A 101 -13.48 -22.94 -7.06
N THR A 102 -12.68 -23.95 -6.70
CA THR A 102 -11.93 -24.77 -7.63
C THR A 102 -12.13 -26.23 -7.22
N TYR A 103 -13.32 -26.75 -7.51
CA TYR A 103 -13.70 -28.12 -7.20
C TYR A 103 -12.78 -29.06 -7.98
N GLU A 104 -12.53 -30.26 -7.45
CA GLU A 104 -11.67 -31.27 -8.06
C GLU A 104 -12.34 -32.63 -7.94
N SER A 105 -11.98 -33.56 -8.84
CA SER A 105 -12.52 -34.91 -8.87
C SER A 105 -11.52 -35.78 -9.64
N ASN A 106 -10.49 -36.30 -8.96
CA ASN A 106 -9.48 -37.17 -9.56
C ASN A 106 -9.25 -38.35 -8.61
N THR A 107 -8.80 -39.49 -9.14
CA THR A 107 -8.53 -40.71 -8.40
C THR A 107 -7.55 -41.50 -9.28
N LYS A 108 -6.41 -41.95 -8.75
CA LYS A 108 -5.43 -42.71 -9.54
C LYS A 108 -4.55 -43.57 -8.63
N GLN A 109 -5.04 -44.74 -8.24
CA GLN A 109 -4.29 -45.65 -7.39
C GLN A 109 -3.20 -46.31 -8.24
N SER A 110 -2.21 -46.90 -7.58
CA SER A 110 -1.07 -47.60 -8.17
C SER A 110 -0.45 -48.50 -7.11
N GLY A 111 0.57 -49.29 -7.49
CA GLY A 111 1.30 -50.19 -6.62
C GLY A 111 2.74 -49.70 -6.61
N PRO A 112 3.13 -48.77 -5.73
CA PRO A 112 4.47 -48.23 -5.66
C PRO A 112 5.46 -49.17 -4.95
N SER A 113 4.99 -50.26 -4.36
CA SER A 113 5.77 -51.25 -3.63
C SER A 113 5.31 -52.66 -4.01
N SER A 114 6.03 -53.67 -3.55
CA SER A 114 5.72 -55.08 -3.81
C SER A 114 4.58 -55.60 -2.93
N GLY A 115 4.00 -54.75 -2.09
CA GLY A 115 2.91 -54.98 -1.15
C GLY A 115 2.83 -53.73 -0.29
N GLY A 1 12.93 11.29 -12.79
CA GLY A 1 14.34 11.47 -13.15
C GLY A 1 15.16 11.68 -11.89
N SER A 2 16.44 11.30 -11.91
CA SER A 2 17.33 11.43 -10.76
C SER A 2 17.33 12.88 -10.25
N SER A 3 17.33 13.05 -8.93
CA SER A 3 17.32 14.27 -8.14
C SER A 3 17.11 13.84 -6.68
N GLY A 4 17.33 14.75 -5.73
CA GLY A 4 17.16 14.50 -4.31
C GLY A 4 15.67 14.55 -3.97
N SER A 5 15.32 15.03 -2.78
CA SER A 5 13.92 15.13 -2.39
C SER A 5 13.26 16.29 -3.15
N SER A 6 11.94 16.28 -3.25
CA SER A 6 11.12 17.28 -3.93
C SER A 6 9.71 17.23 -3.35
N GLY A 7 8.78 18.03 -3.90
CA GLY A 7 7.39 18.10 -3.49
C GLY A 7 6.99 19.53 -3.17
N GLN A 8 5.92 20.03 -3.79
CA GLN A 8 5.40 21.40 -3.58
C GLN A 8 3.91 21.41 -3.26
N LYS A 9 3.23 20.26 -3.28
CA LYS A 9 1.82 20.15 -2.95
C LYS A 9 1.73 19.08 -1.87
N LYS A 10 0.70 19.16 -1.05
CA LYS A 10 0.48 18.24 0.06
C LYS A 10 0.13 16.81 -0.35
N ASP A 11 -0.11 16.55 -1.64
CA ASP A 11 -0.43 15.23 -2.16
C ASP A 11 0.79 14.32 -2.05
N THR A 12 0.60 13.01 -2.14
CA THR A 12 1.64 11.99 -2.09
C THR A 12 1.60 11.37 -3.49
N SER A 13 2.42 11.87 -4.42
CA SER A 13 2.46 11.40 -5.80
C SER A 13 3.77 10.66 -6.14
N ASN A 14 4.86 11.00 -5.47
CA ASN A 14 6.18 10.39 -5.70
C ASN A 14 6.39 9.12 -4.86
N HIS A 15 5.56 8.89 -3.84
CA HIS A 15 5.65 7.75 -2.95
C HIS A 15 5.03 6.49 -3.55
N PHE A 16 5.27 5.34 -2.91
CA PHE A 16 4.79 4.02 -3.30
C PHE A 16 3.84 3.62 -2.17
N HIS A 17 2.54 3.80 -2.39
CA HIS A 17 1.51 3.52 -1.40
C HIS A 17 1.22 2.03 -1.23
N VAL A 18 1.28 1.61 0.03
CA VAL A 18 1.04 0.26 0.48
C VAL A 18 -0.37 0.20 1.08
N PHE A 19 -0.99 -0.96 0.95
CA PHE A 19 -2.29 -1.37 1.43
C PHE A 19 -2.05 -2.28 2.62
N VAL A 20 -2.83 -2.09 3.67
CA VAL A 20 -2.78 -2.88 4.88
C VAL A 20 -4.24 -3.29 5.14
N GLY A 21 -4.47 -4.50 5.63
CA GLY A 21 -5.81 -4.99 5.90
C GLY A 21 -5.80 -5.99 7.04
N ASP A 22 -6.99 -6.51 7.35
CA ASP A 22 -7.29 -7.48 8.40
C ASP A 22 -7.14 -6.94 9.83
N LEU A 23 -6.78 -5.66 9.95
CA LEU A 23 -6.54 -4.91 11.17
C LEU A 23 -7.67 -5.03 12.20
N SER A 24 -7.28 -4.94 13.48
CA SER A 24 -8.22 -4.98 14.59
C SER A 24 -9.01 -3.65 14.50
N PRO A 25 -10.18 -3.52 15.15
CA PRO A 25 -10.96 -2.29 15.05
C PRO A 25 -10.33 -1.12 15.81
N GLU A 26 -9.61 -1.42 16.88
CA GLU A 26 -8.95 -0.46 17.77
C GLU A 26 -7.72 0.21 17.15
N ILE A 27 -7.19 -0.35 16.07
CA ILE A 27 -6.01 0.13 15.38
C ILE A 27 -6.24 1.54 14.87
N THR A 28 -5.44 2.46 15.39
CA THR A 28 -5.50 3.86 14.99
C THR A 28 -4.37 4.09 13.99
N THR A 29 -4.35 5.26 13.35
CA THR A 29 -3.33 5.65 12.38
C THR A 29 -1.92 5.53 12.96
N GLU A 30 -1.79 5.74 14.27
CA GLU A 30 -0.54 5.68 14.99
C GLU A 30 -0.05 4.26 15.16
N ASP A 31 -0.95 3.30 15.33
CA ASP A 31 -0.59 1.89 15.49
C ASP A 31 0.14 1.47 14.22
N ILE A 32 -0.46 1.82 13.08
CA ILE A 32 0.07 1.53 11.77
C ILE A 32 1.43 2.24 11.65
N LYS A 33 1.50 3.56 11.87
CA LYS A 33 2.78 4.25 11.76
C LYS A 33 3.87 3.58 12.59
N ALA A 34 3.59 3.26 13.85
CA ALA A 34 4.54 2.63 14.74
C ALA A 34 4.96 1.24 14.25
N ALA A 35 4.08 0.53 13.55
CA ALA A 35 4.32 -0.81 13.02
C ALA A 35 5.26 -0.78 11.81
N PHE A 36 5.02 0.18 10.90
CA PHE A 36 5.78 0.35 9.67
C PHE A 36 6.99 1.31 9.86
N ALA A 37 7.09 1.99 10.99
CA ALA A 37 8.15 2.93 11.34
C ALA A 37 9.55 2.33 11.25
N PRO A 38 9.82 1.09 11.74
CA PRO A 38 11.16 0.52 11.64
C PRO A 38 11.51 0.10 10.21
N PHE A 39 10.60 0.29 9.23
CA PHE A 39 10.86 -0.06 7.84
C PHE A 39 11.27 1.17 7.04
N GLY A 40 10.89 2.37 7.46
CA GLY A 40 11.25 3.57 6.75
C GLY A 40 10.46 4.76 7.24
N ARG A 41 10.85 5.93 6.76
CA ARG A 41 10.20 7.18 7.09
C ARG A 41 8.93 7.23 6.27
N ILE A 42 7.82 7.27 6.97
CA ILE A 42 6.48 7.32 6.42
C ILE A 42 6.13 8.80 6.22
N SER A 43 5.39 9.08 5.16
CA SER A 43 4.92 10.41 4.82
C SER A 43 3.47 10.41 5.30
N ASP A 44 2.60 9.85 4.48
CA ASP A 44 1.17 9.72 4.72
C ASP A 44 0.81 8.30 5.13
N ALA A 45 -0.13 8.15 6.06
CA ALA A 45 -0.65 6.91 6.59
C ALA A 45 -1.94 7.22 7.34
N ARG A 46 -2.95 6.35 7.24
CA ARG A 46 -4.24 6.48 7.93
C ARG A 46 -4.93 5.13 7.95
N VAL A 47 -6.01 5.03 8.72
CA VAL A 47 -6.84 3.84 8.84
C VAL A 47 -8.13 4.24 8.15
N VAL A 48 -8.57 3.47 7.15
CA VAL A 48 -9.80 3.77 6.46
C VAL A 48 -10.95 3.64 7.45
N LYS A 49 -11.93 4.54 7.36
CA LYS A 49 -13.09 4.55 8.20
C LYS A 49 -14.29 4.78 7.29
N ASP A 50 -15.44 4.22 7.64
CA ASP A 50 -16.67 4.36 6.86
C ASP A 50 -16.99 5.84 6.76
N MET A 51 -17.27 6.34 5.57
CA MET A 51 -17.59 7.75 5.41
C MET A 51 -18.81 8.18 6.22
N ALA A 52 -19.77 7.28 6.44
CA ALA A 52 -20.99 7.59 7.18
C ALA A 52 -20.97 7.28 8.67
N THR A 53 -20.42 6.16 9.10
CA THR A 53 -20.39 5.78 10.52
C THR A 53 -19.09 6.17 11.22
N GLY A 54 -18.07 6.48 10.42
CA GLY A 54 -16.75 6.87 10.89
C GLY A 54 -16.02 5.74 11.62
N LYS A 55 -16.53 4.51 11.53
CA LYS A 55 -15.98 3.34 12.18
C LYS A 55 -14.83 2.76 11.38
N SER A 56 -13.89 2.15 12.08
CA SER A 56 -12.68 1.53 11.58
C SER A 56 -13.05 0.49 10.52
N LYS A 57 -12.76 0.74 9.24
CA LYS A 57 -13.09 -0.21 8.17
C LYS A 57 -12.28 -1.51 8.24
N GLY A 58 -11.11 -1.50 8.87
CA GLY A 58 -10.26 -2.67 9.00
C GLY A 58 -9.08 -2.59 8.03
N TYR A 59 -9.16 -1.76 6.99
CA TYR A 59 -8.07 -1.56 6.04
C TYR A 59 -7.37 -0.23 6.32
N GLY A 60 -6.12 -0.09 5.88
CA GLY A 60 -5.30 1.09 6.07
C GLY A 60 -4.38 1.31 4.87
N PHE A 61 -3.61 2.41 4.88
CA PHE A 61 -2.66 2.77 3.83
C PHE A 61 -1.41 3.35 4.47
N VAL A 62 -0.26 3.23 3.80
CA VAL A 62 1.03 3.73 4.25
C VAL A 62 1.84 4.14 3.01
N SER A 63 2.41 5.34 2.99
CA SER A 63 3.23 5.90 1.92
C SER A 63 4.62 6.17 2.51
N PHE A 64 5.71 5.69 1.90
CA PHE A 64 7.08 5.88 2.38
C PHE A 64 7.86 6.75 1.39
N PHE A 65 9.01 7.27 1.81
CA PHE A 65 9.84 8.11 0.93
C PHE A 65 10.57 7.28 -0.15
N ASN A 66 10.55 5.94 -0.07
CA ASN A 66 11.21 5.06 -1.05
C ASN A 66 10.45 3.76 -1.24
N LYS A 67 10.81 3.05 -2.32
CA LYS A 67 10.22 1.77 -2.71
C LYS A 67 10.67 0.64 -1.79
N TRP A 68 11.97 0.53 -1.51
CA TRP A 68 12.53 -0.53 -0.67
C TRP A 68 11.91 -0.55 0.72
N ASP A 69 11.66 0.64 1.28
CA ASP A 69 11.07 0.79 2.60
C ASP A 69 9.73 0.06 2.62
N ALA A 70 8.93 0.33 1.58
CA ALA A 70 7.61 -0.21 1.34
C ALA A 70 7.67 -1.72 1.04
N GLU A 71 8.45 -2.13 0.04
CA GLU A 71 8.59 -3.54 -0.36
C GLU A 71 9.02 -4.42 0.81
N ASN A 72 9.99 -3.97 1.60
CA ASN A 72 10.49 -4.74 2.74
C ASN A 72 9.35 -5.04 3.71
N ALA A 73 8.52 -4.03 3.99
CA ALA A 73 7.39 -4.14 4.87
C ALA A 73 6.33 -5.05 4.25
N ILE A 74 5.99 -4.93 2.97
CA ILE A 74 4.99 -5.78 2.32
C ILE A 74 5.31 -7.25 2.55
N GLN A 75 6.59 -7.59 2.52
CA GLN A 75 7.09 -8.94 2.73
C GLN A 75 6.97 -9.35 4.20
N GLN A 76 7.76 -8.69 5.06
CA GLN A 76 7.90 -8.90 6.48
C GLN A 76 6.59 -8.73 7.27
N MET A 77 5.96 -7.55 7.18
CA MET A 77 4.73 -7.26 7.90
C MET A 77 3.53 -8.11 7.46
N GLY A 78 3.54 -8.63 6.23
CA GLY A 78 2.46 -9.44 5.69
C GLY A 78 2.33 -10.77 6.42
N GLY A 79 1.50 -10.80 7.46
CA GLY A 79 1.23 -11.96 8.29
C GLY A 79 1.54 -11.73 9.78
N GLN A 80 2.13 -10.60 10.14
CA GLN A 80 2.43 -10.31 11.54
C GLN A 80 1.14 -9.95 12.27
N TRP A 81 1.25 -9.78 13.59
CA TRP A 81 0.17 -9.41 14.49
C TRP A 81 0.46 -7.99 14.94
N LEU A 82 -0.53 -7.09 14.83
CA LEU A 82 -0.45 -5.69 15.17
C LEU A 82 -1.56 -5.37 16.16
N GLY A 83 -1.20 -4.82 17.31
CA GLY A 83 -2.11 -4.42 18.37
C GLY A 83 -2.67 -5.63 19.10
N GLY A 84 -3.37 -6.51 18.39
CA GLY A 84 -3.97 -7.71 18.94
C GLY A 84 -4.44 -8.73 17.91
N ARG A 85 -4.33 -8.47 16.59
CA ARG A 85 -4.77 -9.39 15.53
C ARG A 85 -3.80 -9.37 14.34
N GLN A 86 -3.93 -10.36 13.45
CA GLN A 86 -3.09 -10.48 12.26
C GLN A 86 -3.40 -9.34 11.28
N ILE A 87 -2.47 -9.11 10.34
CA ILE A 87 -2.59 -8.10 9.31
C ILE A 87 -2.08 -8.65 7.96
N ARG A 88 -2.54 -8.05 6.86
CA ARG A 88 -2.14 -8.41 5.50
C ARG A 88 -1.56 -7.15 4.86
N THR A 89 -0.59 -7.25 3.95
CA THR A 89 0.03 -6.11 3.29
C THR A 89 0.25 -6.41 1.81
N ASN A 90 -0.09 -5.47 0.93
CA ASN A 90 0.07 -5.59 -0.52
C ASN A 90 0.14 -4.19 -1.14
N TRP A 91 0.34 -4.05 -2.44
CA TRP A 91 0.40 -2.74 -3.09
C TRP A 91 -0.99 -2.14 -3.21
N ALA A 92 -1.14 -0.86 -2.85
CA ALA A 92 -2.41 -0.16 -2.94
C ALA A 92 -2.62 0.20 -4.42
N THR A 93 -1.62 0.85 -5.02
CA THR A 93 -1.62 1.26 -6.41
C THR A 93 -1.62 -0.01 -7.27
N ARG A 94 -2.58 -0.14 -8.20
CA ARG A 94 -2.75 -1.30 -9.08
C ARG A 94 -3.00 -0.85 -10.53
N LYS A 95 -3.39 -1.80 -11.40
CA LYS A 95 -3.67 -1.57 -12.82
C LYS A 95 -4.95 -2.30 -13.24
N PRO A 96 -5.60 -1.87 -14.33
CA PRO A 96 -6.82 -2.47 -14.86
C PRO A 96 -6.53 -3.76 -15.64
N PRO A 97 -7.56 -4.55 -16.02
CA PRO A 97 -7.43 -5.79 -16.78
C PRO A 97 -7.04 -5.49 -18.24
N ALA A 98 -6.78 -6.53 -19.04
CA ALA A 98 -6.37 -6.41 -20.44
C ALA A 98 -7.58 -6.52 -21.40
N PRO A 99 -7.47 -6.02 -22.65
CA PRO A 99 -8.53 -6.09 -23.64
C PRO A 99 -8.36 -7.39 -24.47
N LYS A 100 -9.36 -7.75 -25.28
CA LYS A 100 -9.30 -8.94 -26.14
C LYS A 100 -9.99 -8.66 -27.47
N SER A 101 -9.37 -9.05 -28.57
CA SER A 101 -9.86 -8.85 -29.93
C SER A 101 -9.08 -9.77 -30.86
N THR A 102 -9.71 -10.78 -31.45
CA THR A 102 -9.09 -11.72 -32.37
C THR A 102 -10.23 -12.41 -33.14
N TYR A 103 -10.01 -12.74 -34.41
CA TYR A 103 -10.94 -13.40 -35.33
C TYR A 103 -10.23 -13.58 -36.68
N GLU A 104 -10.78 -14.45 -37.53
CA GLU A 104 -10.37 -14.80 -38.88
C GLU A 104 -11.46 -15.75 -39.38
N SER A 105 -11.75 -15.76 -40.67
CA SER A 105 -12.77 -16.62 -41.27
C SER A 105 -12.59 -16.73 -42.79
N ASN A 106 -11.46 -16.28 -43.37
CA ASN A 106 -11.28 -16.34 -44.81
C ASN A 106 -11.24 -17.79 -45.31
N THR A 107 -11.64 -18.00 -46.57
CA THR A 107 -11.65 -19.27 -47.24
C THR A 107 -11.67 -18.87 -48.71
N LYS A 108 -10.81 -19.48 -49.54
CA LYS A 108 -10.73 -19.18 -50.96
C LYS A 108 -10.57 -20.49 -51.71
N GLN A 109 -11.00 -20.51 -52.96
CA GLN A 109 -10.96 -21.65 -53.87
C GLN A 109 -10.85 -21.10 -55.30
N SER A 110 -10.87 -21.99 -56.29
CA SER A 110 -10.80 -21.69 -57.71
C SER A 110 -11.74 -22.56 -58.54
N GLY A 111 -12.26 -23.69 -58.01
CA GLY A 111 -13.19 -24.60 -58.68
C GLY A 111 -12.78 -24.93 -60.12
N PRO A 112 -11.73 -25.73 -60.35
CA PRO A 112 -11.29 -26.08 -61.69
C PRO A 112 -12.25 -27.02 -62.44
N SER A 113 -13.31 -27.52 -61.80
CA SER A 113 -14.32 -28.43 -62.34
C SER A 113 -13.80 -29.85 -62.57
N SER A 114 -12.48 -30.06 -62.52
CA SER A 114 -11.87 -31.38 -62.67
C SER A 114 -12.01 -32.17 -61.35
N GLY A 115 -12.31 -31.43 -60.28
CA GLY A 115 -12.52 -31.73 -58.88
C GLY A 115 -12.57 -30.37 -58.20
N GLY A 1 14.46 24.61 -9.09
CA GLY A 1 14.64 23.44 -8.23
C GLY A 1 15.52 22.42 -8.94
N SER A 2 15.17 21.14 -8.84
CA SER A 2 15.81 19.97 -9.43
C SER A 2 17.33 19.86 -9.15
N SER A 3 17.82 20.56 -8.14
CA SER A 3 19.22 20.56 -7.74
C SER A 3 19.59 19.24 -7.05
N GLY A 4 18.61 18.46 -6.60
CA GLY A 4 18.81 17.19 -5.94
C GLY A 4 17.48 16.47 -5.78
N SER A 5 17.55 15.17 -5.48
CA SER A 5 16.43 14.28 -5.29
C SER A 5 15.64 14.66 -4.03
N SER A 6 16.32 14.91 -2.91
CA SER A 6 15.65 15.26 -1.68
C SER A 6 15.04 16.67 -1.72
N GLY A 7 14.20 16.99 -0.74
CA GLY A 7 13.50 18.23 -0.57
C GLY A 7 12.22 17.89 0.20
N GLN A 8 12.09 18.35 1.45
CA GLN A 8 10.92 18.07 2.28
C GLN A 8 9.62 18.36 1.50
N LYS A 9 8.64 17.45 1.59
CA LYS A 9 7.35 17.56 0.94
C LYS A 9 6.30 16.75 1.66
N LYS A 10 5.12 17.35 1.81
CA LYS A 10 3.97 16.71 2.44
C LYS A 10 3.20 15.92 1.39
N ASP A 11 3.44 16.19 0.10
CA ASP A 11 2.83 15.56 -1.06
C ASP A 11 3.40 14.16 -1.19
N THR A 12 2.68 13.24 -1.83
CA THR A 12 3.07 11.85 -2.03
C THR A 12 2.95 11.45 -3.52
N SER A 13 2.90 12.43 -4.42
CA SER A 13 2.76 12.28 -5.87
C SER A 13 3.84 11.43 -6.57
N ASN A 14 4.92 11.06 -5.89
CA ASN A 14 6.03 10.26 -6.43
C ASN A 14 6.48 9.17 -5.43
N HIS A 15 5.68 8.94 -4.38
CA HIS A 15 5.96 7.96 -3.34
C HIS A 15 5.45 6.58 -3.76
N PHE A 16 5.53 5.60 -2.85
CA PHE A 16 5.12 4.23 -3.06
C PHE A 16 4.13 3.91 -1.94
N HIS A 17 2.84 3.76 -2.27
CA HIS A 17 1.82 3.49 -1.28
C HIS A 17 1.61 2.00 -1.07
N VAL A 18 1.20 1.65 0.15
CA VAL A 18 0.96 0.30 0.60
C VAL A 18 -0.41 0.25 1.26
N PHE A 19 -1.06 -0.89 1.10
CA PHE A 19 -2.35 -1.31 1.62
C PHE A 19 -2.07 -2.22 2.81
N VAL A 20 -2.90 -2.13 3.83
CA VAL A 20 -2.83 -2.93 5.04
C VAL A 20 -4.28 -3.34 5.35
N GLY A 21 -4.50 -4.53 5.90
CA GLY A 21 -5.84 -5.01 6.22
C GLY A 21 -5.86 -5.87 7.47
N ASP A 22 -7.08 -6.23 7.89
CA ASP A 22 -7.45 -7.05 9.05
C ASP A 22 -7.04 -6.44 10.40
N LEU A 23 -6.75 -5.14 10.39
CA LEU A 23 -6.33 -4.37 11.55
C LEU A 23 -7.41 -4.42 12.64
N SER A 24 -7.02 -4.61 13.89
CA SER A 24 -7.98 -4.63 15.00
C SER A 24 -8.65 -3.24 15.01
N PRO A 25 -9.94 -3.11 15.40
CA PRO A 25 -10.60 -1.81 15.42
C PRO A 25 -9.93 -0.79 16.35
N GLU A 26 -9.08 -1.23 17.28
CA GLU A 26 -8.39 -0.34 18.20
C GLU A 26 -7.22 0.36 17.49
N ILE A 27 -6.62 -0.30 16.48
CA ILE A 27 -5.49 0.17 15.70
C ILE A 27 -5.86 1.49 15.05
N THR A 28 -5.16 2.54 15.46
CA THR A 28 -5.33 3.89 14.99
C THR A 28 -4.27 4.23 13.95
N THR A 29 -4.36 5.40 13.33
CA THR A 29 -3.43 5.84 12.31
C THR A 29 -1.99 5.86 12.84
N GLU A 30 -1.80 6.23 14.11
CA GLU A 30 -0.52 6.29 14.79
C GLU A 30 0.04 4.89 14.97
N ASP A 31 -0.79 3.95 15.39
CA ASP A 31 -0.42 2.55 15.61
C ASP A 31 0.16 1.97 14.33
N ILE A 32 -0.53 2.19 13.21
CA ILE A 32 -0.03 1.71 11.93
C ILE A 32 1.32 2.35 11.69
N LYS A 33 1.44 3.68 11.84
CA LYS A 33 2.73 4.31 11.63
C LYS A 33 3.79 3.63 12.49
N ALA A 34 3.54 3.41 13.79
CA ALA A 34 4.47 2.75 14.69
C ALA A 34 4.84 1.35 14.21
N ALA A 35 3.91 0.62 13.59
CA ALA A 35 4.14 -0.72 13.06
C ALA A 35 5.04 -0.69 11.82
N PHE A 36 4.79 0.20 10.87
CA PHE A 36 5.57 0.30 9.64
C PHE A 36 6.81 1.21 9.78
N ALA A 37 6.99 1.87 10.92
CA ALA A 37 8.07 2.79 11.27
C ALA A 37 9.48 2.17 11.24
N PRO A 38 9.74 0.97 11.82
CA PRO A 38 11.08 0.39 11.78
C PRO A 38 11.48 -0.06 10.37
N PHE A 39 10.61 0.10 9.36
CA PHE A 39 10.93 -0.30 8.00
C PHE A 39 11.38 0.90 7.15
N GLY A 40 11.25 2.13 7.66
CA GLY A 40 11.66 3.29 6.91
C GLY A 40 10.92 4.55 7.36
N ARG A 41 10.84 5.53 6.46
CA ARG A 41 10.15 6.78 6.69
C ARG A 41 8.77 6.75 6.04
N ILE A 42 7.76 7.14 6.81
CA ILE A 42 6.37 7.22 6.41
C ILE A 42 6.02 8.67 6.10
N SER A 43 5.35 8.90 4.98
CA SER A 43 4.93 10.22 4.55
C SER A 43 3.45 10.37 4.90
N ASP A 44 2.57 9.68 4.19
CA ASP A 44 1.11 9.64 4.40
C ASP A 44 0.74 8.31 5.07
N ALA A 45 -0.30 8.27 5.90
CA ALA A 45 -0.77 7.07 6.58
C ALA A 45 -2.18 7.33 7.13
N ARG A 46 -3.10 6.38 6.98
CA ARG A 46 -4.46 6.52 7.51
C ARG A 46 -5.17 5.17 7.63
N VAL A 47 -6.03 5.06 8.63
CA VAL A 47 -6.86 3.89 8.87
C VAL A 47 -8.14 4.21 8.10
N VAL A 48 -8.51 3.40 7.12
CA VAL A 48 -9.74 3.63 6.38
C VAL A 48 -10.90 3.43 7.37
N LYS A 49 -11.87 4.33 7.29
CA LYS A 49 -13.05 4.30 8.13
C LYS A 49 -14.23 4.59 7.23
N ASP A 50 -15.43 4.24 7.66
CA ASP A 50 -16.61 4.51 6.84
C ASP A 50 -16.78 6.02 6.75
N MET A 51 -17.05 6.54 5.56
CA MET A 51 -17.27 7.96 5.35
C MET A 51 -18.60 8.38 6.01
N ALA A 52 -19.46 7.43 6.40
CA ALA A 52 -20.76 7.64 7.02
C ALA A 52 -20.83 7.30 8.51
N THR A 53 -19.78 6.73 9.10
CA THR A 53 -19.79 6.37 10.52
C THR A 53 -18.48 6.73 11.22
N GLY A 54 -17.40 6.85 10.46
CA GLY A 54 -16.09 7.15 11.02
C GLY A 54 -15.53 5.94 11.76
N LYS A 55 -16.19 4.77 11.76
CA LYS A 55 -15.70 3.58 12.43
C LYS A 55 -14.67 2.90 11.54
N SER A 56 -13.71 2.20 12.14
CA SER A 56 -12.64 1.50 11.46
C SER A 56 -13.20 0.49 10.45
N LYS A 57 -12.86 0.65 9.16
CA LYS A 57 -13.34 -0.29 8.14
C LYS A 57 -12.66 -1.65 8.29
N GLY A 58 -11.39 -1.66 8.69
CA GLY A 58 -10.55 -2.84 8.88
C GLY A 58 -9.24 -2.70 8.11
N TYR A 59 -9.25 -1.97 6.99
CA TYR A 59 -8.09 -1.72 6.16
C TYR A 59 -7.51 -0.32 6.40
N GLY A 60 -6.29 -0.10 5.90
CA GLY A 60 -5.56 1.16 6.00
C GLY A 60 -4.62 1.31 4.82
N PHE A 61 -4.04 2.50 4.69
CA PHE A 61 -3.06 2.85 3.67
C PHE A 61 -1.85 3.48 4.36
N VAL A 62 -0.67 3.33 3.76
CA VAL A 62 0.62 3.86 4.19
C VAL A 62 1.30 4.35 2.89
N SER A 63 2.30 5.24 2.96
CA SER A 63 3.04 5.80 1.85
C SER A 63 4.50 5.95 2.29
N PHE A 64 5.43 5.47 1.47
CA PHE A 64 6.87 5.51 1.73
C PHE A 64 7.55 6.39 0.68
N PHE A 65 8.46 7.27 1.13
CA PHE A 65 9.21 8.14 0.25
C PHE A 65 10.11 7.32 -0.67
N ASN A 66 10.73 6.25 -0.15
CA ASN A 66 11.61 5.35 -0.89
C ASN A 66 10.90 4.00 -1.04
N LYS A 67 11.12 3.32 -2.17
CA LYS A 67 10.47 2.05 -2.46
C LYS A 67 10.88 0.89 -1.54
N TRP A 68 12.16 0.75 -1.30
CA TRP A 68 12.80 -0.29 -0.49
C TRP A 68 12.18 -0.43 0.89
N ASP A 69 11.81 0.70 1.49
CA ASP A 69 11.20 0.76 2.81
C ASP A 69 9.89 -0.01 2.76
N ALA A 70 9.06 0.30 1.74
CA ALA A 70 7.76 -0.30 1.50
C ALA A 70 7.91 -1.78 1.19
N GLU A 71 8.83 -2.15 0.29
CA GLU A 71 9.06 -3.53 -0.11
C GLU A 71 9.36 -4.40 1.10
N ASN A 72 10.32 -3.97 1.94
CA ASN A 72 10.69 -4.73 3.13
C ASN A 72 9.44 -4.95 3.99
N ALA A 73 8.67 -3.90 4.25
CA ALA A 73 7.45 -3.98 5.04
C ALA A 73 6.44 -4.96 4.42
N ILE A 74 6.08 -4.86 3.14
CA ILE A 74 5.12 -5.76 2.50
C ILE A 74 5.52 -7.22 2.70
N GLN A 75 6.80 -7.53 2.57
CA GLN A 75 7.30 -8.89 2.71
C GLN A 75 7.43 -9.40 4.14
N GLN A 76 7.82 -8.52 5.06
CA GLN A 76 8.05 -8.82 6.47
C GLN A 76 6.77 -8.68 7.30
N MET A 77 6.08 -7.54 7.23
CA MET A 77 4.83 -7.31 7.98
C MET A 77 3.68 -8.18 7.47
N GLY A 78 3.76 -8.65 6.23
CA GLY A 78 2.75 -9.49 5.60
C GLY A 78 2.54 -10.78 6.39
N GLY A 79 1.39 -10.90 7.06
CA GLY A 79 1.05 -12.07 7.85
C GLY A 79 1.37 -11.92 9.34
N GLN A 80 2.02 -10.82 9.74
CA GLN A 80 2.35 -10.55 11.13
C GLN A 80 1.08 -10.16 11.88
N TRP A 81 1.22 -9.90 13.18
CA TRP A 81 0.12 -9.51 14.04
C TRP A 81 0.31 -8.05 14.46
N LEU A 82 -0.79 -7.36 14.76
CA LEU A 82 -0.87 -5.97 15.19
C LEU A 82 -2.22 -5.83 15.89
N GLY A 83 -2.27 -5.26 17.10
CA GLY A 83 -3.53 -5.10 17.83
C GLY A 83 -4.12 -6.46 18.19
N GLY A 84 -3.24 -7.45 18.39
CA GLY A 84 -3.63 -8.79 18.74
C GLY A 84 -4.31 -9.57 17.62
N ARG A 85 -4.25 -9.11 16.37
CA ARG A 85 -4.85 -9.82 15.24
C ARG A 85 -3.87 -9.84 14.08
N GLN A 86 -3.94 -10.87 13.25
CA GLN A 86 -3.07 -10.93 12.09
C GLN A 86 -3.47 -9.81 11.14
N ILE A 87 -2.56 -9.40 10.27
CA ILE A 87 -2.77 -8.38 9.27
C ILE A 87 -2.30 -8.89 7.91
N ARG A 88 -2.57 -8.12 6.87
CA ARG A 88 -2.21 -8.39 5.48
C ARG A 88 -1.56 -7.12 4.93
N THR A 89 -0.71 -7.21 3.92
CA THR A 89 -0.03 -6.07 3.31
C THR A 89 0.09 -6.31 1.81
N ASN A 90 0.03 -5.25 1.00
CA ASN A 90 0.14 -5.34 -0.45
C ASN A 90 0.35 -3.95 -1.04
N TRP A 91 0.72 -3.82 -2.31
CA TRP A 91 0.90 -2.50 -2.92
C TRP A 91 -0.47 -1.86 -3.07
N ALA A 92 -0.61 -0.57 -2.74
CA ALA A 92 -1.88 0.13 -2.90
C ALA A 92 -1.89 0.70 -4.32
N THR A 93 -3.08 0.86 -4.91
CA THR A 93 -3.20 1.37 -6.27
C THR A 93 -4.31 2.41 -6.38
N ARG A 94 -4.13 3.39 -7.28
CA ARG A 94 -5.11 4.44 -7.49
C ARG A 94 -6.32 3.82 -8.19
N LYS A 95 -7.52 4.26 -7.83
CA LYS A 95 -8.78 3.76 -8.38
C LYS A 95 -8.80 3.88 -9.92
N PRO A 96 -9.33 2.89 -10.65
CA PRO A 96 -9.39 2.95 -12.11
C PRO A 96 -10.40 4.02 -12.57
N PRO A 97 -10.30 4.48 -13.82
CA PRO A 97 -11.18 5.49 -14.40
C PRO A 97 -12.49 4.87 -14.88
N ALA A 98 -13.34 5.69 -15.49
CA ALA A 98 -14.63 5.30 -16.04
C ALA A 98 -14.36 4.33 -17.20
N PRO A 99 -15.27 3.39 -17.50
CA PRO A 99 -15.07 2.42 -18.57
C PRO A 99 -14.94 3.07 -19.94
N LYS A 100 -15.81 4.03 -20.27
CA LYS A 100 -15.81 4.71 -21.56
C LYS A 100 -16.53 6.04 -21.45
N SER A 101 -16.36 6.91 -22.44
CA SER A 101 -17.04 8.20 -22.49
C SER A 101 -18.42 7.89 -23.09
N THR A 102 -19.42 8.77 -22.92
CA THR A 102 -20.75 8.53 -23.48
C THR A 102 -20.69 8.44 -25.03
N TYR A 103 -21.68 7.79 -25.63
CA TYR A 103 -21.80 7.58 -27.08
C TYR A 103 -23.27 7.51 -27.50
N GLU A 104 -24.18 7.96 -26.63
CA GLU A 104 -25.62 7.96 -26.85
C GLU A 104 -25.92 8.69 -28.16
N SER A 105 -26.39 7.98 -29.19
CA SER A 105 -26.70 8.57 -30.47
C SER A 105 -27.77 7.74 -31.18
N ASN A 106 -28.32 8.27 -32.27
CA ASN A 106 -29.34 7.58 -33.06
C ASN A 106 -29.42 8.12 -34.49
N THR A 107 -28.28 8.56 -35.04
CA THR A 107 -28.10 9.11 -36.37
C THR A 107 -28.47 8.13 -37.48
N LYS A 108 -29.77 8.06 -37.81
CA LYS A 108 -30.41 7.23 -38.83
C LYS A 108 -31.84 7.74 -38.96
N GLN A 109 -32.57 7.36 -40.01
CA GLN A 109 -33.96 7.75 -40.23
C GLN A 109 -34.69 6.58 -40.90
N SER A 110 -36.02 6.60 -40.89
CA SER A 110 -36.92 5.60 -41.47
C SER A 110 -38.34 6.17 -41.37
N GLY A 111 -39.34 5.40 -41.82
CA GLY A 111 -40.75 5.76 -41.80
C GLY A 111 -41.28 5.84 -43.23
N PRO A 112 -41.59 4.70 -43.89
CA PRO A 112 -42.10 4.70 -45.27
C PRO A 112 -43.38 5.51 -45.39
N SER A 113 -44.36 5.24 -44.53
CA SER A 113 -45.66 5.91 -44.46
C SER A 113 -46.55 5.71 -45.70
N SER A 114 -46.05 5.08 -46.77
CA SER A 114 -46.76 4.79 -48.01
C SER A 114 -47.73 3.61 -47.81
N GLY A 115 -47.51 2.85 -46.75
CA GLY A 115 -48.18 1.68 -46.24
C GLY A 115 -47.27 1.14 -45.14
N GLY A 1 17.25 5.33 -13.28
CA GLY A 1 16.05 5.60 -14.07
C GLY A 1 16.17 6.94 -14.75
N SER A 2 15.19 7.83 -14.54
CA SER A 2 15.20 9.17 -15.11
C SER A 2 16.03 10.10 -14.21
N SER A 3 15.96 11.41 -14.41
CA SER A 3 16.68 12.41 -13.63
C SER A 3 15.69 13.47 -13.13
N GLY A 4 16.09 14.23 -12.11
CA GLY A 4 15.31 15.29 -11.50
C GLY A 4 15.08 15.00 -10.04
N SER A 5 15.45 15.95 -9.18
CA SER A 5 15.33 15.87 -7.73
C SER A 5 13.89 15.54 -7.33
N SER A 6 13.71 14.57 -6.42
CA SER A 6 12.38 14.18 -5.98
C SER A 6 11.70 15.31 -5.21
N GLY A 7 12.34 15.81 -4.15
CA GLY A 7 11.81 16.86 -3.30
C GLY A 7 10.76 16.27 -2.39
N GLN A 8 11.10 16.10 -1.10
CA GLN A 8 10.21 15.54 -0.10
C GLN A 8 9.16 16.60 0.31
N LYS A 9 8.23 16.91 -0.60
CA LYS A 9 7.15 17.87 -0.39
C LYS A 9 5.97 17.18 0.29
N LYS A 10 4.94 17.93 0.68
CA LYS A 10 3.78 17.35 1.35
C LYS A 10 3.11 16.28 0.49
N ASP A 11 2.78 16.59 -0.76
CA ASP A 11 2.13 15.61 -1.62
C ASP A 11 3.05 14.41 -1.80
N THR A 12 2.50 13.20 -1.71
CA THR A 12 3.14 11.88 -1.84
C THR A 12 3.65 11.58 -3.28
N SER A 13 4.16 12.62 -3.92
CA SER A 13 4.72 12.70 -5.25
C SER A 13 5.89 11.73 -5.34
N ASN A 14 5.83 10.80 -6.30
CA ASN A 14 6.84 9.79 -6.57
C ASN A 14 6.97 8.71 -5.48
N HIS A 15 6.17 8.78 -4.40
CA HIS A 15 6.19 7.82 -3.30
C HIS A 15 5.52 6.51 -3.76
N PHE A 16 5.58 5.48 -2.92
CA PHE A 16 5.01 4.17 -3.15
C PHE A 16 4.05 3.88 -2.00
N HIS A 17 2.76 3.78 -2.29
CA HIS A 17 1.70 3.53 -1.32
C HIS A 17 1.46 2.03 -1.12
N VAL A 18 1.39 1.63 0.15
CA VAL A 18 1.16 0.28 0.63
C VAL A 18 -0.26 0.19 1.18
N PHE A 19 -0.86 -0.97 0.98
CA PHE A 19 -2.17 -1.38 1.45
C PHE A 19 -1.94 -2.27 2.66
N VAL A 20 -2.77 -2.11 3.69
CA VAL A 20 -2.71 -2.90 4.91
C VAL A 20 -4.16 -3.27 5.21
N GLY A 21 -4.45 -4.47 5.74
CA GLY A 21 -5.81 -4.88 6.04
C GLY A 21 -5.93 -5.78 7.25
N ASP A 22 -7.18 -6.05 7.61
CA ASP A 22 -7.67 -6.89 8.72
C ASP A 22 -7.18 -6.49 10.12
N LEU A 23 -6.80 -5.21 10.24
CA LEU A 23 -6.30 -4.60 11.45
C LEU A 23 -7.37 -4.68 12.53
N SER A 24 -6.92 -4.84 13.79
CA SER A 24 -7.84 -4.89 14.92
C SER A 24 -8.60 -3.56 14.93
N PRO A 25 -9.90 -3.53 15.29
CA PRO A 25 -10.69 -2.31 15.27
C PRO A 25 -10.19 -1.16 16.14
N GLU A 26 -9.29 -1.42 17.08
CA GLU A 26 -8.71 -0.45 17.99
C GLU A 26 -7.54 0.29 17.34
N ILE A 27 -6.83 -0.34 16.40
CA ILE A 27 -5.65 0.19 15.72
C ILE A 27 -5.96 1.53 15.06
N THR A 28 -5.35 2.60 15.57
CA THR A 28 -5.56 3.94 15.05
C THR A 28 -4.41 4.28 14.07
N THR A 29 -4.47 5.48 13.50
CA THR A 29 -3.49 5.99 12.55
C THR A 29 -2.06 5.96 13.13
N GLU A 30 -1.93 6.16 14.43
CA GLU A 30 -0.67 6.17 15.17
C GLU A 30 -0.09 4.76 15.22
N ASP A 31 -0.93 3.79 15.54
CA ASP A 31 -0.56 2.37 15.63
C ASP A 31 0.06 1.92 14.32
N ILE A 32 -0.55 2.30 13.20
CA ILE A 32 -0.04 1.94 11.88
C ILE A 32 1.35 2.55 11.74
N LYS A 33 1.48 3.86 11.94
CA LYS A 33 2.78 4.53 11.82
C LYS A 33 3.81 3.79 12.66
N ALA A 34 3.51 3.52 13.93
CA ALA A 34 4.38 2.83 14.86
C ALA A 34 4.83 1.48 14.29
N ALA A 35 3.90 0.69 13.76
CA ALA A 35 4.17 -0.62 13.20
C ALA A 35 5.13 -0.59 12.02
N PHE A 36 4.93 0.35 11.09
CA PHE A 36 5.73 0.50 9.89
C PHE A 36 6.94 1.43 10.06
N ALA A 37 7.05 2.13 11.19
CA ALA A 37 8.12 3.08 11.52
C ALA A 37 9.52 2.45 11.44
N PRO A 38 9.80 1.28 12.06
CA PRO A 38 11.13 0.70 11.98
C PRO A 38 11.49 0.20 10.58
N PHE A 39 10.59 0.32 9.59
CA PHE A 39 10.88 -0.16 8.23
C PHE A 39 11.32 0.99 7.34
N GLY A 40 10.78 2.20 7.54
CA GLY A 40 11.17 3.33 6.74
C GLY A 40 10.40 4.58 7.12
N ARG A 41 10.75 5.65 6.44
CA ARG A 41 10.15 6.95 6.60
C ARG A 41 8.78 6.92 5.96
N ILE A 42 7.78 7.24 6.75
CA ILE A 42 6.41 7.31 6.31
C ILE A 42 6.12 8.80 6.13
N SER A 43 5.16 9.13 5.27
CA SER A 43 4.75 10.51 5.04
C SER A 43 3.24 10.50 5.29
N ASP A 44 2.48 9.78 4.46
CA ASP A 44 1.03 9.63 4.59
C ASP A 44 0.78 8.26 5.20
N ALA A 45 -0.10 8.15 6.19
CA ALA A 45 -0.46 6.90 6.83
C ALA A 45 -1.72 7.15 7.63
N ARG A 46 -2.74 6.31 7.45
CA ARG A 46 -4.01 6.43 8.15
C ARG A 46 -4.83 5.15 8.07
N VAL A 47 -5.91 5.11 8.85
CA VAL A 47 -6.85 3.99 8.92
C VAL A 47 -8.08 4.36 8.10
N VAL A 48 -8.51 3.45 7.22
CA VAL A 48 -9.69 3.67 6.40
C VAL A 48 -10.88 3.63 7.35
N LYS A 49 -11.82 4.56 7.19
CA LYS A 49 -13.02 4.61 8.01
C LYS A 49 -14.20 4.85 7.10
N ASP A 50 -15.37 4.52 7.64
CA ASP A 50 -16.63 4.69 6.95
C ASP A 50 -16.92 6.20 6.85
N MET A 51 -17.77 6.60 5.91
CA MET A 51 -18.16 7.99 5.68
C MET A 51 -19.41 8.42 6.46
N ALA A 52 -20.22 7.48 7.00
CA ALA A 52 -21.42 7.81 7.75
C ALA A 52 -21.26 7.59 9.25
N THR A 53 -20.37 6.69 9.66
CA THR A 53 -20.14 6.35 11.07
C THR A 53 -18.74 6.72 11.57
N GLY A 54 -17.79 6.90 10.65
CA GLY A 54 -16.41 7.24 10.99
C GLY A 54 -15.69 6.11 11.74
N LYS A 55 -16.33 4.94 11.79
CA LYS A 55 -15.83 3.74 12.45
C LYS A 55 -14.84 3.17 11.48
N SER A 56 -13.78 2.57 12.02
CA SER A 56 -12.75 2.01 11.17
C SER A 56 -13.25 0.85 10.36
N LYS A 57 -12.81 0.84 9.11
CA LYS A 57 -13.13 -0.24 8.18
C LYS A 57 -12.19 -1.43 8.43
N GLY A 58 -11.16 -1.23 9.26
CA GLY A 58 -10.19 -2.27 9.61
C GLY A 58 -8.99 -2.29 8.67
N TYR A 59 -9.04 -1.61 7.53
CA TYR A 59 -7.91 -1.55 6.61
C TYR A 59 -7.22 -0.19 6.73
N GLY A 60 -6.05 -0.05 6.13
CA GLY A 60 -5.28 1.18 6.18
C GLY A 60 -4.37 1.34 4.95
N PHE A 61 -3.65 2.46 4.91
CA PHE A 61 -2.72 2.83 3.85
C PHE A 61 -1.50 3.49 4.49
N VAL A 62 -0.33 3.33 3.89
CA VAL A 62 0.95 3.88 4.33
C VAL A 62 1.77 4.20 3.07
N SER A 63 2.24 5.43 2.88
CA SER A 63 3.03 5.83 1.73
C SER A 63 4.47 6.08 2.19
N PHE A 64 5.44 5.42 1.54
CA PHE A 64 6.86 5.54 1.84
C PHE A 64 7.58 6.28 0.72
N PHE A 65 8.63 7.02 1.11
CA PHE A 65 9.46 7.79 0.18
C PHE A 65 10.33 6.92 -0.74
N ASN A 66 10.55 5.64 -0.42
CA ASN A 66 11.38 4.75 -1.24
C ASN A 66 10.63 3.45 -1.46
N LYS A 67 10.87 2.82 -2.61
CA LYS A 67 10.24 1.56 -2.97
C LYS A 67 10.67 0.48 -1.99
N TRP A 68 11.97 0.30 -1.87
CA TRP A 68 12.62 -0.70 -1.01
C TRP A 68 12.10 -0.67 0.43
N ASP A 69 11.86 0.53 0.99
CA ASP A 69 11.36 0.65 2.36
C ASP A 69 9.99 -0.01 2.45
N ALA A 70 9.11 0.31 1.49
CA ALA A 70 7.77 -0.25 1.41
C ALA A 70 7.84 -1.75 1.16
N GLU A 71 8.63 -2.20 0.19
CA GLU A 71 8.79 -3.60 -0.18
C GLU A 71 9.17 -4.45 1.03
N ASN A 72 10.14 -3.98 1.82
CA ASN A 72 10.58 -4.70 3.01
C ASN A 72 9.38 -4.90 3.93
N ALA A 73 8.56 -3.87 4.11
CA ALA A 73 7.38 -3.91 4.92
C ALA A 73 6.33 -4.86 4.32
N ILE A 74 6.06 -4.85 3.01
CA ILE A 74 5.09 -5.75 2.38
C ILE A 74 5.48 -7.18 2.76
N GLN A 75 6.74 -7.55 2.54
CA GLN A 75 7.29 -8.87 2.81
C GLN A 75 7.21 -9.25 4.30
N GLN A 76 7.95 -8.53 5.13
CA GLN A 76 8.09 -8.74 6.56
C GLN A 76 6.81 -8.53 7.38
N MET A 77 6.09 -7.42 7.20
CA MET A 77 4.87 -7.18 7.99
C MET A 77 3.71 -8.07 7.53
N GLY A 78 3.76 -8.61 6.31
CA GLY A 78 2.74 -9.48 5.75
C GLY A 78 2.71 -10.80 6.52
N GLY A 79 1.81 -10.93 7.49
CA GLY A 79 1.65 -12.10 8.34
C GLY A 79 1.86 -11.77 9.81
N GLN A 80 2.37 -10.57 10.13
CA GLN A 80 2.58 -10.17 11.51
C GLN A 80 1.21 -9.87 12.11
N TRP A 81 1.17 -9.67 13.43
CA TRP A 81 -0.03 -9.38 14.19
C TRP A 81 0.10 -7.97 14.74
N LEU A 82 -0.97 -7.17 14.66
CA LEU A 82 -1.03 -5.79 15.15
C LEU A 82 -2.37 -5.65 15.85
N GLY A 83 -2.37 -5.30 17.14
CA GLY A 83 -3.61 -5.15 17.90
C GLY A 83 -4.24 -6.50 18.23
N GLY A 84 -3.47 -7.58 18.21
CA GLY A 84 -3.97 -8.91 18.51
C GLY A 84 -4.55 -9.65 17.31
N ARG A 85 -4.45 -9.11 16.08
CA ARG A 85 -4.98 -9.78 14.89
C ARG A 85 -3.96 -9.75 13.77
N GLN A 86 -3.94 -10.78 12.93
CA GLN A 86 -3.02 -10.87 11.80
C GLN A 86 -3.41 -9.85 10.75
N ILE A 87 -2.40 -9.20 10.18
CA ILE A 87 -2.58 -8.19 9.16
C ILE A 87 -2.12 -8.73 7.80
N ARG A 88 -2.53 -8.05 6.73
CA ARG A 88 -2.18 -8.38 5.34
C ARG A 88 -1.55 -7.15 4.73
N THR A 89 -0.63 -7.28 3.77
CA THR A 89 0.04 -6.17 3.11
C THR A 89 0.18 -6.47 1.61
N ASN A 90 -0.02 -5.47 0.75
CA ASN A 90 0.07 -5.58 -0.72
C ASN A 90 0.20 -4.16 -1.30
N TRP A 91 0.43 -4.04 -2.61
CA TRP A 91 0.54 -2.77 -3.30
C TRP A 91 -0.80 -2.09 -3.42
N ALA A 92 -0.90 -0.85 -2.93
CA ALA A 92 -2.13 -0.08 -2.99
C ALA A 92 -2.40 0.38 -4.44
N THR A 93 -1.45 0.27 -5.35
CA THR A 93 -1.59 0.65 -6.76
C THR A 93 -2.11 -0.53 -7.55
N ARG A 94 -2.60 -0.32 -8.77
CA ARG A 94 -3.11 -1.38 -9.64
C ARG A 94 -2.72 -1.06 -11.08
N LYS A 95 -2.49 -2.10 -11.88
CA LYS A 95 -2.14 -1.91 -13.28
C LYS A 95 -3.36 -1.36 -14.02
N PRO A 96 -3.15 -0.57 -15.08
CA PRO A 96 -4.26 -0.05 -15.84
C PRO A 96 -4.86 -1.20 -16.67
N PRO A 97 -6.09 -1.06 -17.16
CA PRO A 97 -6.73 -2.08 -17.98
C PRO A 97 -6.00 -2.17 -19.32
N ALA A 98 -6.29 -3.21 -20.11
CA ALA A 98 -5.67 -3.45 -21.40
C ALA A 98 -6.75 -3.63 -22.48
N PRO A 99 -6.39 -3.46 -23.76
CA PRO A 99 -7.33 -3.62 -24.85
C PRO A 99 -7.82 -5.06 -24.95
N LYS A 100 -9.14 -5.24 -24.84
CA LYS A 100 -9.77 -6.55 -24.93
C LYS A 100 -9.89 -6.92 -26.40
N SER A 101 -9.35 -8.07 -26.80
CA SER A 101 -9.44 -8.53 -28.17
C SER A 101 -10.79 -9.23 -28.39
N THR A 102 -11.26 -9.21 -29.63
CA THR A 102 -12.50 -9.81 -30.10
C THR A 102 -12.37 -10.05 -31.61
N TYR A 103 -12.63 -11.26 -32.11
CA TYR A 103 -12.61 -11.60 -33.52
C TYR A 103 -13.57 -12.77 -33.73
N GLU A 104 -14.04 -12.95 -34.96
CA GLU A 104 -14.95 -14.02 -35.35
C GLU A 104 -14.68 -14.25 -36.85
N SER A 105 -14.77 -15.50 -37.31
CA SER A 105 -14.57 -15.90 -38.69
C SER A 105 -14.87 -17.41 -38.78
N ASN A 106 -15.11 -17.93 -39.98
CA ASN A 106 -15.37 -19.34 -40.25
C ASN A 106 -15.12 -19.62 -41.72
N THR A 107 -14.95 -20.88 -42.11
CA THR A 107 -14.71 -21.30 -43.49
C THR A 107 -15.05 -22.80 -43.57
N LYS A 108 -16.13 -23.14 -44.27
CA LYS A 108 -16.53 -24.55 -44.43
C LYS A 108 -17.05 -24.70 -45.85
N GLN A 109 -16.51 -25.70 -46.53
CA GLN A 109 -16.83 -26.08 -47.89
C GLN A 109 -17.27 -27.55 -47.87
N SER A 110 -17.86 -27.99 -48.98
CA SER A 110 -18.38 -29.32 -49.29
C SER A 110 -19.02 -29.21 -50.69
N GLY A 111 -19.69 -30.26 -51.17
CA GLY A 111 -20.37 -30.30 -52.45
C GLY A 111 -19.71 -31.19 -53.53
N PRO A 112 -19.24 -32.42 -53.22
CA PRO A 112 -18.64 -33.26 -54.25
C PRO A 112 -19.75 -33.81 -55.16
N SER A 113 -19.39 -34.19 -56.39
CA SER A 113 -20.29 -34.74 -57.39
C SER A 113 -19.45 -35.61 -58.34
N SER A 114 -20.11 -36.17 -59.37
CA SER A 114 -19.52 -37.02 -60.40
C SER A 114 -20.01 -36.59 -61.80
N GLY A 115 -20.76 -35.49 -61.87
CA GLY A 115 -21.36 -34.84 -63.02
C GLY A 115 -22.03 -33.57 -62.51
N GLY A 1 16.69 14.04 -17.46
CA GLY A 1 18.14 14.13 -17.23
C GLY A 1 18.42 14.09 -15.74
N SER A 2 19.47 14.77 -15.28
CA SER A 2 19.82 14.80 -13.87
C SER A 2 18.63 15.42 -13.11
N SER A 3 18.01 14.66 -12.21
CA SER A 3 16.86 15.10 -11.43
C SER A 3 16.95 14.46 -10.05
N GLY A 4 16.46 15.14 -9.01
CA GLY A 4 16.46 14.66 -7.64
C GLY A 4 15.28 15.27 -6.88
N SER A 5 15.03 14.78 -5.67
CA SER A 5 13.95 15.21 -4.79
C SER A 5 13.97 16.72 -4.64
N SER A 6 12.84 17.37 -4.88
CA SER A 6 12.70 18.81 -4.78
C SER A 6 11.38 19.14 -4.08
N GLY A 7 11.31 18.94 -2.76
CA GLY A 7 10.13 19.22 -1.96
C GLY A 7 9.63 18.03 -1.17
N GLN A 8 10.08 17.88 0.08
CA GLN A 8 9.64 16.79 0.97
C GLN A 8 8.12 16.83 1.19
N LYS A 9 7.51 18.01 0.98
CA LYS A 9 6.10 18.30 1.11
C LYS A 9 5.54 18.70 -0.23
N LYS A 10 5.25 17.72 -1.07
CA LYS A 10 4.69 17.91 -2.40
C LYS A 10 3.74 16.75 -2.65
N ASP A 11 3.17 16.75 -3.86
CA ASP A 11 2.25 15.74 -4.32
C ASP A 11 2.87 14.36 -4.10
N THR A 12 2.16 13.52 -3.34
CA THR A 12 2.49 12.15 -2.96
C THR A 12 2.69 11.22 -4.16
N SER A 13 2.53 11.70 -5.40
CA SER A 13 2.71 11.00 -6.68
C SER A 13 4.03 10.22 -6.78
N ASN A 14 5.08 10.65 -6.06
CA ASN A 14 6.38 9.99 -6.09
C ASN A 14 6.60 9.00 -4.94
N HIS A 15 5.73 8.98 -3.94
CA HIS A 15 5.83 8.07 -2.80
C HIS A 15 5.26 6.72 -3.18
N PHE A 16 5.66 5.67 -2.47
CA PHE A 16 5.20 4.31 -2.73
C PHE A 16 4.23 3.96 -1.61
N HIS A 17 2.97 3.75 -2.00
CA HIS A 17 1.90 3.43 -1.07
C HIS A 17 1.71 1.92 -0.96
N VAL A 18 1.24 1.49 0.20
CA VAL A 18 0.98 0.12 0.57
C VAL A 18 -0.41 0.01 1.21
N PHE A 19 -1.12 -1.03 0.80
CA PHE A 19 -2.43 -1.45 1.28
C PHE A 19 -2.17 -2.29 2.51
N VAL A 20 -2.90 -2.03 3.59
CA VAL A 20 -2.79 -2.75 4.83
C VAL A 20 -4.20 -3.18 5.20
N GLY A 21 -4.40 -4.42 5.60
CA GLY A 21 -5.71 -4.95 5.97
C GLY A 21 -5.62 -5.82 7.20
N ASP A 22 -6.78 -6.39 7.54
CA ASP A 22 -7.04 -7.29 8.66
C ASP A 22 -6.79 -6.67 10.04
N LEU A 23 -6.81 -5.34 10.13
CA LEU A 23 -6.59 -4.60 11.36
C LEU A 23 -7.75 -4.79 12.35
N SER A 24 -7.45 -4.65 13.65
CA SER A 24 -8.45 -4.73 14.72
C SER A 24 -9.28 -3.43 14.59
N PRO A 25 -10.53 -3.34 15.09
CA PRO A 25 -11.35 -2.13 14.96
C PRO A 25 -10.91 -0.97 15.85
N GLU A 26 -9.96 -1.22 16.73
CA GLU A 26 -9.39 -0.27 17.68
C GLU A 26 -8.11 0.38 17.17
N ILE A 27 -7.48 -0.18 16.13
CA ILE A 27 -6.23 0.33 15.56
C ILE A 27 -6.41 1.78 15.11
N THR A 28 -5.43 2.61 15.41
CA THR A 28 -5.38 4.00 15.04
C THR A 28 -4.27 4.21 14.01
N THR A 29 -4.24 5.39 13.40
CA THR A 29 -3.25 5.73 12.41
C THR A 29 -1.84 5.66 13.03
N GLU A 30 -1.71 5.94 14.34
CA GLU A 30 -0.43 5.89 15.03
C GLU A 30 0.01 4.45 15.25
N ASP A 31 -0.92 3.51 15.50
CA ASP A 31 -0.58 2.09 15.70
C ASP A 31 0.04 1.59 14.40
N ILE A 32 -0.60 1.89 13.26
CA ILE A 32 -0.09 1.50 11.97
C ILE A 32 1.31 2.11 11.82
N LYS A 33 1.46 3.42 12.03
CA LYS A 33 2.77 4.04 11.90
C LYS A 33 3.83 3.34 12.75
N ALA A 34 3.54 3.05 14.02
CA ALA A 34 4.47 2.38 14.92
C ALA A 34 4.96 1.06 14.32
N ALA A 35 4.07 0.30 13.67
CA ALA A 35 4.34 -0.98 13.05
C ALA A 35 5.32 -0.89 11.88
N PHE A 36 5.06 0.03 10.95
CA PHE A 36 5.87 0.21 9.75
C PHE A 36 7.06 1.17 9.93
N ALA A 37 7.11 1.92 11.03
CA ALA A 37 8.17 2.88 11.33
C ALA A 37 9.56 2.26 11.27
N PRO A 38 9.85 1.11 11.92
CA PRO A 38 11.18 0.54 11.84
C PRO A 38 11.58 0.14 10.41
N PHE A 39 10.65 0.14 9.44
CA PHE A 39 10.95 -0.24 8.06
C PHE A 39 11.18 0.99 7.19
N GLY A 40 10.88 2.21 7.65
CA GLY A 40 11.10 3.40 6.85
C GLY A 40 10.35 4.60 7.41
N ARG A 41 10.70 5.79 6.93
CA ARG A 41 10.03 7.01 7.35
C ARG A 41 8.72 7.02 6.58
N ILE A 42 7.63 7.24 7.29
CA ILE A 42 6.29 7.27 6.74
C ILE A 42 5.84 8.71 6.59
N SER A 43 5.29 9.08 5.43
CA SER A 43 4.80 10.43 5.22
C SER A 43 3.28 10.40 5.40
N ASP A 44 2.54 9.71 4.53
CA ASP A 44 1.08 9.60 4.62
C ASP A 44 0.70 8.24 5.19
N ALA A 45 -0.22 8.18 6.15
CA ALA A 45 -0.68 6.95 6.78
C ALA A 45 -2.07 7.21 7.35
N ARG A 46 -3.01 6.28 7.17
CA ARG A 46 -4.36 6.45 7.72
C ARG A 46 -5.10 5.14 7.82
N VAL A 47 -6.10 5.10 8.69
CA VAL A 47 -6.96 3.95 8.92
C VAL A 47 -8.24 4.29 8.17
N VAL A 48 -8.62 3.49 7.18
CA VAL A 48 -9.85 3.75 6.43
C VAL A 48 -10.99 3.55 7.43
N LYS A 49 -11.94 4.49 7.46
CA LYS A 49 -13.08 4.44 8.34
C LYS A 49 -14.33 4.66 7.52
N ASP A 50 -15.47 4.12 7.96
CA ASP A 50 -16.69 4.29 7.21
C ASP A 50 -17.09 5.76 7.21
N MET A 51 -17.35 6.32 6.03
CA MET A 51 -17.75 7.73 5.93
C MET A 51 -19.13 7.97 6.56
N ALA A 52 -19.88 6.92 6.92
CA ALA A 52 -21.20 7.01 7.52
C ALA A 52 -21.18 7.04 9.05
N THR A 53 -20.08 6.63 9.69
CA THR A 53 -20.00 6.60 11.16
C THR A 53 -18.64 7.02 11.69
N GLY A 54 -17.59 6.69 10.94
CA GLY A 54 -16.21 6.96 11.32
C GLY A 54 -15.58 5.77 12.04
N LYS A 55 -16.20 4.58 11.98
CA LYS A 55 -15.63 3.38 12.62
C LYS A 55 -14.67 2.74 11.62
N SER A 56 -13.62 2.07 12.10
CA SER A 56 -12.62 1.39 11.28
C SER A 56 -13.25 0.43 10.30
N LYS A 57 -13.05 0.70 9.00
CA LYS A 57 -13.56 -0.18 7.95
C LYS A 57 -12.88 -1.55 8.04
N GLY A 58 -11.67 -1.62 8.59
CA GLY A 58 -10.87 -2.83 8.74
C GLY A 58 -9.49 -2.68 8.09
N TYR A 59 -9.39 -1.88 7.03
CA TYR A 59 -8.16 -1.62 6.29
C TYR A 59 -7.53 -0.26 6.60
N GLY A 60 -6.34 -0.02 6.07
CA GLY A 60 -5.55 1.19 6.22
C GLY A 60 -4.57 1.28 5.06
N PHE A 61 -3.82 2.38 5.00
CA PHE A 61 -2.83 2.62 3.96
C PHE A 61 -1.62 3.28 4.60
N VAL A 62 -0.45 3.05 4.02
CA VAL A 62 0.85 3.58 4.46
C VAL A 62 1.58 4.03 3.19
N SER A 63 2.34 5.13 3.26
CA SER A 63 3.12 5.68 2.15
C SER A 63 4.53 5.95 2.66
N PHE A 64 5.53 5.45 1.94
CA PHE A 64 6.94 5.60 2.27
C PHE A 64 7.63 6.53 1.27
N PHE A 65 8.80 7.02 1.64
CA PHE A 65 9.61 7.91 0.81
C PHE A 65 10.33 7.14 -0.30
N ASN A 66 10.67 5.86 -0.07
CA ASN A 66 11.41 5.02 -1.03
C ASN A 66 10.65 3.73 -1.34
N LYS A 67 11.01 3.10 -2.48
CA LYS A 67 10.41 1.86 -2.95
C LYS A 67 10.73 0.72 -2.00
N TRP A 68 12.02 0.57 -1.70
CA TRP A 68 12.57 -0.47 -0.83
C TRP A 68 11.86 -0.57 0.50
N ASP A 69 11.62 0.56 1.13
CA ASP A 69 10.99 0.60 2.44
C ASP A 69 9.62 -0.11 2.38
N ALA A 70 8.85 0.17 1.33
CA ALA A 70 7.54 -0.41 1.10
C ALA A 70 7.67 -1.90 0.78
N GLU A 71 8.54 -2.26 -0.18
CA GLU A 71 8.76 -3.64 -0.62
C GLU A 71 9.14 -4.53 0.58
N ASN A 72 10.12 -4.06 1.36
CA ASN A 72 10.64 -4.70 2.55
C ASN A 72 9.49 -5.05 3.48
N ALA A 73 8.64 -4.06 3.79
CA ALA A 73 7.49 -4.26 4.65
C ALA A 73 6.47 -5.22 4.05
N ILE A 74 6.05 -5.10 2.77
CA ILE A 74 5.06 -6.01 2.15
C ILE A 74 5.47 -7.49 2.33
N GLN A 75 6.76 -7.74 2.45
CA GLN A 75 7.31 -9.06 2.64
C GLN A 75 7.28 -9.43 4.13
N GLN A 76 8.15 -8.78 4.90
CA GLN A 76 8.36 -8.96 6.32
C GLN A 76 7.10 -8.78 7.17
N MET A 77 6.35 -7.68 6.98
CA MET A 77 5.12 -7.39 7.73
C MET A 77 3.90 -8.17 7.23
N GLY A 78 3.91 -8.69 6.00
CA GLY A 78 2.82 -9.44 5.40
C GLY A 78 2.57 -10.80 6.03
N GLY A 79 1.95 -10.81 7.21
CA GLY A 79 1.61 -11.98 7.99
C GLY A 79 1.85 -11.78 9.50
N GLN A 80 2.42 -10.64 9.90
CA GLN A 80 2.71 -10.29 11.29
C GLN A 80 1.44 -9.84 12.02
N TRP A 81 1.57 -9.44 13.28
CA TRP A 81 0.49 -8.97 14.13
C TRP A 81 0.65 -7.48 14.44
N LEU A 82 -0.45 -6.81 14.79
CA LEU A 82 -0.49 -5.41 15.15
C LEU A 82 -1.65 -5.19 16.13
N GLY A 83 -1.36 -4.59 17.28
CA GLY A 83 -2.29 -4.26 18.35
C GLY A 83 -2.90 -5.48 19.01
N GLY A 84 -3.74 -6.23 18.26
CA GLY A 84 -4.40 -7.43 18.76
C GLY A 84 -4.72 -8.48 17.70
N ARG A 85 -4.37 -8.32 16.41
CA ARG A 85 -4.66 -9.33 15.38
C ARG A 85 -3.59 -9.35 14.29
N GLN A 86 -3.63 -10.39 13.46
CA GLN A 86 -2.73 -10.54 12.32
C GLN A 86 -3.15 -9.54 11.25
N ILE A 87 -2.20 -9.03 10.49
CA ILE A 87 -2.44 -8.05 9.44
C ILE A 87 -2.09 -8.63 8.07
N ARG A 88 -2.48 -7.90 7.03
CA ARG A 88 -2.27 -8.22 5.62
C ARG A 88 -1.61 -7.01 4.96
N THR A 89 -0.75 -7.19 3.97
CA THR A 89 -0.08 -6.11 3.24
C THR A 89 0.04 -6.47 1.75
N ASN A 90 0.07 -5.46 0.87
CA ASN A 90 0.22 -5.56 -0.60
C ASN A 90 0.33 -4.15 -1.18
N TRP A 91 0.62 -3.99 -2.47
CA TRP A 91 0.73 -2.69 -3.12
C TRP A 91 -0.63 -2.01 -3.20
N ALA A 92 -0.63 -0.67 -3.14
CA ALA A 92 -1.82 0.17 -3.23
C ALA A 92 -1.70 0.88 -4.59
N THR A 93 -2.61 0.59 -5.52
CA THR A 93 -2.73 1.10 -6.90
C THR A 93 -1.55 0.76 -7.84
N ARG A 94 -0.39 0.35 -7.33
CA ARG A 94 0.81 0.00 -8.09
C ARG A 94 0.73 -1.37 -8.78
N LYS A 95 1.79 -1.73 -9.52
CA LYS A 95 1.97 -2.99 -10.24
C LYS A 95 3.45 -3.33 -10.20
N PRO A 96 3.80 -4.63 -10.29
CA PRO A 96 5.18 -5.08 -10.28
C PRO A 96 5.85 -4.80 -11.63
N PRO A 97 7.19 -4.89 -11.72
CA PRO A 97 7.91 -4.67 -12.97
C PRO A 97 7.61 -5.84 -13.91
N ALA A 98 7.89 -5.69 -15.22
CA ALA A 98 7.65 -6.75 -16.19
C ALA A 98 8.56 -7.94 -15.87
N PRO A 99 8.22 -9.18 -16.26
CA PRO A 99 9.04 -10.37 -15.99
C PRO A 99 10.30 -10.46 -16.87
N LYS A 100 10.56 -9.46 -17.72
CA LYS A 100 11.70 -9.35 -18.61
C LYS A 100 11.99 -7.87 -18.68
N SER A 101 12.70 -7.33 -17.68
CA SER A 101 13.03 -5.92 -17.62
C SER A 101 14.31 -5.73 -16.82
N THR A 102 14.78 -4.48 -16.74
CA THR A 102 15.97 -4.10 -16.02
C THR A 102 15.79 -2.66 -15.54
N TYR A 103 16.39 -2.32 -14.41
CA TYR A 103 16.37 -1.01 -13.78
C TYR A 103 17.38 -1.02 -12.63
N GLU A 104 17.90 0.16 -12.27
CA GLU A 104 18.85 0.38 -11.19
C GLU A 104 19.12 1.89 -11.12
N SER A 105 19.84 2.34 -10.09
CA SER A 105 20.22 3.73 -9.89
C SER A 105 21.41 3.74 -8.95
N ASN A 106 22.25 4.79 -9.04
CA ASN A 106 23.43 4.96 -8.20
C ASN A 106 23.40 6.36 -7.62
N THR A 107 22.62 6.54 -6.56
CA THR A 107 22.49 7.82 -5.88
C THR A 107 22.26 7.51 -4.40
N LYS A 108 22.81 8.34 -3.54
CA LYS A 108 22.71 8.24 -2.10
C LYS A 108 23.23 9.56 -1.54
N GLN A 109 22.79 9.92 -0.34
CA GLN A 109 23.19 11.12 0.38
C GLN A 109 23.15 10.78 1.88
N SER A 110 23.46 11.76 2.71
CA SER A 110 23.48 11.67 4.16
C SER A 110 23.70 13.09 4.67
N GLY A 111 22.71 13.71 5.31
CA GLY A 111 22.87 15.07 5.82
C GLY A 111 21.60 15.55 6.49
N PRO A 112 21.67 16.20 7.67
CA PRO A 112 20.50 16.70 8.38
C PRO A 112 19.89 17.95 7.72
N SER A 113 20.62 18.61 6.81
CA SER A 113 20.20 19.81 6.11
C SER A 113 18.93 19.54 5.29
N SER A 114 18.02 20.52 5.25
CA SER A 114 16.75 20.45 4.53
C SER A 114 16.93 20.08 3.05
N GLY A 115 18.00 20.55 2.41
CA GLY A 115 18.31 20.31 1.00
C GLY A 115 18.19 21.62 0.26
N GLY A 1 24.81 27.13 -11.29
CA GLY A 1 24.30 26.76 -12.62
C GLY A 1 23.03 25.92 -12.48
N SER A 2 22.54 25.38 -13.60
CA SER A 2 21.33 24.56 -13.66
C SER A 2 21.57 23.21 -12.95
N SER A 3 21.50 23.24 -11.63
CA SER A 3 21.70 22.15 -10.68
C SER A 3 20.74 22.31 -9.50
N GLY A 4 20.81 21.39 -8.54
CA GLY A 4 19.99 21.40 -7.33
C GLY A 4 19.11 20.16 -7.25
N SER A 5 19.71 18.97 -7.13
CA SER A 5 18.95 17.73 -7.01
C SER A 5 18.49 17.64 -5.55
N SER A 6 17.59 18.53 -5.15
CA SER A 6 17.05 18.62 -3.81
C SER A 6 15.60 19.06 -3.93
N GLY A 7 14.67 18.11 -3.95
CA GLY A 7 13.24 18.37 -4.06
C GLY A 7 12.58 18.31 -2.68
N GLN A 8 11.34 18.80 -2.62
CA GLN A 8 10.51 18.83 -1.41
C GLN A 8 9.05 19.01 -1.87
N LYS A 9 8.07 18.48 -1.14
CA LYS A 9 6.64 18.58 -1.48
C LYS A 9 5.79 18.10 -0.31
N LYS A 10 4.58 18.64 -0.18
CA LYS A 10 3.64 18.24 0.85
C LYS A 10 3.05 16.89 0.42
N ASP A 11 2.10 16.93 -0.52
CA ASP A 11 1.36 15.80 -1.09
C ASP A 11 2.25 14.72 -1.69
N THR A 12 1.70 13.52 -1.92
CA THR A 12 2.43 12.41 -2.52
C THR A 12 2.42 12.65 -4.05
N SER A 13 3.46 12.21 -4.77
CA SER A 13 3.53 12.40 -6.22
C SER A 13 4.21 11.22 -6.92
N ASN A 14 5.24 10.63 -6.30
CA ASN A 14 6.03 9.51 -6.82
C ASN A 14 6.41 8.53 -5.70
N HIS A 15 5.73 8.63 -4.54
CA HIS A 15 5.95 7.81 -3.36
C HIS A 15 5.50 6.37 -3.58
N PHE A 16 5.73 5.50 -2.60
CA PHE A 16 5.39 4.10 -2.66
C PHE A 16 4.40 3.82 -1.54
N HIS A 17 3.12 3.75 -1.90
CA HIS A 17 2.03 3.48 -0.96
C HIS A 17 1.96 1.97 -0.74
N VAL A 18 1.45 1.53 0.41
CA VAL A 18 1.29 0.16 0.84
C VAL A 18 -0.10 -0.04 1.42
N PHE A 19 -0.75 -1.13 1.02
CA PHE A 19 -2.06 -1.54 1.50
C PHE A 19 -1.84 -2.33 2.77
N VAL A 20 -2.73 -2.18 3.75
CA VAL A 20 -2.72 -2.88 5.01
C VAL A 20 -4.18 -3.23 5.30
N GLY A 21 -4.47 -4.46 5.73
CA GLY A 21 -5.83 -4.89 6.03
C GLY A 21 -5.85 -5.92 7.15
N ASP A 22 -7.07 -6.32 7.52
CA ASP A 22 -7.41 -7.30 8.56
C ASP A 22 -7.16 -6.79 10.00
N LEU A 23 -6.83 -5.50 10.13
CA LEU A 23 -6.53 -4.79 11.36
C LEU A 23 -7.62 -4.95 12.41
N SER A 24 -7.23 -4.92 13.69
CA SER A 24 -8.17 -5.02 14.81
C SER A 24 -9.06 -3.77 14.76
N PRO A 25 -10.32 -3.81 15.23
CA PRO A 25 -11.22 -2.66 15.16
C PRO A 25 -10.78 -1.45 15.99
N GLU A 26 -9.82 -1.64 16.90
CA GLU A 26 -9.26 -0.60 17.77
C GLU A 26 -7.99 0.02 17.21
N ILE A 27 -7.39 -0.55 16.15
CA ILE A 27 -6.15 -0.01 15.58
C ILE A 27 -6.38 1.41 15.07
N THR A 28 -5.38 2.26 15.24
CA THR A 28 -5.42 3.65 14.83
C THR A 28 -4.31 3.99 13.84
N THR A 29 -4.34 5.21 13.31
CA THR A 29 -3.35 5.70 12.37
C THR A 29 -1.96 5.74 13.01
N GLU A 30 -1.88 5.99 14.32
CA GLU A 30 -0.59 6.03 15.01
C GLU A 30 -0.03 4.63 15.18
N ASP A 31 -0.89 3.62 15.37
CA ASP A 31 -0.47 2.24 15.52
C ASP A 31 0.25 1.83 14.25
N ILE A 32 -0.34 2.22 13.11
CA ILE A 32 0.19 1.90 11.80
C ILE A 32 1.53 2.60 11.65
N LYS A 33 1.57 3.93 11.83
CA LYS A 33 2.81 4.68 11.68
C LYS A 33 3.93 4.05 12.49
N ALA A 34 3.67 3.69 13.74
CA ALA A 34 4.65 3.06 14.60
C ALA A 34 5.08 1.69 14.07
N ALA A 35 4.12 0.83 13.70
CA ALA A 35 4.42 -0.50 13.19
C ALA A 35 5.23 -0.49 11.91
N PHE A 36 4.95 0.46 11.02
CA PHE A 36 5.65 0.58 9.74
C PHE A 36 6.91 1.45 9.88
N ALA A 37 7.13 2.11 11.03
CA ALA A 37 8.31 2.95 11.26
C ALA A 37 9.64 2.20 11.15
N PRO A 38 9.85 1.00 11.76
CA PRO A 38 11.11 0.29 11.61
C PRO A 38 11.37 -0.19 10.18
N PHE A 39 10.43 0.01 9.25
CA PHE A 39 10.55 -0.36 7.85
C PHE A 39 10.95 0.86 7.02
N GLY A 40 10.81 2.08 7.55
CA GLY A 40 11.18 3.29 6.85
C GLY A 40 10.40 4.51 7.30
N ARG A 41 10.82 5.67 6.80
CA ARG A 41 10.21 6.95 7.07
C ARG A 41 8.97 7.03 6.22
N ILE A 42 7.84 7.25 6.86
CA ILE A 42 6.55 7.36 6.23
C ILE A 42 6.28 8.86 6.01
N SER A 43 5.33 9.20 5.15
CA SER A 43 4.91 10.56 4.87
C SER A 43 3.40 10.58 5.15
N ASP A 44 2.63 9.90 4.31
CA ASP A 44 1.17 9.77 4.43
C ASP A 44 0.81 8.39 4.99
N ALA A 45 -0.13 8.30 5.94
CA ALA A 45 -0.58 7.02 6.52
C ALA A 45 -1.88 7.25 7.27
N ARG A 46 -2.84 6.31 7.16
CA ARG A 46 -4.14 6.42 7.85
C ARG A 46 -4.89 5.10 7.93
N VAL A 47 -5.94 5.11 8.73
CA VAL A 47 -6.87 4.00 8.97
C VAL A 47 -8.17 4.41 8.29
N VAL A 48 -8.63 3.62 7.32
CA VAL A 48 -9.88 3.89 6.62
C VAL A 48 -11.01 3.71 7.63
N LYS A 49 -12.03 4.56 7.56
CA LYS A 49 -13.18 4.51 8.46
C LYS A 49 -14.46 4.62 7.67
N ASP A 50 -15.52 4.09 8.27
CA ASP A 50 -16.87 4.08 7.75
C ASP A 50 -17.23 5.54 7.51
N MET A 51 -17.51 5.91 6.27
CA MET A 51 -17.84 7.28 5.92
C MET A 51 -19.14 7.78 6.55
N ALA A 52 -20.01 6.90 7.04
CA ALA A 52 -21.28 7.27 7.63
C ALA A 52 -21.27 7.23 9.17
N THR A 53 -20.28 6.61 9.81
CA THR A 53 -20.25 6.52 11.27
C THR A 53 -18.91 6.86 11.89
N GLY A 54 -17.83 6.84 11.10
CA GLY A 54 -16.47 7.14 11.56
C GLY A 54 -15.79 5.97 12.27
N LYS A 55 -16.37 4.75 12.28
CA LYS A 55 -15.77 3.60 12.94
C LYS A 55 -14.73 2.98 12.02
N SER A 56 -13.76 2.26 12.60
CA SER A 56 -12.68 1.63 11.84
C SER A 56 -13.22 0.62 10.85
N LYS A 57 -12.82 0.77 9.58
CA LYS A 57 -13.26 -0.16 8.52
C LYS A 57 -12.54 -1.49 8.67
N GLY A 58 -11.23 -1.50 8.84
CA GLY A 58 -10.41 -2.70 8.98
C GLY A 58 -9.14 -2.57 8.14
N TYR A 59 -9.17 -1.76 7.07
CA TYR A 59 -8.04 -1.51 6.21
C TYR A 59 -7.42 -0.14 6.49
N GLY A 60 -6.16 0.03 6.09
CA GLY A 60 -5.38 1.24 6.24
C GLY A 60 -4.36 1.32 5.11
N PHE A 61 -3.62 2.42 5.07
CA PHE A 61 -2.58 2.67 4.07
C PHE A 61 -1.40 3.37 4.73
N VAL A 62 -0.24 3.23 4.09
CA VAL A 62 1.04 3.80 4.46
C VAL A 62 1.66 4.26 3.14
N SER A 63 2.55 5.25 3.15
CA SER A 63 3.23 5.79 2.00
C SER A 63 4.64 6.14 2.44
N PHE A 64 5.63 5.61 1.74
CA PHE A 64 7.05 5.80 2.01
C PHE A 64 7.72 6.58 0.89
N PHE A 65 8.84 7.22 1.24
CA PHE A 65 9.67 8.02 0.35
C PHE A 65 10.47 7.17 -0.65
N ASN A 66 10.73 5.89 -0.38
CA ASN A 66 11.51 5.02 -1.26
C ASN A 66 10.85 3.66 -1.36
N LYS A 67 11.08 2.95 -2.47
CA LYS A 67 10.50 1.64 -2.72
C LYS A 67 10.93 0.59 -1.69
N TRP A 68 12.23 0.49 -1.41
CA TRP A 68 12.80 -0.49 -0.47
C TRP A 68 12.16 -0.42 0.90
N ASP A 69 11.77 0.77 1.35
CA ASP A 69 11.15 0.96 2.65
C ASP A 69 9.79 0.27 2.64
N ALA A 70 9.01 0.51 1.58
CA ALA A 70 7.69 -0.05 1.37
C ALA A 70 7.75 -1.57 1.18
N GLU A 71 8.59 -2.04 0.25
CA GLU A 71 8.75 -3.47 -0.06
C GLU A 71 9.05 -4.28 1.19
N ASN A 72 9.97 -3.81 2.03
CA ASN A 72 10.36 -4.48 3.26
C ASN A 72 9.10 -4.74 4.09
N ALA A 73 8.25 -3.73 4.24
CA ALA A 73 7.02 -3.86 5.00
C ALA A 73 6.04 -4.82 4.31
N ILE A 74 5.78 -4.72 3.00
CA ILE A 74 4.86 -5.62 2.30
C ILE A 74 5.22 -7.08 2.59
N GLN A 75 6.52 -7.39 2.53
CA GLN A 75 7.08 -8.71 2.75
C GLN A 75 6.98 -9.16 4.20
N GLN A 76 7.73 -8.50 5.07
CA GLN A 76 7.85 -8.80 6.49
C GLN A 76 6.58 -8.57 7.31
N MET A 77 5.85 -7.47 7.11
CA MET A 77 4.62 -7.23 7.89
C MET A 77 3.44 -8.08 7.40
N GLY A 78 3.48 -8.58 6.16
CA GLY A 78 2.41 -9.41 5.63
C GLY A 78 2.28 -10.70 6.43
N GLY A 79 1.18 -10.86 7.17
CA GLY A 79 0.91 -12.01 8.00
C GLY A 79 1.32 -11.82 9.45
N GLN A 80 1.98 -10.71 9.80
CA GLN A 80 2.37 -10.46 11.18
C GLN A 80 1.14 -10.10 12.01
N TRP A 81 1.32 -10.02 13.32
CA TRP A 81 0.28 -9.64 14.26
C TRP A 81 0.59 -8.19 14.62
N LEU A 82 -0.47 -7.40 14.81
CA LEU A 82 -0.38 -5.99 15.15
C LEU A 82 -1.50 -5.64 16.11
N GLY A 83 -1.13 -5.12 17.27
CA GLY A 83 -2.04 -4.68 18.32
C GLY A 83 -2.97 -5.74 18.87
N GLY A 84 -2.87 -7.01 18.45
CA GLY A 84 -3.71 -8.08 18.95
C GLY A 84 -4.29 -8.99 17.88
N ARG A 85 -4.25 -8.64 16.58
CA ARG A 85 -4.79 -9.51 15.51
C ARG A 85 -3.83 -9.52 14.32
N GLN A 86 -3.95 -10.51 13.43
CA GLN A 86 -3.09 -10.60 12.25
C GLN A 86 -3.47 -9.52 11.24
N ILE A 87 -2.57 -9.26 10.28
CA ILE A 87 -2.75 -8.26 9.23
C ILE A 87 -2.28 -8.80 7.88
N ARG A 88 -2.68 -8.14 6.79
CA ARG A 88 -2.33 -8.47 5.41
C ARG A 88 -1.75 -7.22 4.75
N THR A 89 -0.87 -7.38 3.77
CA THR A 89 -0.24 -6.27 3.04
C THR A 89 -0.09 -6.65 1.56
N ASN A 90 0.01 -5.67 0.66
CA ASN A 90 0.18 -5.83 -0.78
C ASN A 90 0.40 -4.45 -1.43
N TRP A 91 0.70 -4.42 -2.73
CA TRP A 91 0.90 -3.18 -3.47
C TRP A 91 -0.43 -2.45 -3.54
N ALA A 92 -0.51 -1.26 -2.94
CA ALA A 92 -1.71 -0.43 -2.90
C ALA A 92 -2.20 -0.04 -4.31
N THR A 93 -1.32 -0.06 -5.30
CA THR A 93 -1.64 0.27 -6.68
C THR A 93 -1.08 -0.87 -7.53
N ARG A 94 -1.90 -1.39 -8.43
CA ARG A 94 -1.54 -2.50 -9.32
C ARG A 94 -1.71 -2.02 -10.76
N LYS A 95 -1.21 -0.83 -11.05
CA LYS A 95 -1.27 -0.22 -12.38
C LYS A 95 -0.54 -1.15 -13.35
N PRO A 96 -1.12 -1.51 -14.50
CA PRO A 96 -0.47 -2.40 -15.45
C PRO A 96 0.74 -1.74 -16.13
N PRO A 97 1.68 -2.54 -16.66
CA PRO A 97 2.85 -2.03 -17.37
C PRO A 97 2.44 -1.56 -18.77
N ALA A 98 3.40 -1.12 -19.58
CA ALA A 98 3.17 -0.66 -20.94
C ALA A 98 4.36 -1.05 -21.82
N PRO A 99 4.13 -1.34 -23.11
CA PRO A 99 5.18 -1.72 -24.05
C PRO A 99 5.96 -0.48 -24.50
N LYS A 100 6.63 0.19 -23.58
CA LYS A 100 7.44 1.37 -23.80
C LYS A 100 8.82 1.06 -23.24
N SER A 101 9.87 1.59 -23.86
CA SER A 101 11.22 1.34 -23.42
C SER A 101 12.00 2.66 -23.36
N THR A 102 12.12 3.36 -24.50
CA THR A 102 12.85 4.62 -24.60
C THR A 102 14.34 4.42 -24.25
N TYR A 103 14.86 3.22 -24.54
CA TYR A 103 16.23 2.86 -24.29
C TYR A 103 17.15 3.67 -25.21
N GLU A 104 18.43 3.69 -24.88
CA GLU A 104 19.49 4.37 -25.59
C GLU A 104 20.82 3.77 -25.10
N SER A 105 21.94 4.30 -25.61
CA SER A 105 23.29 3.87 -25.27
C SER A 105 24.14 5.13 -25.34
N ASN A 106 25.00 5.39 -24.35
CA ASN A 106 25.83 6.59 -24.34
C ASN A 106 27.23 6.24 -23.85
N THR A 107 28.21 6.27 -24.75
CA THR A 107 29.62 5.98 -24.50
C THR A 107 30.29 7.14 -23.73
N LYS A 108 29.64 7.61 -22.67
CA LYS A 108 30.07 8.71 -21.83
C LYS A 108 31.08 8.25 -20.79
N GLN A 109 32.37 8.53 -21.02
CA GLN A 109 33.42 8.19 -20.07
C GLN A 109 33.12 9.05 -18.82
N SER A 110 33.27 8.49 -17.61
CA SER A 110 33.02 9.20 -16.38
C SER A 110 34.06 10.28 -16.12
N GLY A 111 33.61 11.45 -15.72
CA GLY A 111 34.41 12.59 -15.36
C GLY A 111 34.37 12.72 -13.83
N PRO A 112 35.11 13.67 -13.25
CA PRO A 112 35.14 13.88 -11.81
C PRO A 112 33.74 14.24 -11.31
N SER A 113 33.15 13.35 -10.49
CA SER A 113 31.83 13.53 -9.93
C SER A 113 31.86 14.65 -8.88
N SER A 114 30.71 15.19 -8.52
CA SER A 114 30.59 16.24 -7.52
C SER A 114 30.69 15.62 -6.11
N GLY A 115 30.55 16.45 -5.08
CA GLY A 115 30.59 16.11 -3.68
C GLY A 115 30.05 17.32 -2.97
N GLY A 1 23.33 10.45 3.77
CA GLY A 1 21.87 10.30 3.74
C GLY A 1 21.46 9.82 2.38
N SER A 2 20.40 10.39 1.82
CA SER A 2 19.93 10.04 0.48
C SER A 2 20.43 11.10 -0.51
N SER A 3 20.25 10.87 -1.80
CA SER A 3 20.68 11.79 -2.85
C SER A 3 19.62 11.90 -3.93
N GLY A 4 19.71 12.94 -4.75
CA GLY A 4 18.80 13.30 -5.83
C GLY A 4 18.32 14.73 -5.58
N SER A 5 17.46 15.27 -6.44
CA SER A 5 16.95 16.63 -6.24
C SER A 5 15.86 16.60 -5.16
N SER A 6 15.62 17.72 -4.50
CA SER A 6 14.59 17.83 -3.48
C SER A 6 13.21 17.80 -4.16
N GLY A 7 12.14 17.66 -3.37
CA GLY A 7 10.78 17.63 -3.85
C GLY A 7 9.82 18.02 -2.74
N GLN A 8 8.53 18.08 -3.06
CA GLN A 8 7.51 18.42 -2.08
C GLN A 8 7.37 17.25 -1.11
N LYS A 9 6.71 17.53 0.02
CA LYS A 9 6.43 16.57 1.08
C LYS A 9 4.92 16.39 1.18
N LYS A 10 4.16 17.46 0.95
CA LYS A 10 2.72 17.47 1.00
C LYS A 10 2.12 16.57 -0.09
N ASP A 11 2.80 16.45 -1.23
CA ASP A 11 2.36 15.66 -2.37
C ASP A 11 2.91 14.23 -2.38
N THR A 12 2.11 13.32 -2.93
CA THR A 12 2.41 11.90 -3.05
C THR A 12 2.42 11.43 -4.52
N SER A 13 2.44 12.35 -5.48
CA SER A 13 2.43 12.13 -6.94
C SER A 13 3.50 11.19 -7.53
N ASN A 14 4.42 10.66 -6.71
CA ASN A 14 5.47 9.72 -7.10
C ASN A 14 5.84 8.80 -5.93
N HIS A 15 4.99 8.73 -4.90
CA HIS A 15 5.20 7.90 -3.74
C HIS A 15 4.81 6.45 -4.00
N PHE A 16 5.20 5.58 -3.08
CA PHE A 16 4.92 4.15 -3.13
C PHE A 16 4.02 3.88 -1.94
N HIS A 17 2.72 3.75 -2.23
CA HIS A 17 1.71 3.51 -1.23
C HIS A 17 1.53 2.01 -1.04
N VAL A 18 1.22 1.61 0.17
CA VAL A 18 1.02 0.23 0.59
C VAL A 18 -0.37 0.12 1.21
N PHE A 19 -1.03 -1.01 0.96
CA PHE A 19 -2.33 -1.41 1.46
C PHE A 19 -2.07 -2.30 2.67
N VAL A 20 -2.83 -2.06 3.74
CA VAL A 20 -2.76 -2.81 4.98
C VAL A 20 -4.20 -3.17 5.29
N GLY A 21 -4.46 -4.38 5.75
CA GLY A 21 -5.82 -4.79 6.07
C GLY A 21 -5.83 -5.75 7.24
N ASP A 22 -7.03 -6.20 7.57
CA ASP A 22 -7.35 -7.15 8.64
C ASP A 22 -6.97 -6.63 10.04
N LEU A 23 -6.67 -5.33 10.13
CA LEU A 23 -6.27 -4.60 11.34
C LEU A 23 -7.31 -4.76 12.45
N SER A 24 -6.84 -4.77 13.70
CA SER A 24 -7.72 -4.87 14.85
C SER A 24 -8.61 -3.61 14.85
N PRO A 25 -9.90 -3.70 15.24
CA PRO A 25 -10.83 -2.56 15.24
C PRO A 25 -10.41 -1.35 16.08
N GLU A 26 -9.48 -1.51 17.02
CA GLU A 26 -9.03 -0.41 17.86
C GLU A 26 -7.72 0.24 17.37
N ILE A 27 -7.06 -0.31 16.33
CA ILE A 27 -5.83 0.24 15.79
C ILE A 27 -6.10 1.66 15.29
N THR A 28 -5.12 2.54 15.50
CA THR A 28 -5.21 3.94 15.10
C THR A 28 -4.17 4.25 14.02
N THR A 29 -4.27 5.42 13.40
CA THR A 29 -3.33 5.82 12.36
C THR A 29 -1.91 5.90 12.94
N GLU A 30 -1.79 6.32 14.20
CA GLU A 30 -0.53 6.45 14.92
C GLU A 30 0.09 5.07 15.14
N ASP A 31 -0.75 4.05 15.36
CA ASP A 31 -0.33 2.67 15.55
C ASP A 31 0.28 2.15 14.28
N ILE A 32 -0.34 2.46 13.13
CA ILE A 32 0.19 1.98 11.87
C ILE A 32 1.55 2.64 11.66
N LYS A 33 1.64 3.95 11.94
CA LYS A 33 2.91 4.63 11.79
C LYS A 33 3.98 3.90 12.61
N ALA A 34 3.68 3.49 13.84
CA ALA A 34 4.61 2.77 14.69
C ALA A 34 4.98 1.41 14.10
N ALA A 35 4.00 0.60 13.67
CA ALA A 35 4.22 -0.72 13.12
C ALA A 35 5.19 -0.75 11.94
N PHE A 36 5.07 0.20 11.01
CA PHE A 36 5.93 0.24 9.85
C PHE A 36 7.14 1.16 10.05
N ALA A 37 7.19 1.95 11.14
CA ALA A 37 8.28 2.89 11.44
C ALA A 37 9.67 2.25 11.42
N PRO A 38 9.94 1.10 12.04
CA PRO A 38 11.27 0.53 11.99
C PRO A 38 11.67 0.11 10.56
N PHE A 39 10.76 0.15 9.59
CA PHE A 39 11.06 -0.24 8.22
C PHE A 39 11.36 0.97 7.32
N GLY A 40 11.05 2.21 7.73
CA GLY A 40 11.31 3.39 6.92
C GLY A 40 10.68 4.63 7.53
N ARG A 41 10.74 5.74 6.81
CA ARG A 41 10.16 7.02 7.15
C ARG A 41 8.88 7.12 6.32
N ILE A 42 7.78 7.45 6.98
CA ILE A 42 6.45 7.57 6.41
C ILE A 42 6.14 9.06 6.18
N SER A 43 5.14 9.32 5.32
CA SER A 43 4.65 10.65 4.98
C SER A 43 3.14 10.62 5.20
N ASP A 44 2.41 9.88 4.36
CA ASP A 44 0.96 9.72 4.44
C ASP A 44 0.69 8.36 5.09
N ALA A 45 -0.28 8.29 5.99
CA ALA A 45 -0.67 7.10 6.73
C ALA A 45 -2.07 7.34 7.29
N ARG A 46 -3.02 6.41 7.14
CA ARG A 46 -4.37 6.55 7.67
C ARG A 46 -5.07 5.21 7.78
N VAL A 47 -6.04 5.18 8.68
CA VAL A 47 -6.92 4.05 8.94
C VAL A 47 -8.17 4.47 8.19
N VAL A 48 -8.62 3.65 7.22
CA VAL A 48 -9.81 3.97 6.46
C VAL A 48 -10.98 3.97 7.46
N LYS A 49 -11.96 4.85 7.29
CA LYS A 49 -13.12 4.92 8.18
C LYS A 49 -14.35 5.18 7.33
N ASP A 50 -15.48 4.67 7.79
CA ASP A 50 -16.77 4.81 7.14
C ASP A 50 -17.10 6.30 7.07
N MET A 51 -17.32 6.82 5.87
CA MET A 51 -17.65 8.23 5.65
C MET A 51 -18.91 8.68 6.38
N ALA A 52 -19.82 7.77 6.73
CA ALA A 52 -21.07 8.12 7.40
C ALA A 52 -21.11 7.82 8.89
N THR A 53 -20.12 7.11 9.46
CA THR A 53 -20.14 6.79 10.89
C THR A 53 -18.81 7.09 11.58
N GLY A 54 -17.73 7.19 10.81
CA GLY A 54 -16.38 7.46 11.31
C GLY A 54 -15.74 6.23 11.97
N LYS A 55 -16.40 5.07 11.90
CA LYS A 55 -15.92 3.83 12.50
C LYS A 55 -14.81 3.28 11.62
N SER A 56 -13.84 2.58 12.21
CA SER A 56 -12.73 2.00 11.48
C SER A 56 -13.27 1.04 10.43
N LYS A 57 -12.80 1.21 9.19
CA LYS A 57 -13.20 0.33 8.08
C LYS A 57 -12.42 -0.99 8.18
N GLY A 58 -11.37 -1.04 9.02
CA GLY A 58 -10.56 -2.23 9.23
C GLY A 58 -9.29 -2.27 8.39
N TYR A 59 -9.28 -1.57 7.24
CA TYR A 59 -8.12 -1.49 6.38
C TYR A 59 -7.45 -0.11 6.57
N GLY A 60 -6.24 0.06 6.07
CA GLY A 60 -5.45 1.28 6.15
C GLY A 60 -4.44 1.34 5.02
N PHE A 61 -3.74 2.46 4.91
CA PHE A 61 -2.73 2.69 3.89
C PHE A 61 -1.54 3.41 4.51
N VAL A 62 -0.36 3.28 3.90
CA VAL A 62 0.91 3.87 4.34
C VAL A 62 1.68 4.27 3.06
N SER A 63 2.24 5.47 3.00
CA SER A 63 3.00 6.01 1.87
C SER A 63 4.44 6.24 2.32
N PHE A 64 5.41 5.74 1.54
CA PHE A 64 6.83 5.83 1.85
C PHE A 64 7.66 6.69 0.89
N PHE A 65 8.78 7.18 1.42
CA PHE A 65 9.72 7.99 0.65
C PHE A 65 10.48 7.16 -0.38
N ASN A 66 10.62 5.83 -0.23
CA ASN A 66 11.34 4.97 -1.15
C ASN A 66 10.57 3.69 -1.42
N LYS A 67 10.84 3.08 -2.57
CA LYS A 67 10.20 1.84 -2.99
C LYS A 67 10.60 0.69 -2.09
N TRP A 68 11.90 0.60 -1.81
CA TRP A 68 12.54 -0.42 -0.99
C TRP A 68 11.92 -0.46 0.41
N ASP A 69 11.61 0.72 0.98
CA ASP A 69 11.02 0.79 2.31
C ASP A 69 9.73 -0.02 2.31
N ALA A 70 8.85 0.28 1.34
CA ALA A 70 7.56 -0.37 1.17
C ALA A 70 7.73 -1.86 0.90
N GLU A 71 8.53 -2.23 -0.10
CA GLU A 71 8.79 -3.61 -0.50
C GLU A 71 9.18 -4.46 0.70
N ASN A 72 10.13 -3.98 1.50
CA ASN A 72 10.62 -4.66 2.69
C ASN A 72 9.45 -5.04 3.60
N ALA A 73 8.64 -4.06 4.01
CA ALA A 73 7.51 -4.33 4.89
C ALA A 73 6.45 -5.21 4.25
N ILE A 74 6.07 -5.05 2.98
CA ILE A 74 5.05 -5.90 2.35
C ILE A 74 5.37 -7.39 2.58
N GLN A 75 6.65 -7.72 2.59
CA GLN A 75 7.13 -9.06 2.81
C GLN A 75 7.11 -9.42 4.30
N GLN A 76 7.92 -8.71 5.10
CA GLN A 76 8.11 -8.95 6.51
C GLN A 76 6.87 -8.72 7.39
N MET A 77 6.20 -7.58 7.25
CA MET A 77 5.01 -7.28 8.05
C MET A 77 3.85 -8.19 7.68
N GLY A 78 3.75 -8.63 6.42
CA GLY A 78 2.69 -9.51 5.94
C GLY A 78 2.75 -10.86 6.64
N GLY A 79 2.01 -11.02 7.72
CA GLY A 79 1.94 -12.24 8.51
C GLY A 79 1.94 -11.95 10.02
N GLN A 80 2.34 -10.74 10.42
CA GLN A 80 2.37 -10.38 11.83
C GLN A 80 0.97 -10.15 12.35
N TRP A 81 0.90 -10.07 13.67
CA TRP A 81 -0.28 -9.83 14.49
C TRP A 81 -0.10 -8.40 14.99
N LEU A 82 -1.00 -7.50 14.59
CA LEU A 82 -0.98 -6.09 14.96
C LEU A 82 -2.23 -5.81 15.79
N GLY A 83 -2.04 -5.23 16.98
CA GLY A 83 -3.11 -4.90 17.90
C GLY A 83 -3.48 -6.15 18.65
N GLY A 84 -3.97 -7.15 17.91
CA GLY A 84 -4.38 -8.44 18.40
C GLY A 84 -4.84 -9.38 17.30
N ARG A 85 -4.72 -9.01 16.01
CA ARG A 85 -5.16 -9.85 14.88
C ARG A 85 -4.11 -9.84 13.78
N GLN A 86 -4.06 -10.88 12.94
CA GLN A 86 -3.08 -10.93 11.84
C GLN A 86 -3.45 -9.89 10.79
N ILE A 87 -2.43 -9.35 10.12
CA ILE A 87 -2.57 -8.34 9.08
C ILE A 87 -2.08 -8.87 7.74
N ARG A 88 -2.52 -8.19 6.69
CA ARG A 88 -2.19 -8.45 5.30
C ARG A 88 -1.50 -7.19 4.80
N THR A 89 -0.51 -7.33 3.93
CA THR A 89 0.22 -6.19 3.39
C THR A 89 0.45 -6.47 1.91
N ASN A 90 0.00 -5.57 1.04
CA ASN A 90 0.12 -5.71 -0.41
C ASN A 90 0.23 -4.33 -1.04
N TRP A 91 0.46 -4.26 -2.34
CA TRP A 91 0.54 -2.97 -3.02
C TRP A 91 -0.85 -2.33 -3.05
N ALA A 92 -0.89 -1.00 -3.15
CA ALA A 92 -2.11 -0.22 -3.20
C ALA A 92 -2.51 0.14 -4.64
N THR A 93 -1.79 -0.32 -5.66
CA THR A 93 -2.08 -0.04 -7.06
C THR A 93 -3.29 -0.83 -7.54
N ARG A 94 -4.08 -0.26 -8.45
CA ARG A 94 -5.25 -0.92 -9.01
C ARG A 94 -4.70 -1.84 -10.09
N LYS A 95 -4.99 -3.14 -10.06
CA LYS A 95 -4.48 -4.03 -11.10
C LYS A 95 -5.40 -5.24 -11.27
N PRO A 96 -5.77 -5.61 -12.51
CA PRO A 96 -6.62 -6.77 -12.74
C PRO A 96 -5.86 -8.05 -12.36
N PRO A 97 -6.58 -9.16 -12.11
CA PRO A 97 -5.97 -10.42 -11.75
C PRO A 97 -5.29 -11.05 -12.98
N ALA A 98 -4.31 -11.91 -12.73
CA ALA A 98 -3.60 -12.63 -13.78
C ALA A 98 -4.57 -13.67 -14.37
N PRO A 99 -4.37 -14.10 -15.62
CA PRO A 99 -5.25 -15.07 -16.26
C PRO A 99 -5.07 -16.48 -15.67
N LYS A 100 -5.97 -17.40 -16.05
CA LYS A 100 -5.97 -18.79 -15.62
C LYS A 100 -6.62 -19.66 -16.68
N SER A 101 -6.20 -20.92 -16.73
CA SER A 101 -6.73 -21.91 -17.66
C SER A 101 -7.00 -23.19 -16.87
N THR A 102 -7.69 -24.13 -17.50
CA THR A 102 -8.06 -25.40 -16.90
C THR A 102 -7.99 -26.50 -17.96
N TYR A 103 -8.00 -27.75 -17.52
CA TYR A 103 -7.95 -28.98 -18.31
C TYR A 103 -8.22 -30.11 -17.33
N GLU A 104 -8.80 -31.21 -17.80
CA GLU A 104 -9.11 -32.38 -16.99
C GLU A 104 -8.57 -33.61 -17.74
N SER A 105 -8.20 -34.68 -17.05
CA SER A 105 -7.68 -35.91 -17.63
C SER A 105 -7.70 -37.01 -16.58
N ASN A 106 -7.47 -38.26 -17.02
CA ASN A 106 -7.41 -39.46 -16.19
C ASN A 106 -6.50 -40.45 -16.90
N THR A 107 -6.10 -41.56 -16.26
CA THR A 107 -5.24 -42.58 -16.83
C THR A 107 -5.59 -43.94 -16.24
N LYS A 108 -4.88 -45.00 -16.66
CA LYS A 108 -5.07 -46.36 -16.19
C LYS A 108 -3.69 -46.99 -16.06
N GLN A 109 -3.16 -47.04 -14.84
CA GLN A 109 -1.85 -47.66 -14.61
C GLN A 109 -2.03 -49.18 -14.59
N SER A 110 -0.92 -49.92 -14.47
CA SER A 110 -0.88 -51.37 -14.39
C SER A 110 0.14 -51.68 -13.29
N GLY A 111 -0.17 -52.60 -12.39
CA GLY A 111 0.70 -53.01 -11.30
C GLY A 111 1.18 -54.43 -11.53
N PRO A 112 2.35 -54.65 -12.16
CA PRO A 112 2.86 -55.99 -12.39
C PRO A 112 3.40 -56.58 -11.09
N SER A 113 3.37 -57.91 -10.97
CA SER A 113 3.87 -58.60 -9.79
C SER A 113 5.41 -58.64 -9.83
N SER A 114 6.02 -58.99 -8.71
CA SER A 114 7.47 -59.12 -8.53
C SER A 114 7.79 -60.32 -7.62
N GLY A 115 6.78 -61.15 -7.35
CA GLY A 115 6.73 -62.35 -6.55
C GLY A 115 5.27 -62.77 -6.54
N GLY A 1 17.39 15.44 -13.23
CA GLY A 1 16.09 15.82 -12.65
C GLY A 1 16.05 15.60 -11.15
N SER A 2 17.10 16.00 -10.42
CA SER A 2 17.21 15.89 -8.98
C SER A 2 16.55 17.13 -8.39
N SER A 3 15.54 16.93 -7.54
CA SER A 3 14.79 17.97 -6.85
C SER A 3 14.32 17.41 -5.50
N GLY A 4 13.44 18.10 -4.78
CA GLY A 4 12.95 17.63 -3.48
C GLY A 4 14.03 17.63 -2.40
N SER A 5 15.16 18.31 -2.66
CA SER A 5 16.35 18.46 -1.84
C SER A 5 15.97 18.89 -0.43
N SER A 6 15.89 17.94 0.50
CA SER A 6 15.52 18.16 1.90
C SER A 6 14.13 18.82 2.03
N GLY A 7 13.33 18.84 0.94
CA GLY A 7 12.01 19.43 0.84
C GLY A 7 10.90 18.42 0.66
N GLN A 8 10.25 18.06 1.76
CA GLN A 8 9.11 17.14 1.81
C GLN A 8 7.91 17.90 1.24
N LYS A 9 6.81 17.20 0.91
CA LYS A 9 5.60 17.83 0.38
C LYS A 9 4.37 17.14 0.97
N LYS A 10 3.25 17.85 0.93
CA LYS A 10 1.95 17.36 1.40
C LYS A 10 1.31 16.47 0.33
N ASP A 11 1.81 16.52 -0.91
CA ASP A 11 1.28 15.78 -2.04
C ASP A 11 2.24 14.66 -2.42
N THR A 12 1.79 13.41 -2.22
CA THR A 12 2.51 12.18 -2.53
C THR A 12 2.70 12.17 -4.05
N SER A 13 3.88 12.56 -4.54
CA SER A 13 4.17 12.63 -5.97
C SER A 13 5.33 11.74 -6.43
N ASN A 14 6.03 11.10 -5.51
CA ASN A 14 7.17 10.21 -5.77
C ASN A 14 7.18 9.01 -4.81
N HIS A 15 6.30 9.03 -3.81
CA HIS A 15 6.15 8.02 -2.78
C HIS A 15 5.51 6.74 -3.34
N PHE A 16 5.57 5.67 -2.56
CA PHE A 16 5.02 4.36 -2.91
C PHE A 16 4.05 3.93 -1.83
N HIS A 17 2.77 3.84 -2.16
CA HIS A 17 1.73 3.46 -1.23
C HIS A 17 1.59 1.94 -1.13
N VAL A 18 1.16 1.49 0.04
CA VAL A 18 0.93 0.14 0.47
C VAL A 18 -0.47 0.06 1.07
N PHE A 19 -1.15 -1.05 0.80
CA PHE A 19 -2.45 -1.42 1.27
C PHE A 19 -2.22 -2.31 2.49
N VAL A 20 -2.95 -2.04 3.58
CA VAL A 20 -2.88 -2.80 4.81
C VAL A 20 -4.33 -3.19 5.13
N GLY A 21 -4.57 -4.41 5.59
CA GLY A 21 -5.90 -4.89 5.91
C GLY A 21 -5.89 -5.78 7.15
N ASP A 22 -7.09 -6.24 7.49
CA ASP A 22 -7.48 -7.11 8.62
C ASP A 22 -7.18 -6.53 10.00
N LEU A 23 -6.81 -5.24 10.06
CA LEU A 23 -6.48 -4.47 11.25
C LEU A 23 -7.58 -4.60 12.30
N SER A 24 -7.22 -4.76 13.58
CA SER A 24 -8.18 -4.86 14.66
C SER A 24 -9.01 -3.56 14.67
N PRO A 25 -10.28 -3.56 15.13
CA PRO A 25 -11.11 -2.35 15.12
C PRO A 25 -10.57 -1.22 16.02
N GLU A 26 -9.70 -1.53 16.97
CA GLU A 26 -9.10 -0.57 17.88
C GLU A 26 -7.89 0.16 17.30
N ILE A 27 -7.23 -0.44 16.29
CA ILE A 27 -6.02 0.12 15.67
C ILE A 27 -6.29 1.51 15.12
N THR A 28 -5.40 2.42 15.47
CA THR A 28 -5.46 3.81 15.08
C THR A 28 -4.35 4.05 14.04
N THR A 29 -4.37 5.19 13.35
CA THR A 29 -3.37 5.51 12.33
C THR A 29 -1.96 5.59 12.91
N GLU A 30 -1.85 5.80 14.22
CA GLU A 30 -0.62 5.91 14.98
C GLU A 30 -0.01 4.53 15.18
N ASP A 31 -0.86 3.50 15.38
CA ASP A 31 -0.42 2.11 15.56
C ASP A 31 0.33 1.71 14.31
N ILE A 32 -0.31 1.96 13.17
CA ILE A 32 0.22 1.66 11.87
C ILE A 32 1.54 2.39 11.68
N LYS A 33 1.58 3.72 11.90
CA LYS A 33 2.83 4.44 11.75
C LYS A 33 3.92 3.79 12.60
N ALA A 34 3.66 3.49 13.87
CA ALA A 34 4.62 2.86 14.77
C ALA A 34 5.08 1.49 14.25
N ALA A 35 4.14 0.66 13.80
CA ALA A 35 4.39 -0.68 13.28
C ALA A 35 5.30 -0.67 12.06
N PHE A 36 5.01 0.17 11.08
CA PHE A 36 5.79 0.26 9.86
C PHE A 36 7.00 1.20 10.03
N ALA A 37 7.15 1.94 11.14
CA ALA A 37 8.28 2.83 11.39
C ALA A 37 9.64 2.12 11.30
N PRO A 38 9.89 0.97 11.94
CA PRO A 38 11.18 0.29 11.83
C PRO A 38 11.44 -0.26 10.42
N PHE A 39 10.46 -0.18 9.51
CA PHE A 39 10.59 -0.64 8.15
C PHE A 39 10.86 0.53 7.20
N GLY A 40 10.59 1.77 7.62
CA GLY A 40 10.84 2.89 6.77
C GLY A 40 10.26 4.20 7.27
N ARG A 41 10.60 5.23 6.51
CA ARG A 41 10.19 6.59 6.73
C ARG A 41 8.84 6.73 6.05
N ILE A 42 7.82 7.03 6.83
CA ILE A 42 6.45 7.21 6.40
C ILE A 42 6.18 8.71 6.29
N SER A 43 5.17 9.09 5.50
CA SER A 43 4.74 10.47 5.30
C SER A 43 3.21 10.44 5.39
N ASP A 44 2.56 9.72 4.48
CA ASP A 44 1.11 9.56 4.43
C ASP A 44 0.73 8.20 5.00
N ALA A 45 -0.16 8.13 5.97
CA ALA A 45 -0.61 6.88 6.60
C ALA A 45 -1.98 7.17 7.18
N ARG A 46 -2.94 6.27 7.01
CA ARG A 46 -4.29 6.46 7.56
C ARG A 46 -5.07 5.17 7.62
N VAL A 47 -6.07 5.14 8.50
CA VAL A 47 -6.99 4.04 8.70
C VAL A 47 -8.29 4.51 8.05
N VAL A 48 -8.79 3.74 7.09
CA VAL A 48 -10.02 4.04 6.39
C VAL A 48 -11.17 3.92 7.38
N LYS A 49 -12.15 4.80 7.30
CA LYS A 49 -13.33 4.78 8.16
C LYS A 49 -14.58 4.89 7.31
N ASP A 50 -15.67 4.39 7.87
CA ASP A 50 -16.97 4.39 7.26
C ASP A 50 -17.45 5.83 7.18
N MET A 51 -17.80 6.32 5.99
CA MET A 51 -18.26 7.70 5.83
C MET A 51 -19.59 7.99 6.55
N ALA A 52 -20.40 6.98 6.89
CA ALA A 52 -21.68 7.21 7.56
C ALA A 52 -21.58 7.20 9.09
N THR A 53 -20.84 6.26 9.68
CA THR A 53 -20.70 6.10 11.14
C THR A 53 -19.36 6.60 11.69
N GLY A 54 -18.37 6.74 10.82
CA GLY A 54 -17.02 7.18 11.16
C GLY A 54 -16.23 6.12 11.92
N LYS A 55 -16.68 4.86 11.90
CA LYS A 55 -16.06 3.73 12.57
C LYS A 55 -14.96 3.17 11.68
N SER A 56 -13.99 2.47 12.27
CA SER A 56 -12.86 1.90 11.56
C SER A 56 -13.33 0.86 10.54
N LYS A 57 -12.94 1.01 9.26
CA LYS A 57 -13.35 0.04 8.23
C LYS A 57 -12.65 -1.31 8.34
N GLY A 58 -11.41 -1.36 8.82
CA GLY A 58 -10.62 -2.57 8.97
C GLY A 58 -9.35 -2.49 8.12
N TYR A 59 -9.38 -1.77 7.00
CA TYR A 59 -8.24 -1.54 6.13
C TYR A 59 -7.64 -0.14 6.32
N GLY A 60 -6.43 0.06 5.81
CA GLY A 60 -5.69 1.29 5.86
C GLY A 60 -4.66 1.33 4.74
N PHE A 61 -3.94 2.44 4.67
CA PHE A 61 -2.88 2.67 3.69
C PHE A 61 -1.68 3.29 4.42
N VAL A 62 -0.49 3.07 3.88
CA VAL A 62 0.80 3.58 4.37
C VAL A 62 1.54 3.96 3.09
N SER A 63 2.32 5.03 3.12
CA SER A 63 3.09 5.55 2.02
C SER A 63 4.49 5.80 2.54
N PHE A 64 5.49 5.38 1.75
CA PHE A 64 6.90 5.54 2.09
C PHE A 64 7.58 6.38 1.02
N PHE A 65 8.60 7.14 1.42
CA PHE A 65 9.34 7.98 0.50
C PHE A 65 10.16 7.09 -0.41
N ASN A 66 10.88 6.12 0.15
CA ASN A 66 11.72 5.20 -0.60
C ASN A 66 10.93 3.95 -0.94
N LYS A 67 11.16 3.40 -2.12
CA LYS A 67 10.45 2.21 -2.58
C LYS A 67 10.79 0.99 -1.71
N TRP A 68 12.08 0.81 -1.43
CA TRP A 68 12.64 -0.28 -0.64
C TRP A 68 11.98 -0.39 0.73
N ASP A 69 11.64 0.74 1.35
CA ASP A 69 10.99 0.77 2.66
C ASP A 69 9.65 0.05 2.56
N ALA A 70 8.88 0.38 1.51
CA ALA A 70 7.58 -0.22 1.25
C ALA A 70 7.74 -1.71 0.99
N GLU A 71 8.62 -2.08 0.06
CA GLU A 71 8.91 -3.46 -0.32
C GLU A 71 9.15 -4.33 0.91
N ASN A 72 10.10 -3.90 1.73
CA ASN A 72 10.53 -4.55 2.96
C ASN A 72 9.34 -4.89 3.86
N ALA A 73 8.55 -3.87 4.21
CA ALA A 73 7.40 -4.08 5.07
C ALA A 73 6.33 -4.95 4.40
N ILE A 74 6.02 -4.83 3.10
CA ILE A 74 5.01 -5.67 2.46
C ILE A 74 5.32 -7.14 2.72
N GLN A 75 6.59 -7.50 2.54
CA GLN A 75 7.09 -8.84 2.71
C GLN A 75 7.04 -9.27 4.18
N GLN A 76 7.82 -8.58 5.02
CA GLN A 76 7.97 -8.84 6.44
C GLN A 76 6.70 -8.67 7.26
N MET A 77 6.03 -7.51 7.24
CA MET A 77 4.81 -7.27 8.03
C MET A 77 3.63 -8.14 7.57
N GLY A 78 3.63 -8.64 6.34
CA GLY A 78 2.54 -9.47 5.82
C GLY A 78 2.36 -10.75 6.62
N GLY A 79 1.26 -10.84 7.36
CA GLY A 79 0.91 -11.99 8.20
C GLY A 79 1.36 -11.81 9.64
N GLN A 80 2.10 -10.74 9.96
CA GLN A 80 2.54 -10.48 11.32
C GLN A 80 1.34 -9.94 12.10
N TRP A 81 1.51 -9.82 13.41
CA TRP A 81 0.46 -9.31 14.28
C TRP A 81 0.77 -7.87 14.62
N LEU A 82 -0.27 -7.03 14.70
CA LEU A 82 -0.23 -5.61 15.03
C LEU A 82 -1.29 -5.40 16.08
N GLY A 83 -0.89 -4.84 17.23
CA GLY A 83 -1.78 -4.57 18.35
C GLY A 83 -2.11 -5.91 18.99
N GLY A 84 -3.02 -6.67 18.38
CA GLY A 84 -3.44 -7.98 18.85
C GLY A 84 -3.97 -8.90 17.75
N ARG A 85 -4.06 -8.49 16.48
CA ARG A 85 -4.55 -9.33 15.37
C ARG A 85 -3.55 -9.28 14.21
N GLN A 86 -3.65 -10.23 13.28
CA GLN A 86 -2.79 -10.28 12.11
C GLN A 86 -3.25 -9.25 11.09
N ILE A 87 -2.38 -8.97 10.12
CA ILE A 87 -2.63 -8.02 9.06
C ILE A 87 -2.18 -8.56 7.70
N ARG A 88 -2.73 -8.00 6.63
CA ARG A 88 -2.43 -8.33 5.24
C ARG A 88 -1.77 -7.09 4.66
N THR A 89 -0.72 -7.24 3.85
CA THR A 89 0.01 -6.12 3.26
C THR A 89 0.30 -6.42 1.79
N ASN A 90 0.03 -5.48 0.89
CA ASN A 90 0.30 -5.64 -0.54
C ASN A 90 0.42 -4.24 -1.16
N TRP A 91 0.91 -4.16 -2.40
CA TRP A 91 1.05 -2.89 -3.09
C TRP A 91 -0.33 -2.26 -3.23
N ALA A 92 -0.47 -0.97 -2.91
CA ALA A 92 -1.77 -0.32 -3.02
C ALA A 92 -2.24 -0.24 -4.49
N THR A 93 -1.33 -0.17 -5.45
CA THR A 93 -1.67 -0.08 -6.86
C THR A 93 -0.95 -1.19 -7.63
N ARG A 94 -1.73 -2.05 -8.28
CA ARG A 94 -1.27 -3.17 -9.11
C ARG A 94 -2.21 -3.26 -10.31
N LYS A 95 -1.83 -3.90 -11.40
CA LYS A 95 -2.69 -4.04 -12.58
C LYS A 95 -2.23 -5.29 -13.34
N PRO A 96 -3.16 -6.13 -13.83
CA PRO A 96 -2.77 -7.32 -14.57
C PRO A 96 -2.11 -6.89 -15.89
N PRO A 97 -1.17 -7.69 -16.44
CA PRO A 97 -0.51 -7.36 -17.71
C PRO A 97 -1.52 -7.51 -18.85
N ALA A 98 -1.19 -6.98 -20.03
CA ALA A 98 -2.06 -7.02 -21.20
C ALA A 98 -1.33 -7.56 -22.43
N PRO A 99 -2.07 -8.07 -23.44
CA PRO A 99 -1.49 -8.58 -24.68
C PRO A 99 -0.96 -7.46 -25.59
N LYS A 100 -1.21 -6.20 -25.22
CA LYS A 100 -0.82 -5.00 -25.94
C LYS A 100 0.29 -4.32 -25.16
N SER A 101 1.29 -3.83 -25.87
CA SER A 101 2.44 -3.12 -25.31
C SER A 101 2.73 -1.90 -26.18
N THR A 102 3.81 -1.18 -25.87
CA THR A 102 4.24 0.01 -26.58
C THR A 102 5.20 -0.35 -27.71
N TYR A 103 5.04 0.29 -28.87
CA TYR A 103 5.83 0.09 -30.08
C TYR A 103 6.52 1.38 -30.54
N GLU A 104 6.16 2.53 -29.98
CA GLU A 104 6.73 3.85 -30.31
C GLU A 104 8.23 3.89 -30.03
N SER A 105 8.94 4.79 -30.70
CA SER A 105 10.38 4.99 -30.57
C SER A 105 10.63 6.47 -30.27
N ASN A 106 11.78 6.80 -29.69
CA ASN A 106 12.17 8.16 -29.35
C ASN A 106 13.70 8.20 -29.22
N THR A 107 14.28 9.38 -29.05
CA THR A 107 15.72 9.57 -28.89
C THR A 107 16.09 9.42 -27.41
N LYS A 108 17.37 9.59 -27.09
CA LYS A 108 17.92 9.53 -25.74
C LYS A 108 19.29 10.21 -25.75
N GLN A 109 19.75 10.62 -24.57
CA GLN A 109 21.02 11.28 -24.30
C GLN A 109 21.70 10.57 -23.10
N SER A 110 21.16 9.42 -22.69
CA SER A 110 21.59 8.56 -21.61
C SER A 110 21.38 7.09 -22.04
N GLY A 111 21.72 6.14 -21.18
CA GLY A 111 21.57 4.71 -21.44
C GLY A 111 22.90 3.98 -21.26
N PRO A 112 23.33 3.70 -20.01
CA PRO A 112 24.57 3.00 -19.74
C PRO A 112 24.36 1.51 -20.04
N SER A 113 25.30 0.88 -20.75
CA SER A 113 25.24 -0.53 -21.11
C SER A 113 26.62 -1.17 -20.94
N SER A 114 26.65 -2.51 -20.94
CA SER A 114 27.86 -3.31 -20.80
C SER A 114 27.76 -4.60 -21.64
N GLY A 115 26.54 -5.02 -21.98
CA GLY A 115 26.21 -6.21 -22.76
C GLY A 115 24.71 -6.38 -22.69
#